data_1M94
#
_entry.id   1M94
#
_entity_poly.entity_id   1
_entity_poly.type   'polypeptide(L)'
_entity_poly.pdbx_seq_one_letter_code
;MGSSHHHHHHSSGLVPRGSHMIEVVVNDRLGKKVRVKCLAEDSVGDFKKVLSLQIGTQPNKIVLQKGGSVLKDHISLEDY
EVHDQTNLELYYL
;
_entity_poly.pdbx_strand_id   A
#
# COMPACT_ATOMS: atom_id res chain seq x y z
N MET A 21 -5.34 -7.07 12.79
CA MET A 21 -5.22 -5.75 12.11
C MET A 21 -3.81 -5.19 12.30
N ILE A 22 -3.24 -4.63 11.26
CA ILE A 22 -1.85 -4.05 11.35
C ILE A 22 -1.86 -2.60 10.88
N GLU A 23 -0.85 -1.85 11.23
CA GLU A 23 -0.77 -0.42 10.81
C GLU A 23 0.50 -0.22 9.97
N VAL A 24 0.33 0.09 8.71
CA VAL A 24 1.52 0.30 7.83
C VAL A 24 1.59 1.76 7.37
N VAL A 25 2.78 2.25 7.11
CA VAL A 25 2.92 3.67 6.66
C VAL A 25 3.30 3.70 5.18
N VAL A 26 2.75 4.63 4.43
CA VAL A 26 3.07 4.72 2.97
C VAL A 26 3.66 6.11 2.67
N ASN A 27 4.81 6.15 2.06
CA ASN A 27 5.46 7.46 1.74
C ASN A 27 5.65 7.58 0.22
N ASP A 28 5.01 8.56 -0.39
CA ASP A 28 5.14 8.75 -1.86
C ASP A 28 6.45 9.48 -2.18
N ARG A 29 7.10 9.09 -3.26
CA ARG A 29 8.39 9.74 -3.64
C ARG A 29 8.14 11.21 -4.00
N LEU A 30 7.00 11.51 -4.58
CA LEU A 30 6.67 12.93 -4.94
C LEU A 30 6.57 13.77 -3.67
N GLY A 31 5.88 13.28 -2.67
CA GLY A 31 5.74 14.04 -1.39
C GLY A 31 4.37 13.78 -0.76
N LYS A 32 4.10 12.57 -0.36
CA LYS A 32 2.78 12.25 0.27
C LYS A 32 2.96 11.13 1.31
N LYS A 33 3.00 11.50 2.57
CA LYS A 33 3.17 10.48 3.65
C LYS A 33 1.81 10.20 4.30
N VAL A 34 1.17 9.11 3.92
CA VAL A 34 -0.16 8.76 4.49
C VAL A 34 -0.09 7.39 5.17
N ARG A 35 -0.74 7.25 6.31
CA ARG A 35 -0.73 5.94 7.03
C ARG A 35 -2.05 5.21 6.79
N VAL A 36 -2.03 3.89 6.76
CA VAL A 36 -3.28 3.11 6.52
C VAL A 36 -3.18 1.73 7.19
N LYS A 37 -4.25 1.26 7.75
CA LYS A 37 -4.22 -0.09 8.43
C LYS A 37 -4.83 -1.15 7.52
N CYS A 38 -4.40 -2.39 7.69
CA CYS A 38 -4.92 -3.51 6.85
C CYS A 38 -4.59 -4.85 7.53
N LEU A 39 -4.47 -5.92 6.77
CA LEU A 39 -4.14 -7.25 7.38
C LEU A 39 -3.06 -7.94 6.52
N ALA A 40 -2.24 -8.76 7.13
CA ALA A 40 -1.17 -9.48 6.36
C ALA A 40 -1.82 -10.36 5.29
N GLU A 41 -3.00 -10.89 5.57
CA GLU A 41 -3.72 -11.75 4.58
C GLU A 41 -4.45 -10.86 3.55
N ASP A 42 -4.66 -9.60 3.87
CA ASP A 42 -5.35 -8.67 2.92
C ASP A 42 -4.54 -8.58 1.62
N SER A 43 -5.21 -8.43 0.50
CA SER A 43 -4.48 -8.34 -0.80
C SER A 43 -4.11 -6.88 -1.12
N VAL A 44 -3.16 -6.69 -2.00
CA VAL A 44 -2.74 -5.30 -2.37
C VAL A 44 -3.92 -4.56 -3.01
N GLY A 45 -4.77 -5.26 -3.73
CA GLY A 45 -5.95 -4.61 -4.37
C GLY A 45 -6.82 -3.97 -3.29
N ASP A 46 -7.17 -4.72 -2.27
CA ASP A 46 -8.00 -4.18 -1.15
C ASP A 46 -7.19 -3.10 -0.41
N PHE A 47 -5.90 -3.29 -0.31
CA PHE A 47 -5.02 -2.29 0.39
C PHE A 47 -5.09 -0.95 -0.36
N LYS A 48 -5.00 -0.98 -1.67
CA LYS A 48 -5.06 0.28 -2.47
C LYS A 48 -6.45 0.91 -2.36
N LYS A 49 -7.48 0.10 -2.19
CA LYS A 49 -8.87 0.65 -2.06
C LYS A 49 -9.00 1.42 -0.74
N VAL A 50 -8.46 0.89 0.34
CA VAL A 50 -8.55 1.58 1.66
C VAL A 50 -7.65 2.83 1.63
N LEU A 51 -6.47 2.72 1.07
CA LEU A 51 -5.54 3.88 1.00
C LEU A 51 -6.13 4.95 0.06
N SER A 52 -6.71 4.53 -1.04
CA SER A 52 -7.31 5.49 -2.02
C SER A 52 -8.32 6.43 -1.33
N LEU A 53 -8.95 5.97 -0.27
CA LEU A 53 -9.94 6.84 0.44
C LEU A 53 -9.22 8.03 1.10
N GLN A 54 -8.03 7.82 1.61
CA GLN A 54 -7.27 8.92 2.28
C GLN A 54 -6.55 9.80 1.25
N ILE A 55 -5.80 9.20 0.35
CA ILE A 55 -5.06 10.01 -0.69
C ILE A 55 -6.01 10.49 -1.79
N GLY A 56 -7.08 9.78 -2.04
CA GLY A 56 -8.03 10.18 -3.13
C GLY A 56 -7.29 10.02 -4.47
N THR A 57 -6.70 8.88 -4.68
CA THR A 57 -5.93 8.63 -5.94
C THR A 57 -6.56 7.46 -6.73
N GLN A 58 -7.67 6.91 -6.25
CA GLN A 58 -8.34 5.78 -6.97
C GLN A 58 -7.43 4.53 -6.92
N PRO A 59 -8.04 3.37 -6.98
CA PRO A 59 -7.31 2.08 -6.94
C PRO A 59 -6.61 1.81 -8.28
N ASN A 60 -6.90 2.60 -9.30
CA ASN A 60 -6.25 2.38 -10.63
C ASN A 60 -5.06 3.35 -10.80
N LYS A 61 -4.91 4.33 -9.94
CA LYS A 61 -3.77 5.29 -10.06
C LYS A 61 -2.83 5.19 -8.85
N ILE A 62 -2.91 4.12 -8.09
CA ILE A 62 -2.01 3.97 -6.90
C ILE A 62 -1.00 2.85 -7.17
N VAL A 63 0.27 3.11 -6.87
CA VAL A 63 1.33 2.08 -7.08
C VAL A 63 2.12 1.93 -5.77
N LEU A 64 2.08 0.76 -5.18
CA LEU A 64 2.82 0.54 -3.89
C LEU A 64 4.17 -0.13 -4.16
N GLN A 65 5.16 0.18 -3.37
CA GLN A 65 6.52 -0.44 -3.56
C GLN A 65 6.99 -1.05 -2.25
N LYS A 66 7.63 -2.20 -2.32
CA LYS A 66 8.13 -2.87 -1.09
C LYS A 66 9.61 -3.23 -1.27
N GLY A 67 10.50 -2.36 -0.85
CA GLY A 67 11.97 -2.64 -0.98
C GLY A 67 12.34 -2.73 -2.46
N GLY A 68 11.97 -1.74 -3.24
CA GLY A 68 12.31 -1.74 -4.70
C GLY A 68 11.54 -2.87 -5.41
N SER A 69 10.25 -2.97 -5.14
CA SER A 69 9.42 -4.03 -5.79
C SER A 69 7.99 -3.51 -5.95
N VAL A 70 7.42 -3.66 -7.13
CA VAL A 70 6.03 -3.17 -7.37
C VAL A 70 5.01 -4.16 -6.80
N LEU A 71 4.07 -3.66 -6.01
CA LEU A 71 3.02 -4.55 -5.42
C LEU A 71 1.80 -4.53 -6.35
N LYS A 72 1.19 -5.68 -6.57
CA LYS A 72 0.02 -5.74 -7.49
C LYS A 72 -1.20 -6.30 -6.74
N ASP A 73 -2.38 -5.88 -7.14
CA ASP A 73 -3.64 -6.36 -6.48
C ASP A 73 -3.76 -7.89 -6.62
N HIS A 74 -3.26 -8.44 -7.70
CA HIS A 74 -3.35 -9.92 -7.91
C HIS A 74 -2.54 -10.68 -6.84
N ILE A 75 -1.59 -10.02 -6.21
CA ILE A 75 -0.78 -10.71 -5.15
C ILE A 75 -1.22 -10.23 -3.76
N SER A 76 -1.25 -11.13 -2.80
CA SER A 76 -1.67 -10.73 -1.42
C SER A 76 -0.51 -10.05 -0.67
N LEU A 77 -0.83 -9.26 0.32
CA LEU A 77 0.23 -8.56 1.12
C LEU A 77 1.15 -9.59 1.78
N GLU A 78 0.62 -10.71 2.20
CA GLU A 78 1.46 -11.77 2.85
C GLU A 78 2.59 -12.20 1.92
N ASP A 79 2.33 -12.25 0.62
CA ASP A 79 3.39 -12.66 -0.36
C ASP A 79 4.52 -11.63 -0.32
N TYR A 80 4.20 -10.36 -0.33
CA TYR A 80 5.24 -9.30 -0.28
C TYR A 80 5.82 -9.20 1.15
N GLU A 81 5.14 -9.77 2.13
CA GLU A 81 5.62 -9.73 3.54
C GLU A 81 5.30 -8.37 4.17
N VAL A 82 4.04 -8.07 4.35
CA VAL A 82 3.63 -6.77 4.95
C VAL A 82 3.08 -7.05 6.36
N HIS A 83 3.74 -6.54 7.38
CA HIS A 83 3.28 -6.77 8.78
C HIS A 83 3.00 -5.42 9.47
N ASP A 84 2.70 -5.46 10.76
CA ASP A 84 2.40 -4.20 11.50
C ASP A 84 3.67 -3.34 11.62
N GLN A 85 3.49 -2.03 11.61
CA GLN A 85 4.66 -1.09 11.72
C GLN A 85 5.67 -1.34 10.58
N THR A 86 5.18 -1.62 9.40
CA THR A 86 6.11 -1.85 8.24
C THR A 86 6.17 -0.59 7.36
N ASN A 87 7.22 -0.43 6.59
CA ASN A 87 7.35 0.78 5.73
C ASN A 87 6.97 0.44 4.28
N LEU A 88 6.13 1.24 3.67
CA LEU A 88 5.70 0.99 2.26
C LEU A 88 5.90 2.27 1.44
N GLU A 89 6.16 2.13 0.16
CA GLU A 89 6.36 3.33 -0.72
C GLU A 89 5.10 3.58 -1.54
N LEU A 90 4.86 4.81 -1.93
CA LEU A 90 3.65 5.14 -2.73
C LEU A 90 4.06 5.79 -4.06
N TYR A 91 3.29 5.57 -5.08
CA TYR A 91 3.58 6.16 -6.43
C TYR A 91 2.26 6.45 -7.16
N TYR A 92 2.23 7.47 -7.98
CA TYR A 92 0.96 7.79 -8.71
C TYR A 92 1.11 7.42 -10.19
N LEU A 93 0.41 6.38 -10.60
CA LEU A 93 0.48 5.94 -12.03
C LEU A 93 -0.76 5.11 -12.37
N MET A 21 -5.12 -7.19 11.89
CA MET A 21 -4.97 -5.88 11.21
C MET A 21 -3.66 -5.21 11.66
N ILE A 22 -2.92 -4.67 10.73
CA ILE A 22 -1.62 -4.00 11.07
C ILE A 22 -1.66 -2.54 10.61
N GLU A 23 -0.79 -1.72 11.14
CA GLU A 23 -0.74 -0.28 10.75
C GLU A 23 0.55 0.00 9.97
N VAL A 24 0.44 0.20 8.68
CA VAL A 24 1.66 0.48 7.86
C VAL A 24 1.61 1.92 7.33
N VAL A 25 2.76 2.46 6.97
CA VAL A 25 2.80 3.86 6.44
C VAL A 25 3.41 3.87 5.04
N VAL A 26 2.91 4.72 4.17
CA VAL A 26 3.46 4.79 2.78
C VAL A 26 4.06 6.18 2.53
N ASN A 27 5.27 6.23 2.04
CA ASN A 27 5.92 7.55 1.76
C ASN A 27 6.07 7.75 0.25
N ASP A 28 5.41 8.75 -0.28
CA ASP A 28 5.48 9.00 -1.76
C ASP A 28 6.82 9.68 -2.10
N ARG A 29 7.41 9.33 -3.21
CA ARG A 29 8.71 9.94 -3.62
C ARG A 29 8.53 11.45 -3.84
N LEU A 30 7.40 11.86 -4.37
CA LEU A 30 7.15 13.32 -4.59
C LEU A 30 7.12 14.05 -3.24
N GLY A 31 6.37 13.53 -2.29
CA GLY A 31 6.28 14.18 -0.95
C GLY A 31 4.87 13.99 -0.38
N LYS A 32 4.51 12.77 -0.07
CA LYS A 32 3.15 12.50 0.51
C LYS A 32 3.23 11.33 1.50
N LYS A 33 3.18 11.62 2.77
CA LYS A 33 3.24 10.54 3.80
C LYS A 33 1.83 10.23 4.31
N VAL A 34 1.35 9.04 4.04
CA VAL A 34 -0.03 8.66 4.49
C VAL A 34 0.02 7.34 5.28
N ARG A 35 -0.80 7.22 6.29
CA ARG A 35 -0.82 5.96 7.12
C ARG A 35 -2.10 5.18 6.82
N VAL A 36 -1.99 3.88 6.66
CA VAL A 36 -3.19 3.04 6.37
C VAL A 36 -3.05 1.67 7.04
N LYS A 37 -4.12 1.16 7.62
CA LYS A 37 -4.06 -0.17 8.30
C LYS A 37 -4.84 -1.22 7.51
N CYS A 38 -4.31 -2.41 7.39
CA CYS A 38 -4.99 -3.51 6.64
C CYS A 38 -4.52 -4.87 7.17
N LEU A 39 -5.26 -5.93 6.87
CA LEU A 39 -4.85 -7.29 7.34
C LEU A 39 -3.78 -7.85 6.40
N ALA A 40 -2.84 -8.61 6.92
CA ALA A 40 -1.76 -9.20 6.07
C ALA A 40 -2.38 -10.17 5.05
N GLU A 41 -3.55 -10.69 5.33
CA GLU A 41 -4.21 -11.65 4.39
C GLU A 41 -4.92 -10.87 3.27
N ASP A 42 -5.24 -9.60 3.51
CA ASP A 42 -5.94 -8.79 2.46
C ASP A 42 -5.04 -8.65 1.24
N SER A 43 -5.64 -8.51 0.07
CA SER A 43 -4.84 -8.37 -1.18
C SER A 43 -4.36 -6.92 -1.35
N VAL A 44 -3.39 -6.71 -2.22
CA VAL A 44 -2.87 -5.32 -2.46
C VAL A 44 -4.02 -4.45 -3.00
N GLY A 45 -4.91 -5.04 -3.78
CA GLY A 45 -6.07 -4.26 -4.32
C GLY A 45 -6.88 -3.70 -3.15
N ASP A 46 -7.14 -4.51 -2.14
CA ASP A 46 -7.90 -4.03 -0.96
C ASP A 46 -7.06 -2.99 -0.20
N PHE A 47 -5.76 -3.20 -0.14
CA PHE A 47 -4.85 -2.23 0.55
C PHE A 47 -4.93 -0.87 -0.16
N LYS A 48 -4.90 -0.88 -1.47
CA LYS A 48 -4.97 0.39 -2.25
C LYS A 48 -6.38 0.99 -2.10
N LYS A 49 -7.39 0.15 -1.99
CA LYS A 49 -8.79 0.64 -1.84
C LYS A 49 -8.91 1.45 -0.54
N VAL A 50 -8.34 0.97 0.54
CA VAL A 50 -8.39 1.71 1.84
C VAL A 50 -7.65 3.04 1.69
N LEU A 51 -6.51 3.03 1.00
CA LEU A 51 -5.73 4.29 0.80
C LEU A 51 -6.54 5.26 -0.08
N SER A 52 -7.25 4.74 -1.05
CA SER A 52 -8.07 5.61 -1.96
C SER A 52 -9.15 6.36 -1.15
N LEU A 53 -9.68 5.74 -0.13
CA LEU A 53 -10.73 6.41 0.70
C LEU A 53 -10.11 7.57 1.49
N GLN A 54 -8.83 7.49 1.79
CA GLN A 54 -8.17 8.57 2.57
C GLN A 54 -7.73 9.72 1.65
N ILE A 55 -7.13 9.43 0.53
CA ILE A 55 -6.66 10.53 -0.40
C ILE A 55 -7.55 10.61 -1.65
N GLY A 56 -7.88 9.50 -2.26
CA GLY A 56 -8.74 9.52 -3.49
C GLY A 56 -7.89 9.24 -4.74
N THR A 57 -7.17 8.13 -4.74
CA THR A 57 -6.33 7.77 -5.92
C THR A 57 -6.93 6.58 -6.67
N GLN A 58 -7.86 5.87 -6.05
CA GLN A 58 -8.50 4.67 -6.71
C GLN A 58 -7.48 3.54 -6.88
N PRO A 59 -7.99 2.32 -6.95
CA PRO A 59 -7.15 1.12 -7.14
C PRO A 59 -6.67 1.03 -8.59
N ASN A 60 -5.88 1.98 -9.02
CA ASN A 60 -5.37 2.00 -10.42
C ASN A 60 -4.23 3.02 -10.54
N LYS A 61 -4.39 4.18 -9.95
CA LYS A 61 -3.32 5.22 -10.01
C LYS A 61 -2.40 5.10 -8.79
N ILE A 62 -2.58 4.09 -7.96
CA ILE A 62 -1.70 3.92 -6.76
C ILE A 62 -0.60 2.91 -7.06
N VAL A 63 0.63 3.26 -6.81
CA VAL A 63 1.77 2.32 -7.05
C VAL A 63 2.51 2.11 -5.73
N LEU A 64 2.38 0.94 -5.15
CA LEU A 64 3.07 0.67 -3.85
C LEU A 64 4.38 -0.11 -4.09
N GLN A 65 5.41 0.20 -3.36
CA GLN A 65 6.72 -0.51 -3.54
C GLN A 65 7.16 -1.11 -2.19
N LYS A 66 7.48 -2.38 -2.17
CA LYS A 66 7.93 -3.03 -0.90
C LYS A 66 9.35 -3.60 -1.09
N GLY A 67 10.34 -2.84 -0.68
CA GLY A 67 11.75 -3.31 -0.81
C GLY A 67 12.15 -3.40 -2.30
N GLY A 68 11.90 -2.35 -3.06
CA GLY A 68 12.26 -2.37 -4.52
C GLY A 68 11.41 -3.41 -5.25
N SER A 69 10.11 -3.39 -5.03
CA SER A 69 9.21 -4.36 -5.72
C SER A 69 7.81 -3.74 -5.85
N VAL A 70 7.22 -3.82 -7.01
CA VAL A 70 5.86 -3.23 -7.20
C VAL A 70 4.80 -4.18 -6.63
N LEU A 71 3.82 -3.63 -5.96
CA LEU A 71 2.75 -4.48 -5.35
C LEU A 71 1.52 -4.46 -6.26
N LYS A 72 1.12 -5.61 -6.75
CA LYS A 72 -0.06 -5.69 -7.66
C LYS A 72 -1.28 -6.24 -6.90
N ASP A 73 -2.45 -5.80 -7.25
CA ASP A 73 -3.70 -6.27 -6.57
C ASP A 73 -3.84 -7.80 -6.72
N HIS A 74 -3.30 -8.36 -7.79
CA HIS A 74 -3.41 -9.84 -8.01
C HIS A 74 -2.62 -10.61 -6.93
N ILE A 75 -1.71 -9.95 -6.24
CA ILE A 75 -0.92 -10.64 -5.19
C ILE A 75 -1.40 -10.20 -3.80
N SER A 76 -1.33 -11.07 -2.83
CA SER A 76 -1.79 -10.71 -1.45
C SER A 76 -0.66 -10.03 -0.66
N LEU A 77 -1.02 -9.24 0.33
CA LEU A 77 0.01 -8.56 1.17
C LEU A 77 0.90 -9.60 1.85
N GLU A 78 0.33 -10.73 2.22
CA GLU A 78 1.13 -11.81 2.88
C GLU A 78 2.22 -12.31 1.91
N ASP A 79 1.92 -12.37 0.63
CA ASP A 79 2.93 -12.83 -0.36
C ASP A 79 4.12 -11.85 -0.39
N TYR A 80 3.83 -10.57 -0.39
CA TYR A 80 4.93 -9.54 -0.39
C TYR A 80 5.60 -9.49 0.99
N GLU A 81 4.95 -10.03 2.01
CA GLU A 81 5.53 -10.02 3.40
C GLU A 81 5.45 -8.60 3.97
N VAL A 82 4.26 -8.19 4.37
CA VAL A 82 4.09 -6.82 4.95
C VAL A 82 3.96 -6.95 6.48
N HIS A 83 4.86 -6.33 7.21
CA HIS A 83 4.80 -6.42 8.71
C HIS A 83 4.08 -5.19 9.29
N ASP A 84 3.74 -5.25 10.56
CA ASP A 84 3.04 -4.11 11.21
C ASP A 84 4.03 -2.96 11.41
N GLN A 85 3.59 -1.73 11.24
CA GLN A 85 4.48 -0.54 11.41
C GLN A 85 5.64 -0.60 10.39
N THR A 86 5.39 -1.18 9.22
CA THR A 86 6.47 -1.26 8.18
C THR A 86 6.42 -0.02 7.28
N ASN A 87 7.52 0.32 6.67
CA ASN A 87 7.55 1.52 5.78
C ASN A 87 7.40 1.09 4.31
N LEU A 88 6.40 1.62 3.64
CA LEU A 88 6.17 1.25 2.21
C LEU A 88 6.41 2.47 1.32
N GLU A 89 6.61 2.26 0.04
CA GLU A 89 6.85 3.41 -0.89
C GLU A 89 5.57 3.68 -1.69
N LEU A 90 5.22 4.94 -1.87
CA LEU A 90 3.98 5.28 -2.64
C LEU A 90 4.35 5.99 -3.94
N TYR A 91 3.61 5.74 -4.99
CA TYR A 91 3.89 6.40 -6.30
C TYR A 91 2.57 6.62 -7.04
N TYR A 92 2.49 7.66 -7.85
CA TYR A 92 1.23 7.94 -8.59
C TYR A 92 1.42 7.60 -10.07
N LEU A 93 0.50 6.84 -10.63
CA LEU A 93 0.62 6.45 -12.07
C LEU A 93 0.26 7.66 -12.96
N MET A 21 -5.13 -6.99 12.09
CA MET A 21 -4.94 -5.77 11.24
C MET A 21 -3.62 -5.08 11.61
N ILE A 22 -2.87 -4.67 10.63
CA ILE A 22 -1.57 -3.98 10.91
C ILE A 22 -1.59 -2.55 10.33
N GLU A 23 -0.71 -1.71 10.80
CA GLU A 23 -0.66 -0.29 10.30
C GLU A 23 0.65 -0.08 9.53
N VAL A 24 0.56 0.49 8.34
CA VAL A 24 1.79 0.72 7.53
C VAL A 24 1.85 2.16 7.04
N VAL A 25 3.02 2.64 6.70
CA VAL A 25 3.16 4.05 6.21
C VAL A 25 3.63 4.04 4.74
N VAL A 26 3.05 4.89 3.92
CA VAL A 26 3.45 4.92 2.48
C VAL A 26 3.94 6.34 2.12
N ASN A 27 5.16 6.44 1.65
CA ASN A 27 5.73 7.78 1.27
C ASN A 27 5.85 7.88 -0.25
N ASP A 28 5.59 9.04 -0.81
CA ASP A 28 5.68 9.21 -2.28
C ASP A 28 7.14 9.37 -2.70
N ARG A 29 7.73 10.54 -2.50
CA ARG A 29 9.16 10.75 -2.88
C ARG A 29 9.63 12.14 -2.41
N LEU A 30 8.93 13.18 -2.78
CA LEU A 30 9.34 14.56 -2.36
C LEU A 30 9.14 14.71 -0.84
N GLY A 31 7.90 14.72 -0.40
CA GLY A 31 7.63 14.85 1.06
C GLY A 31 6.13 14.66 1.31
N LYS A 32 5.59 13.53 0.90
CA LYS A 32 4.13 13.27 1.11
C LYS A 32 3.93 11.81 1.52
N LYS A 33 3.59 11.58 2.78
CA LYS A 33 3.35 10.18 3.26
C LYS A 33 1.97 10.08 3.92
N VAL A 34 1.42 8.87 3.96
CA VAL A 34 0.08 8.67 4.57
C VAL A 34 0.08 7.38 5.41
N ARG A 35 -0.84 7.26 6.33
CA ARG A 35 -0.92 6.02 7.18
C ARG A 35 -2.15 5.21 6.79
N VAL A 36 -1.99 3.91 6.62
CA VAL A 36 -3.14 3.04 6.24
C VAL A 36 -3.01 1.67 6.94
N LYS A 37 -4.10 1.14 7.43
CA LYS A 37 -4.04 -0.19 8.14
C LYS A 37 -4.82 -1.25 7.35
N CYS A 38 -4.25 -2.43 7.23
CA CYS A 38 -4.91 -3.54 6.49
C CYS A 38 -4.45 -4.89 7.06
N LEU A 39 -5.24 -5.93 6.88
CA LEU A 39 -4.85 -7.27 7.41
C LEU A 39 -3.81 -7.91 6.47
N ALA A 40 -2.86 -8.61 7.03
CA ALA A 40 -1.80 -9.26 6.19
C ALA A 40 -2.43 -10.29 5.24
N GLU A 41 -3.62 -10.77 5.54
CA GLU A 41 -4.30 -11.75 4.66
C GLU A 41 -4.97 -11.03 3.49
N ASP A 42 -5.27 -9.75 3.65
CA ASP A 42 -5.93 -8.98 2.54
C ASP A 42 -4.99 -8.90 1.34
N SER A 43 -5.55 -8.74 0.16
CA SER A 43 -4.69 -8.66 -1.07
C SER A 43 -4.26 -7.21 -1.32
N VAL A 44 -3.31 -7.02 -2.21
CA VAL A 44 -2.84 -5.64 -2.53
C VAL A 44 -4.02 -4.82 -3.08
N GLY A 45 -4.91 -5.46 -3.82
CA GLY A 45 -6.09 -4.75 -4.38
C GLY A 45 -6.87 -4.11 -3.22
N ASP A 46 -7.10 -4.85 -2.17
CA ASP A 46 -7.84 -4.30 -0.98
C ASP A 46 -6.97 -3.23 -0.31
N PHE A 47 -5.67 -3.43 -0.28
CA PHE A 47 -4.75 -2.42 0.33
C PHE A 47 -4.87 -1.10 -0.44
N LYS A 48 -4.95 -1.18 -1.75
CA LYS A 48 -5.08 0.06 -2.58
C LYS A 48 -6.49 0.66 -2.39
N LYS A 49 -7.48 -0.18 -2.18
CA LYS A 49 -8.87 0.33 -1.99
C LYS A 49 -8.95 1.15 -0.69
N VAL A 50 -8.32 0.68 0.36
CA VAL A 50 -8.36 1.44 1.66
C VAL A 50 -7.55 2.74 1.51
N LEU A 51 -6.47 2.70 0.76
CA LEU A 51 -5.65 3.93 0.55
C LEU A 51 -6.41 4.93 -0.33
N SER A 52 -6.92 4.46 -1.46
CA SER A 52 -7.68 5.37 -2.38
C SER A 52 -8.81 6.11 -1.63
N LEU A 53 -9.25 5.61 -0.51
CA LEU A 53 -10.34 6.29 0.26
C LEU A 53 -9.79 7.54 0.96
N GLN A 54 -8.60 7.46 1.53
CA GLN A 54 -8.02 8.64 2.24
C GLN A 54 -7.34 9.62 1.26
N ILE A 55 -6.71 9.11 0.21
CA ILE A 55 -6.03 10.02 -0.77
C ILE A 55 -6.98 10.39 -1.91
N GLY A 56 -7.96 9.54 -2.19
CA GLY A 56 -8.91 9.83 -3.31
C GLY A 56 -8.16 9.69 -4.64
N THR A 57 -7.40 8.64 -4.78
CA THR A 57 -6.61 8.41 -6.03
C THR A 57 -7.09 7.13 -6.73
N GLN A 58 -8.10 6.45 -6.18
CA GLN A 58 -8.62 5.20 -6.80
C GLN A 58 -7.55 4.09 -6.72
N PRO A 59 -8.00 2.85 -6.66
CA PRO A 59 -7.11 1.68 -6.60
C PRO A 59 -6.44 1.43 -7.96
N ASN A 60 -6.97 1.99 -9.01
CA ASN A 60 -6.38 1.80 -10.37
C ASN A 60 -5.27 2.84 -10.61
N LYS A 61 -5.22 3.91 -9.85
CA LYS A 61 -4.17 4.96 -10.04
C LYS A 61 -3.15 4.92 -8.89
N ILE A 62 -3.28 3.99 -7.96
CA ILE A 62 -2.30 3.93 -6.83
C ILE A 62 -1.28 2.81 -7.08
N VAL A 63 -0.01 3.16 -7.11
CA VAL A 63 1.06 2.16 -7.34
C VAL A 63 1.88 2.03 -6.03
N LEU A 64 1.68 0.97 -5.30
CA LEU A 64 2.44 0.80 -4.01
C LEU A 64 3.64 -0.13 -4.21
N GLN A 65 4.71 0.11 -3.48
CA GLN A 65 5.93 -0.75 -3.61
C GLN A 65 6.45 -1.13 -2.21
N LYS A 66 6.75 -2.39 -1.99
CA LYS A 66 7.26 -2.82 -0.66
C LYS A 66 8.78 -2.99 -0.71
N GLY A 67 9.52 -1.98 -0.29
CA GLY A 67 11.02 -2.06 -0.32
C GLY A 67 11.53 -1.90 -1.76
N GLY A 68 11.62 -2.99 -2.49
CA GLY A 68 12.10 -2.93 -3.89
C GLY A 68 11.26 -3.85 -4.77
N SER A 69 9.95 -3.75 -4.66
CA SER A 69 9.05 -4.63 -5.48
C SER A 69 7.70 -3.93 -5.69
N VAL A 70 7.15 -4.02 -6.88
CA VAL A 70 5.84 -3.38 -7.16
C VAL A 70 4.72 -4.28 -6.61
N LEU A 71 3.81 -3.72 -5.86
CA LEU A 71 2.69 -4.53 -5.29
C LEU A 71 1.54 -4.61 -6.30
N LYS A 72 1.10 -5.81 -6.61
CA LYS A 72 -0.02 -5.99 -7.58
C LYS A 72 -1.23 -6.60 -6.88
N ASP A 73 -2.42 -6.20 -7.26
CA ASP A 73 -3.66 -6.75 -6.64
C ASP A 73 -3.71 -8.28 -6.79
N HIS A 74 -3.07 -8.81 -7.81
CA HIS A 74 -3.08 -10.30 -8.02
C HIS A 74 -2.30 -11.02 -6.91
N ILE A 75 -1.48 -10.31 -6.16
CA ILE A 75 -0.71 -10.96 -5.06
C ILE A 75 -1.26 -10.50 -3.71
N SER A 76 -1.16 -11.34 -2.70
CA SER A 76 -1.69 -10.95 -1.34
C SER A 76 -0.60 -10.22 -0.53
N LEU A 77 -1.02 -9.46 0.45
CA LEU A 77 -0.04 -8.71 1.30
C LEU A 77 0.89 -9.70 2.01
N GLU A 78 0.36 -10.81 2.45
CA GLU A 78 1.20 -11.84 3.15
C GLU A 78 2.31 -12.34 2.23
N ASP A 79 2.06 -12.37 0.93
CA ASP A 79 3.11 -12.84 -0.03
C ASP A 79 4.27 -11.84 -0.06
N TYR A 80 3.96 -10.57 -0.11
CA TYR A 80 5.02 -9.51 -0.12
C TYR A 80 5.69 -9.42 1.27
N GLU A 81 5.06 -9.97 2.29
CA GLU A 81 5.63 -9.93 3.68
C GLU A 81 5.47 -8.53 4.29
N VAL A 82 4.25 -8.04 4.34
CA VAL A 82 3.99 -6.70 4.93
C VAL A 82 3.86 -6.85 6.45
N HIS A 83 4.77 -6.27 7.20
CA HIS A 83 4.71 -6.40 8.69
C HIS A 83 4.10 -5.13 9.31
N ASP A 84 3.88 -5.15 10.61
CA ASP A 84 3.29 -3.97 11.31
C ASP A 84 4.30 -2.82 11.32
N GLN A 85 3.83 -1.62 11.08
CA GLN A 85 4.73 -0.42 11.07
C GLN A 85 5.82 -0.59 10.00
N THR A 86 5.47 -1.13 8.85
CA THR A 86 6.47 -1.33 7.77
C THR A 86 6.49 -0.08 6.86
N ASN A 87 7.57 0.13 6.15
CA ASN A 87 7.65 1.32 5.25
C ASN A 87 7.31 0.91 3.81
N LEU A 88 6.41 1.63 3.19
CA LEU A 88 6.01 1.30 1.79
C LEU A 88 6.16 2.54 0.90
N GLU A 89 6.19 2.33 -0.40
CA GLU A 89 6.33 3.48 -1.34
C GLU A 89 4.98 3.74 -2.01
N LEU A 90 4.68 4.99 -2.31
CA LEU A 90 3.38 5.34 -2.95
C LEU A 90 3.64 6.12 -4.23
N TYR A 91 3.04 5.71 -5.32
CA TYR A 91 3.25 6.42 -6.62
C TYR A 91 1.89 6.57 -7.33
N TYR A 92 1.73 7.61 -8.12
CA TYR A 92 0.43 7.81 -8.84
C TYR A 92 0.64 7.55 -10.33
N LEU A 93 -0.13 6.63 -10.87
CA LEU A 93 -0.02 6.28 -12.34
C LEU A 93 1.25 5.47 -12.59
N MET A 21 -4.85 -7.49 11.75
CA MET A 21 -4.79 -6.09 11.23
C MET A 21 -3.45 -5.44 11.59
N ILE A 22 -2.77 -4.89 10.63
CA ILE A 22 -1.45 -4.24 10.90
C ILE A 22 -1.49 -2.79 10.42
N GLU A 23 -0.58 -1.97 10.91
CA GLU A 23 -0.53 -0.53 10.50
C GLU A 23 0.76 -0.28 9.70
N VAL A 24 0.66 0.37 8.57
CA VAL A 24 1.87 0.65 7.74
C VAL A 24 1.93 2.13 7.35
N VAL A 25 3.12 2.62 7.08
CA VAL A 25 3.27 4.06 6.67
C VAL A 25 3.57 4.11 5.16
N VAL A 26 2.75 4.82 4.41
CA VAL A 26 2.98 4.92 2.93
C VAL A 26 3.61 6.27 2.60
N ASN A 27 4.78 6.26 2.03
CA ASN A 27 5.48 7.53 1.66
C ASN A 27 5.51 7.69 0.15
N ASP A 28 4.83 8.69 -0.37
CA ASP A 28 4.82 8.93 -1.83
C ASP A 28 6.15 9.58 -2.27
N ARG A 29 6.65 9.22 -3.43
CA ARG A 29 7.95 9.79 -3.90
C ARG A 29 7.82 11.32 -4.07
N LEU A 30 6.69 11.80 -4.52
CA LEU A 30 6.52 13.27 -4.70
C LEU A 30 6.62 13.98 -3.34
N GLY A 31 5.90 13.48 -2.36
CA GLY A 31 5.94 14.10 -1.00
C GLY A 31 4.58 13.93 -0.31
N LYS A 32 4.19 12.71 -0.05
CA LYS A 32 2.88 12.46 0.61
C LYS A 32 3.02 11.33 1.64
N LYS A 33 2.86 11.65 2.90
CA LYS A 33 2.98 10.60 3.97
C LYS A 33 1.59 10.29 4.51
N VAL A 34 1.10 9.09 4.28
CA VAL A 34 -0.26 8.71 4.76
C VAL A 34 -0.18 7.39 5.56
N ARG A 35 -1.01 7.26 6.57
CA ARG A 35 -1.01 6.02 7.40
C ARG A 35 -2.24 5.18 7.06
N VAL A 36 -2.06 3.91 6.78
CA VAL A 36 -3.22 3.04 6.43
C VAL A 36 -3.05 1.66 7.09
N LYS A 37 -4.13 1.10 7.61
CA LYS A 37 -4.03 -0.24 8.27
C LYS A 37 -4.79 -1.30 7.43
N CYS A 38 -4.27 -2.50 7.37
CA CYS A 38 -4.92 -3.59 6.58
C CYS A 38 -4.49 -4.95 7.12
N LEU A 39 -5.21 -6.00 6.77
CA LEU A 39 -4.84 -7.37 7.26
C LEU A 39 -3.79 -7.99 6.35
N ALA A 40 -2.96 -8.85 6.88
CA ALA A 40 -1.92 -9.52 6.03
C ALA A 40 -2.61 -10.45 5.02
N GLU A 41 -3.81 -10.89 5.31
CA GLU A 41 -4.55 -11.79 4.37
C GLU A 41 -5.17 -10.97 3.23
N ASP A 42 -5.36 -9.69 3.44
CA ASP A 42 -5.96 -8.83 2.37
C ASP A 42 -4.99 -8.72 1.19
N SER A 43 -5.51 -8.53 0.01
CA SER A 43 -4.63 -8.42 -1.20
C SER A 43 -4.16 -6.98 -1.40
N VAL A 44 -3.16 -6.79 -2.23
CA VAL A 44 -2.64 -5.41 -2.50
C VAL A 44 -3.78 -4.54 -3.08
N GLY A 45 -4.69 -5.15 -3.81
CA GLY A 45 -5.84 -4.39 -4.38
C GLY A 45 -6.64 -3.78 -3.23
N ASP A 46 -6.96 -4.58 -2.24
CA ASP A 46 -7.72 -4.06 -1.06
C ASP A 46 -6.89 -2.98 -0.36
N PHE A 47 -5.59 -3.18 -0.28
CA PHE A 47 -4.70 -2.18 0.37
C PHE A 47 -4.81 -0.84 -0.39
N LYS A 48 -4.77 -0.90 -1.70
CA LYS A 48 -4.89 0.35 -2.52
C LYS A 48 -6.30 0.92 -2.38
N LYS A 49 -7.28 0.09 -2.13
CA LYS A 49 -8.69 0.59 -1.97
C LYS A 49 -8.80 1.39 -0.67
N VAL A 50 -8.27 0.88 0.41
CA VAL A 50 -8.35 1.60 1.72
C VAL A 50 -7.48 2.87 1.66
N LEU A 51 -6.32 2.77 1.05
CA LEU A 51 -5.41 3.94 0.94
C LEU A 51 -6.02 4.99 -0.01
N SER A 52 -6.59 4.55 -1.12
CA SER A 52 -7.21 5.49 -2.10
C SER A 52 -8.24 6.40 -1.41
N LEU A 53 -8.88 5.94 -0.36
CA LEU A 53 -9.89 6.79 0.34
C LEU A 53 -9.20 7.98 1.03
N GLN A 54 -8.00 7.78 1.54
CA GLN A 54 -7.26 8.89 2.22
C GLN A 54 -6.56 9.80 1.20
N ILE A 55 -5.78 9.23 0.31
CA ILE A 55 -5.05 10.06 -0.71
C ILE A 55 -6.03 10.55 -1.79
N GLY A 56 -7.12 9.85 -2.01
CA GLY A 56 -8.08 10.29 -3.07
C GLY A 56 -7.39 10.17 -4.43
N THR A 57 -6.76 9.05 -4.67
CA THR A 57 -6.03 8.84 -5.96
C THR A 57 -6.65 7.70 -6.78
N GLN A 58 -7.78 7.15 -6.33
CA GLN A 58 -8.44 6.04 -7.08
C GLN A 58 -7.58 4.76 -7.01
N PRO A 59 -8.23 3.63 -7.04
CA PRO A 59 -7.54 2.32 -6.99
C PRO A 59 -6.87 1.99 -8.32
N ASN A 60 -7.11 2.78 -9.35
CA ASN A 60 -6.47 2.52 -10.69
C ASN A 60 -5.28 3.47 -10.90
N LYS A 61 -5.03 4.39 -9.99
CA LYS A 61 -3.89 5.34 -10.17
C LYS A 61 -2.92 5.26 -8.97
N ILE A 62 -2.96 4.18 -8.22
CA ILE A 62 -2.05 4.04 -7.05
C ILE A 62 -1.05 2.90 -7.29
N VAL A 63 0.21 3.15 -7.06
CA VAL A 63 1.26 2.09 -7.25
C VAL A 63 2.01 1.94 -5.93
N LEU A 64 1.85 0.82 -5.26
CA LEU A 64 2.54 0.60 -3.95
C LEU A 64 3.81 -0.23 -4.16
N GLN A 65 4.86 0.09 -3.44
CA GLN A 65 6.14 -0.68 -3.58
C GLN A 65 6.64 -1.11 -2.19
N LYS A 66 7.32 -2.21 -2.10
CA LYS A 66 7.83 -2.69 -0.78
C LYS A 66 9.31 -3.09 -0.90
N GLY A 67 10.18 -2.25 -0.40
CA GLY A 67 11.65 -2.56 -0.46
C GLY A 67 12.10 -2.64 -1.92
N GLY A 68 11.74 -1.67 -2.73
CA GLY A 68 12.15 -1.69 -4.17
C GLY A 68 11.46 -2.85 -4.90
N SER A 69 10.19 -3.04 -4.67
CA SER A 69 9.45 -4.14 -5.35
C SER A 69 8.02 -3.67 -5.68
N VAL A 70 7.54 -3.98 -6.87
CA VAL A 70 6.17 -3.53 -7.26
C VAL A 70 5.11 -4.45 -6.64
N LEU A 71 4.16 -3.88 -5.93
CA LEU A 71 3.09 -4.70 -5.30
C LEU A 71 1.87 -4.72 -6.23
N LYS A 72 1.36 -5.89 -6.52
CA LYS A 72 0.19 -5.99 -7.45
C LYS A 72 -1.04 -6.53 -6.70
N ASP A 73 -2.21 -6.10 -7.12
CA ASP A 73 -3.47 -6.57 -6.45
C ASP A 73 -3.62 -8.09 -6.59
N HIS A 74 -3.10 -8.67 -7.65
CA HIS A 74 -3.20 -10.15 -7.84
C HIS A 74 -2.43 -10.90 -6.75
N ILE A 75 -1.54 -10.24 -6.03
CA ILE A 75 -0.77 -10.93 -4.95
C ILE A 75 -1.27 -10.45 -3.58
N SER A 76 -1.26 -11.33 -2.60
CA SER A 76 -1.74 -10.93 -1.25
C SER A 76 -0.61 -10.26 -0.45
N LEU A 77 -0.97 -9.46 0.53
CA LEU A 77 0.06 -8.76 1.36
C LEU A 77 0.92 -9.80 2.09
N GLU A 78 0.33 -10.91 2.48
CA GLU A 78 1.11 -11.97 3.20
C GLU A 78 2.22 -12.52 2.30
N ASP A 79 2.02 -12.51 1.00
CA ASP A 79 3.06 -13.02 0.05
C ASP A 79 4.23 -12.03 0.03
N TYR A 80 3.94 -10.75 0.00
CA TYR A 80 5.02 -9.71 -0.01
C TYR A 80 5.70 -9.65 1.37
N GLU A 81 5.05 -10.20 2.40
CA GLU A 81 5.63 -10.19 3.79
C GLU A 81 5.50 -8.79 4.41
N VAL A 82 4.30 -8.28 4.47
CA VAL A 82 4.08 -6.93 5.07
C VAL A 82 3.94 -7.10 6.59
N HIS A 83 4.83 -6.49 7.35
CA HIS A 83 4.79 -6.62 8.84
C HIS A 83 4.15 -5.38 9.46
N ASP A 84 3.89 -5.41 10.75
CA ASP A 84 3.27 -4.26 11.45
C ASP A 84 4.28 -3.11 11.53
N GLN A 85 3.84 -1.90 11.31
CA GLN A 85 4.75 -0.71 11.37
C GLN A 85 5.85 -0.82 10.31
N THR A 86 5.53 -1.39 9.17
CA THR A 86 6.55 -1.53 8.08
C THR A 86 6.53 -0.28 7.19
N ASN A 87 7.52 -0.12 6.34
CA ASN A 87 7.57 1.09 5.45
C ASN A 87 7.03 0.74 4.06
N LEU A 88 6.02 1.45 3.62
CA LEU A 88 5.41 1.18 2.28
C LEU A 88 5.70 2.38 1.35
N GLU A 89 5.88 2.13 0.08
CA GLU A 89 6.16 3.24 -0.88
C GLU A 89 4.89 3.56 -1.68
N LEU A 90 4.73 4.80 -2.09
CA LEU A 90 3.52 5.19 -2.86
C LEU A 90 3.95 5.85 -4.18
N TYR A 91 3.27 5.54 -5.26
CA TYR A 91 3.61 6.11 -6.58
C TYR A 91 2.30 6.44 -7.33
N TYR A 92 2.30 7.49 -8.10
CA TYR A 92 1.06 7.87 -8.86
C TYR A 92 1.23 7.49 -10.33
N LEU A 93 0.28 6.76 -10.88
CA LEU A 93 0.37 6.35 -12.31
C LEU A 93 -0.24 7.45 -13.21
N MET A 21 -4.83 -7.21 12.14
CA MET A 21 -4.68 -5.99 11.29
C MET A 21 -3.36 -5.29 11.62
N ILE A 22 -2.67 -4.80 10.62
CA ILE A 22 -1.37 -4.10 10.84
C ILE A 22 -1.44 -2.66 10.30
N GLU A 23 -0.54 -1.81 10.72
CA GLU A 23 -0.53 -0.40 10.23
C GLU A 23 0.75 -0.16 9.43
N VAL A 24 0.62 0.26 8.19
CA VAL A 24 1.83 0.52 7.35
C VAL A 24 1.85 1.98 6.89
N VAL A 25 3.03 2.55 6.74
CA VAL A 25 3.13 3.98 6.30
C VAL A 25 3.57 4.02 4.83
N VAL A 26 2.98 4.90 4.04
CA VAL A 26 3.36 4.99 2.61
C VAL A 26 3.99 6.36 2.33
N ASN A 27 5.18 6.36 1.79
CA ASN A 27 5.88 7.66 1.49
C ASN A 27 5.80 7.93 -0.02
N ASP A 28 5.15 9.00 -0.40
CA ASP A 28 5.03 9.33 -1.85
C ASP A 28 6.30 10.01 -2.36
N ARG A 29 6.62 9.80 -3.62
CA ARG A 29 7.85 10.42 -4.22
C ARG A 29 7.74 11.94 -4.19
N LEU A 30 6.59 12.48 -4.53
CA LEU A 30 6.41 13.97 -4.52
C LEU A 30 6.59 14.49 -3.09
N GLY A 31 6.02 13.83 -2.11
CA GLY A 31 6.16 14.27 -0.69
C GLY A 31 4.81 14.11 0.01
N LYS A 32 4.39 12.90 0.24
CA LYS A 32 3.08 12.66 0.92
C LYS A 32 3.17 11.43 1.82
N LYS A 33 3.01 11.61 3.10
CA LYS A 33 3.07 10.46 4.04
C LYS A 33 1.64 10.14 4.53
N VAL A 34 1.13 8.99 4.17
CA VAL A 34 -0.25 8.60 4.60
C VAL A 34 -0.20 7.34 5.46
N ARG A 35 -1.13 7.21 6.39
CA ARG A 35 -1.16 6.01 7.28
C ARG A 35 -2.35 5.13 6.88
N VAL A 36 -2.11 3.87 6.64
CA VAL A 36 -3.23 2.94 6.26
C VAL A 36 -3.04 1.60 6.96
N LYS A 37 -4.12 1.04 7.49
CA LYS A 37 -4.02 -0.27 8.21
C LYS A 37 -4.81 -1.35 7.44
N CYS A 38 -4.23 -2.51 7.31
CA CYS A 38 -4.93 -3.63 6.59
C CYS A 38 -4.43 -4.98 7.13
N LEU A 39 -5.18 -6.04 6.89
CA LEU A 39 -4.77 -7.38 7.39
C LEU A 39 -3.74 -7.99 6.44
N ALA A 40 -2.84 -8.80 6.96
CA ALA A 40 -1.81 -9.45 6.08
C ALA A 40 -2.48 -10.42 5.11
N GLU A 41 -3.67 -10.89 5.44
CA GLU A 41 -4.40 -11.83 4.54
C GLU A 41 -5.07 -11.05 3.39
N ASP A 42 -5.32 -9.78 3.59
CA ASP A 42 -5.95 -8.95 2.52
C ASP A 42 -5.00 -8.83 1.32
N SER A 43 -5.54 -8.70 0.14
CA SER A 43 -4.67 -8.61 -1.07
C SER A 43 -4.30 -7.14 -1.34
N VAL A 44 -3.36 -6.91 -2.22
CA VAL A 44 -2.94 -5.51 -2.56
C VAL A 44 -4.16 -4.75 -3.12
N GLY A 45 -5.07 -5.45 -3.78
CA GLY A 45 -6.28 -4.77 -4.33
C GLY A 45 -7.05 -4.13 -3.17
N ASP A 46 -7.22 -4.85 -2.08
CA ASP A 46 -7.94 -4.29 -0.90
C ASP A 46 -7.06 -3.22 -0.24
N PHE A 47 -5.77 -3.43 -0.23
CA PHE A 47 -4.82 -2.44 0.37
C PHE A 47 -4.88 -1.13 -0.41
N LYS A 48 -5.09 -1.19 -1.70
CA LYS A 48 -5.17 0.04 -2.53
C LYS A 48 -6.53 0.71 -2.38
N LYS A 49 -7.60 -0.06 -2.31
CA LYS A 49 -8.96 0.55 -2.15
C LYS A 49 -9.05 1.26 -0.78
N VAL A 50 -8.30 0.81 0.19
CA VAL A 50 -8.33 1.46 1.53
C VAL A 50 -7.46 2.73 1.48
N LEU A 51 -6.34 2.66 0.80
CA LEU A 51 -5.43 3.86 0.69
C LEU A 51 -6.11 4.94 -0.16
N SER A 52 -6.73 4.54 -1.25
CA SER A 52 -7.42 5.52 -2.16
C SER A 52 -8.40 6.41 -1.37
N LEU A 53 -8.91 5.93 -0.26
CA LEU A 53 -9.86 6.76 0.54
C LEU A 53 -9.12 7.91 1.23
N GLN A 54 -7.90 7.68 1.65
CA GLN A 54 -7.10 8.76 2.33
C GLN A 54 -6.45 9.67 1.29
N ILE A 55 -5.73 9.12 0.35
CA ILE A 55 -5.05 9.96 -0.70
C ILE A 55 -6.05 10.46 -1.74
N GLY A 56 -7.19 9.82 -1.86
CA GLY A 56 -8.20 10.25 -2.89
C GLY A 56 -7.59 10.06 -4.27
N THR A 57 -7.00 8.91 -4.51
CA THR A 57 -6.35 8.62 -5.82
C THR A 57 -7.06 7.48 -6.56
N GLN A 58 -7.91 6.72 -5.86
CA GLN A 58 -8.64 5.58 -6.50
C GLN A 58 -7.65 4.43 -6.79
N PRO A 59 -8.15 3.22 -6.78
CA PRO A 59 -7.34 2.01 -7.04
C PRO A 59 -7.06 1.89 -8.54
N ASN A 60 -6.34 2.85 -9.09
CA ASN A 60 -6.01 2.83 -10.56
C ASN A 60 -4.70 3.59 -10.78
N LYS A 61 -4.55 4.75 -10.18
CA LYS A 61 -3.29 5.54 -10.36
C LYS A 61 -2.39 5.39 -9.12
N ILE A 62 -2.66 4.41 -8.28
CA ILE A 62 -1.82 4.22 -7.06
C ILE A 62 -0.78 3.11 -7.31
N VAL A 63 0.46 3.38 -7.01
CA VAL A 63 1.53 2.36 -7.21
C VAL A 63 2.27 2.17 -5.88
N LEU A 64 2.01 1.07 -5.19
CA LEU A 64 2.68 0.82 -3.88
C LEU A 64 3.85 -0.14 -4.07
N GLN A 65 4.95 0.12 -3.40
CA GLN A 65 6.15 -0.76 -3.52
C GLN A 65 6.68 -1.13 -2.12
N LYS A 66 6.88 -2.40 -1.87
CA LYS A 66 7.38 -2.83 -0.53
C LYS A 66 8.90 -3.01 -0.58
N GLY A 67 9.64 -2.03 -0.11
CA GLY A 67 11.14 -2.12 -0.12
C GLY A 67 11.67 -2.01 -1.55
N GLY A 68 11.74 -3.12 -2.26
CA GLY A 68 12.25 -3.09 -3.66
C GLY A 68 11.39 -4.02 -4.53
N SER A 69 10.09 -3.95 -4.40
CA SER A 69 9.19 -4.82 -5.21
C SER A 69 7.84 -4.12 -5.43
N VAL A 70 7.30 -4.22 -6.61
CA VAL A 70 5.99 -3.58 -6.91
C VAL A 70 4.85 -4.46 -6.37
N LEU A 71 3.93 -3.88 -5.65
CA LEU A 71 2.79 -4.67 -5.08
C LEU A 71 1.66 -4.75 -6.11
N LYS A 72 1.29 -5.95 -6.51
CA LYS A 72 0.20 -6.12 -7.51
C LYS A 72 -1.07 -6.59 -6.80
N ASP A 73 -2.22 -6.11 -7.25
CA ASP A 73 -3.52 -6.51 -6.63
C ASP A 73 -3.76 -8.02 -6.78
N HIS A 74 -3.13 -8.65 -7.75
CA HIS A 74 -3.31 -10.12 -7.95
C HIS A 74 -2.56 -10.93 -6.88
N ILE A 75 -1.70 -10.29 -6.10
CA ILE A 75 -0.94 -11.03 -5.05
C ILE A 75 -1.39 -10.56 -3.67
N SER A 76 -1.44 -11.46 -2.71
CA SER A 76 -1.89 -11.10 -1.34
C SER A 76 -0.74 -10.42 -0.57
N LEU A 77 -1.08 -9.58 0.40
CA LEU A 77 -0.04 -8.88 1.20
C LEU A 77 0.84 -9.92 1.93
N GLU A 78 0.26 -11.03 2.32
CA GLU A 78 1.02 -12.09 3.03
C GLU A 78 2.17 -12.59 2.13
N ASP A 79 1.93 -12.69 0.85
CA ASP A 79 2.99 -13.15 -0.10
C ASP A 79 4.15 -12.15 -0.09
N TYR A 80 3.85 -10.87 -0.11
CA TYR A 80 4.92 -9.82 -0.10
C TYR A 80 5.59 -9.78 1.29
N GLU A 81 4.95 -10.31 2.30
CA GLU A 81 5.52 -10.31 3.68
C GLU A 81 5.48 -8.88 4.26
N VAL A 82 4.29 -8.37 4.46
CA VAL A 82 4.14 -6.99 5.02
C VAL A 82 4.07 -7.08 6.55
N HIS A 83 4.95 -6.38 7.24
CA HIS A 83 4.95 -6.44 8.73
C HIS A 83 4.26 -5.19 9.30
N ASP A 84 3.87 -5.25 10.56
CA ASP A 84 3.19 -4.07 11.19
C ASP A 84 4.21 -2.94 11.38
N GLN A 85 3.78 -1.71 11.25
CA GLN A 85 4.70 -0.54 11.41
C GLN A 85 5.85 -0.65 10.39
N THR A 86 5.57 -1.15 9.21
CA THR A 86 6.63 -1.27 8.16
C THR A 86 6.62 -0.05 7.25
N ASN A 87 7.67 0.16 6.50
CA ASN A 87 7.73 1.33 5.58
C ASN A 87 7.36 0.90 4.16
N LEU A 88 6.47 1.62 3.53
CA LEU A 88 6.03 1.28 2.15
C LEU A 88 6.24 2.49 1.23
N GLU A 89 6.32 2.26 -0.06
CA GLU A 89 6.52 3.40 -1.02
C GLU A 89 5.20 3.68 -1.76
N LEU A 90 5.01 4.90 -2.19
CA LEU A 90 3.76 5.27 -2.93
C LEU A 90 4.12 6.09 -4.17
N TYR A 91 3.54 5.76 -5.29
CA TYR A 91 3.83 6.51 -6.56
C TYR A 91 2.53 6.75 -7.31
N TYR A 92 2.45 7.85 -8.02
CA TYR A 92 1.20 8.16 -8.79
C TYR A 92 1.41 7.81 -10.26
N LEU A 93 0.73 6.78 -10.72
CA LEU A 93 0.88 6.36 -12.16
C LEU A 93 -0.42 5.69 -12.64
N MET A 21 -5.01 -6.98 12.10
CA MET A 21 -4.81 -5.75 11.28
C MET A 21 -3.51 -5.05 11.69
N ILE A 22 -2.74 -4.59 10.72
CA ILE A 22 -1.45 -3.90 11.05
C ILE A 22 -1.50 -2.45 10.51
N GLU A 23 -0.62 -1.60 11.01
CA GLU A 23 -0.60 -0.19 10.55
C GLU A 23 0.69 0.05 9.75
N VAL A 24 0.59 0.16 8.45
CA VAL A 24 1.81 0.38 7.61
C VAL A 24 1.92 1.85 7.22
N VAL A 25 3.11 2.31 6.89
CA VAL A 25 3.31 3.72 6.50
C VAL A 25 3.49 3.81 4.98
N VAL A 26 2.88 4.79 4.34
CA VAL A 26 3.00 4.94 2.86
C VAL A 26 3.42 6.36 2.52
N ASN A 27 4.60 6.54 1.96
CA ASN A 27 5.07 7.90 1.60
C ASN A 27 5.30 7.99 0.09
N ASP A 28 5.01 9.12 -0.50
CA ASP A 28 5.19 9.29 -1.98
C ASP A 28 6.69 9.50 -2.31
N ARG A 29 7.52 9.72 -1.31
CA ARG A 29 8.99 9.93 -1.57
C ARG A 29 9.24 11.27 -2.28
N LEU A 30 8.29 12.18 -2.20
CA LEU A 30 8.46 13.51 -2.86
C LEU A 30 8.02 14.60 -1.88
N GLY A 31 6.80 14.53 -1.41
CA GLY A 31 6.29 15.55 -0.43
C GLY A 31 4.90 15.14 0.06
N LYS A 32 4.73 13.89 0.45
CA LYS A 32 3.41 13.40 0.93
C LYS A 32 3.58 12.16 1.80
N LYS A 33 2.87 12.08 2.90
CA LYS A 33 2.99 10.89 3.80
C LYS A 33 1.60 10.49 4.32
N VAL A 34 1.16 9.30 3.99
CA VAL A 34 -0.18 8.83 4.45
C VAL A 34 -0.03 7.48 5.17
N ARG A 35 -0.81 7.26 6.19
CA ARG A 35 -0.74 5.97 6.94
C ARG A 35 -2.02 5.17 6.68
N VAL A 36 -1.91 3.88 6.52
CA VAL A 36 -3.11 3.04 6.24
C VAL A 36 -2.99 1.69 6.96
N LYS A 37 -4.08 1.19 7.49
CA LYS A 37 -4.04 -0.11 8.22
C LYS A 37 -4.73 -1.20 7.37
N CYS A 38 -4.25 -2.41 7.44
CA CYS A 38 -4.85 -3.54 6.66
C CYS A 38 -4.35 -4.87 7.22
N LEU A 39 -5.08 -5.94 6.97
CA LEU A 39 -4.65 -7.28 7.48
C LEU A 39 -3.59 -7.86 6.55
N ALA A 40 -2.64 -8.59 7.10
CA ALA A 40 -1.57 -9.20 6.24
C ALA A 40 -2.21 -10.24 5.29
N GLU A 41 -3.37 -10.75 5.64
CA GLU A 41 -4.05 -11.76 4.76
C GLU A 41 -4.83 -11.04 3.65
N ASP A 42 -5.13 -9.78 3.83
CA ASP A 42 -5.89 -9.02 2.79
C ASP A 42 -5.08 -8.97 1.48
N SER A 43 -5.75 -8.83 0.37
CA SER A 43 -5.03 -8.77 -0.94
C SER A 43 -4.52 -7.35 -1.20
N VAL A 44 -3.55 -7.22 -2.08
CA VAL A 44 -3.00 -5.85 -2.41
C VAL A 44 -4.14 -4.99 -2.96
N GLY A 45 -5.04 -5.59 -3.71
CA GLY A 45 -6.19 -4.82 -4.29
C GLY A 45 -6.97 -4.17 -3.13
N ASP A 46 -7.24 -4.92 -2.09
CA ASP A 46 -7.98 -4.35 -0.92
C ASP A 46 -7.10 -3.29 -0.24
N PHE A 47 -5.81 -3.53 -0.16
CA PHE A 47 -4.88 -2.55 0.47
C PHE A 47 -4.93 -1.23 -0.32
N LYS A 48 -4.94 -1.32 -1.63
CA LYS A 48 -5.00 -0.09 -2.48
C LYS A 48 -6.38 0.57 -2.36
N LYS A 49 -7.40 -0.21 -2.10
CA LYS A 49 -8.78 0.36 -1.95
C LYS A 49 -8.86 1.19 -0.67
N VAL A 50 -8.30 0.70 0.41
CA VAL A 50 -8.34 1.45 1.70
C VAL A 50 -7.42 2.67 1.61
N LEU A 51 -6.28 2.52 0.98
CA LEU A 51 -5.32 3.67 0.85
C LEU A 51 -5.91 4.71 -0.11
N SER A 52 -6.42 4.27 -1.24
CA SER A 52 -7.01 5.23 -2.24
C SER A 52 -8.15 6.04 -1.61
N LEU A 53 -8.79 5.52 -0.58
CA LEU A 53 -9.92 6.27 0.07
C LEU A 53 -9.36 7.52 0.77
N GLN A 54 -8.18 7.42 1.34
CA GLN A 54 -7.58 8.60 2.06
C GLN A 54 -6.92 9.55 1.05
N ILE A 55 -6.13 9.03 0.14
CA ILE A 55 -5.44 9.90 -0.87
C ILE A 55 -6.43 10.35 -1.95
N GLY A 56 -7.50 9.63 -2.16
CA GLY A 56 -8.48 10.01 -3.22
C GLY A 56 -7.79 9.85 -4.59
N THR A 57 -7.09 8.75 -4.77
CA THR A 57 -6.36 8.52 -6.05
C THR A 57 -6.82 7.19 -6.69
N GLN A 58 -7.88 6.59 -6.17
CA GLN A 58 -8.39 5.29 -6.73
C GLN A 58 -7.35 4.17 -6.51
N PRO A 59 -7.84 2.95 -6.46
CA PRO A 59 -6.99 1.75 -6.28
C PRO A 59 -6.28 1.38 -7.58
N ASN A 60 -6.67 1.96 -8.69
CA ASN A 60 -6.03 1.64 -10.00
C ASN A 60 -5.07 2.77 -10.43
N LYS A 61 -4.99 3.84 -9.68
CA LYS A 61 -4.07 4.96 -10.05
C LYS A 61 -2.98 5.13 -8.99
N ILE A 62 -2.70 4.10 -8.23
CA ILE A 62 -1.63 4.20 -7.17
C ILE A 62 -0.67 3.02 -7.29
N VAL A 63 0.61 3.29 -7.19
CA VAL A 63 1.64 2.21 -7.27
C VAL A 63 2.30 2.08 -5.90
N LEU A 64 2.08 0.98 -5.23
CA LEU A 64 2.69 0.78 -3.88
C LEU A 64 3.94 -0.09 -3.98
N GLN A 65 5.01 0.33 -3.35
CA GLN A 65 6.28 -0.47 -3.41
C GLN A 65 6.76 -0.78 -1.98
N LYS A 66 6.89 -2.04 -1.66
CA LYS A 66 7.35 -2.41 -0.28
C LYS A 66 8.86 -2.69 -0.29
N GLY A 67 9.66 -1.69 0.00
CA GLY A 67 11.14 -1.86 0.01
C GLY A 67 11.64 -2.20 -1.39
N GLY A 68 11.22 -1.45 -2.39
CA GLY A 68 11.66 -1.70 -3.79
C GLY A 68 10.97 -2.96 -4.34
N SER A 69 9.69 -3.09 -4.11
CA SER A 69 8.94 -4.28 -4.62
C SER A 69 7.57 -3.83 -5.12
N VAL A 70 7.24 -4.12 -6.36
CA VAL A 70 5.91 -3.68 -6.90
C VAL A 70 4.82 -4.62 -6.39
N LEU A 71 3.82 -4.08 -5.73
CA LEU A 71 2.70 -4.91 -5.19
C LEU A 71 1.55 -4.90 -6.20
N LYS A 72 1.10 -6.06 -6.61
CA LYS A 72 -0.02 -6.15 -7.59
C LYS A 72 -1.30 -6.59 -6.88
N ASP A 73 -2.42 -6.06 -7.28
CA ASP A 73 -3.73 -6.43 -6.65
C ASP A 73 -3.97 -7.94 -6.80
N HIS A 74 -3.43 -8.54 -7.85
CA HIS A 74 -3.62 -10.01 -8.07
C HIS A 74 -2.92 -10.83 -6.97
N ILE A 75 -1.93 -10.26 -6.32
CA ILE A 75 -1.19 -11.00 -5.25
C ILE A 75 -1.67 -10.51 -3.87
N SER A 76 -1.56 -11.36 -2.87
CA SER A 76 -2.01 -10.96 -1.51
C SER A 76 -0.86 -10.32 -0.72
N LEU A 77 -1.18 -9.54 0.27
CA LEU A 77 -0.12 -8.87 1.10
C LEU A 77 0.75 -9.94 1.77
N GLU A 78 0.15 -11.02 2.23
CA GLU A 78 0.92 -12.11 2.89
C GLU A 78 1.98 -12.66 1.93
N ASP A 79 1.67 -12.70 0.65
CA ASP A 79 2.65 -13.22 -0.36
C ASP A 79 3.88 -12.30 -0.39
N TYR A 80 3.65 -11.00 -0.40
CA TYR A 80 4.80 -10.03 -0.41
C TYR A 80 5.46 -9.98 0.98
N GLU A 81 4.77 -10.48 2.00
CA GLU A 81 5.34 -10.47 3.39
C GLU A 81 5.32 -9.03 3.93
N VAL A 82 4.15 -8.50 4.17
CA VAL A 82 4.04 -7.11 4.70
C VAL A 82 4.04 -7.16 6.23
N HIS A 83 4.96 -6.46 6.86
CA HIS A 83 5.04 -6.46 8.35
C HIS A 83 4.35 -5.20 8.91
N ASP A 84 4.02 -5.22 10.18
CA ASP A 84 3.36 -4.04 10.81
C ASP A 84 4.35 -2.88 10.90
N GLN A 85 3.88 -1.67 10.72
CA GLN A 85 4.78 -0.47 10.77
C GLN A 85 5.87 -0.56 9.69
N THR A 86 5.55 -1.16 8.56
CA THR A 86 6.56 -1.30 7.46
C THR A 86 6.58 0.00 6.62
N ASN A 87 7.64 0.20 5.87
CA ASN A 87 7.72 1.43 5.02
C ASN A 87 7.31 1.11 3.59
N LEU A 88 6.28 1.76 3.10
CA LEU A 88 5.80 1.52 1.71
C LEU A 88 5.96 2.79 0.88
N GLU A 89 6.16 2.64 -0.40
CA GLU A 89 6.34 3.83 -1.29
C GLU A 89 5.07 4.01 -2.14
N LEU A 90 4.68 5.23 -2.37
CA LEU A 90 3.44 5.50 -3.18
C LEU A 90 3.82 6.32 -4.41
N TYR A 91 3.38 5.89 -5.57
CA TYR A 91 3.69 6.63 -6.83
C TYR A 91 2.43 6.71 -7.69
N TYR A 92 2.25 7.81 -8.38
CA TYR A 92 1.03 7.96 -9.24
C TYR A 92 1.39 7.79 -10.71
N LEU A 93 0.72 6.90 -11.39
CA LEU A 93 1.01 6.66 -12.84
C LEU A 93 -0.13 7.22 -13.69
N MET A 21 -5.37 -6.76 12.21
CA MET A 21 -5.06 -5.60 11.32
C MET A 21 -3.72 -4.98 11.73
N ILE A 22 -2.95 -4.53 10.77
CA ILE A 22 -1.63 -3.92 11.08
C ILE A 22 -1.57 -2.49 10.54
N GLU A 23 -0.69 -1.68 11.08
CA GLU A 23 -0.57 -0.27 10.60
C GLU A 23 0.63 -0.17 9.65
N VAL A 24 0.45 0.48 8.54
CA VAL A 24 1.58 0.62 7.56
C VAL A 24 1.67 2.08 7.07
N VAL A 25 2.86 2.55 6.80
CA VAL A 25 3.02 3.95 6.31
C VAL A 25 3.51 3.94 4.86
N VAL A 26 2.91 4.76 4.02
CA VAL A 26 3.32 4.80 2.58
C VAL A 26 3.92 6.18 2.26
N ASN A 27 5.00 6.21 1.52
CA ASN A 27 5.65 7.52 1.17
C ASN A 27 5.25 7.93 -0.25
N ASP A 28 4.46 8.97 -0.37
CA ASP A 28 4.02 9.46 -1.71
C ASP A 28 5.23 9.99 -2.50
N ARG A 29 5.13 10.00 -3.82
CA ARG A 29 6.26 10.49 -4.66
C ARG A 29 6.44 12.01 -4.50
N LEU A 30 5.35 12.73 -4.27
CA LEU A 30 5.45 14.22 -4.11
C LEU A 30 6.28 14.56 -2.86
N GLY A 31 6.00 13.90 -1.76
CA GLY A 31 6.75 14.17 -0.49
C GLY A 31 5.77 14.19 0.69
N LYS A 32 5.00 13.14 0.83
CA LYS A 32 4.01 13.08 1.94
C LYS A 32 3.79 11.61 2.35
N LYS A 33 3.42 11.35 3.58
CA LYS A 33 3.21 9.93 4.01
C LYS A 33 1.77 9.73 4.51
N VAL A 34 1.23 8.56 4.28
CA VAL A 34 -0.18 8.28 4.72
C VAL A 34 -0.18 7.04 5.63
N ARG A 35 -1.04 7.03 6.62
CA ARG A 35 -1.12 5.87 7.55
C ARG A 35 -2.40 5.08 7.25
N VAL A 36 -2.27 3.82 6.93
CA VAL A 36 -3.47 2.99 6.59
C VAL A 36 -3.42 1.68 7.40
N LYS A 37 -4.55 1.23 7.89
CA LYS A 37 -4.59 -0.04 8.68
C LYS A 37 -5.26 -1.14 7.87
N CYS A 38 -4.60 -2.26 7.69
CA CYS A 38 -5.18 -3.39 6.91
C CYS A 38 -4.62 -4.72 7.40
N LEU A 39 -5.35 -5.79 7.22
CA LEU A 39 -4.86 -7.14 7.68
C LEU A 39 -3.86 -7.68 6.65
N ALA A 40 -2.91 -8.46 7.10
CA ALA A 40 -1.89 -9.04 6.17
C ALA A 40 -2.55 -10.03 5.20
N GLU A 41 -3.72 -10.53 5.54
CA GLU A 41 -4.44 -11.50 4.65
C GLU A 41 -5.13 -10.75 3.51
N ASP A 42 -5.29 -9.45 3.63
CA ASP A 42 -5.97 -8.66 2.55
C ASP A 42 -5.07 -8.62 1.31
N SER A 43 -5.68 -8.58 0.14
CA SER A 43 -4.89 -8.53 -1.13
C SER A 43 -4.38 -7.11 -1.38
N VAL A 44 -3.43 -6.96 -2.27
CA VAL A 44 -2.88 -5.59 -2.57
C VAL A 44 -4.01 -4.71 -3.13
N GLY A 45 -4.91 -5.29 -3.91
CA GLY A 45 -6.05 -4.49 -4.47
C GLY A 45 -6.85 -3.89 -3.31
N ASP A 46 -7.16 -4.68 -2.31
CA ASP A 46 -7.92 -4.16 -1.13
C ASP A 46 -7.06 -3.12 -0.41
N PHE A 47 -5.78 -3.38 -0.27
CA PHE A 47 -4.85 -2.43 0.41
C PHE A 47 -4.88 -1.07 -0.33
N LYS A 48 -4.88 -1.10 -1.64
CA LYS A 48 -4.92 0.16 -2.44
C LYS A 48 -6.31 0.82 -2.31
N LYS A 49 -7.35 0.03 -2.20
CA LYS A 49 -8.73 0.60 -2.07
C LYS A 49 -8.85 1.39 -0.76
N VAL A 50 -8.33 0.85 0.33
CA VAL A 50 -8.41 1.56 1.64
C VAL A 50 -7.59 2.86 1.56
N LEU A 51 -6.42 2.80 0.95
CA LEU A 51 -5.57 4.01 0.81
C LEU A 51 -6.25 5.03 -0.11
N SER A 52 -6.87 4.55 -1.17
CA SER A 52 -7.57 5.45 -2.14
C SER A 52 -8.73 6.17 -1.44
N LEU A 53 -9.36 5.53 -0.47
CA LEU A 53 -10.50 6.18 0.25
C LEU A 53 -9.97 7.25 1.22
N GLN A 54 -8.73 7.12 1.65
CA GLN A 54 -8.15 8.12 2.61
C GLN A 54 -7.64 9.36 1.85
N ILE A 55 -6.91 9.18 0.78
CA ILE A 55 -6.37 10.37 0.02
C ILE A 55 -7.22 10.67 -1.21
N GLY A 56 -7.70 9.66 -1.90
CA GLY A 56 -8.54 9.89 -3.11
C GLY A 56 -7.68 9.75 -4.37
N THR A 57 -7.02 8.63 -4.52
CA THR A 57 -6.13 8.40 -5.71
C THR A 57 -6.72 7.29 -6.59
N GLN A 58 -7.53 6.41 -6.02
CA GLN A 58 -8.13 5.27 -6.81
C GLN A 58 -7.04 4.25 -7.14
N PRO A 59 -7.43 3.02 -7.32
CA PRO A 59 -6.50 1.93 -7.66
C PRO A 59 -6.05 2.06 -9.12
N ASN A 60 -5.16 2.99 -9.38
CA ASN A 60 -4.66 3.23 -10.76
C ASN A 60 -3.52 4.26 -10.73
N LYS A 61 -3.67 5.31 -9.95
CA LYS A 61 -2.60 6.35 -9.86
C LYS A 61 -1.66 6.06 -8.68
N ILE A 62 -1.96 5.08 -7.86
CA ILE A 62 -1.08 4.76 -6.70
C ILE A 62 -0.28 3.48 -6.98
N VAL A 63 1.03 3.58 -6.98
CA VAL A 63 1.90 2.39 -7.21
C VAL A 63 2.59 2.04 -5.89
N LEU A 64 2.30 0.89 -5.35
CA LEU A 64 2.94 0.51 -4.04
C LEU A 64 4.14 -0.41 -4.32
N GLN A 65 5.26 -0.14 -3.67
CA GLN A 65 6.47 -0.97 -3.88
C GLN A 65 7.07 -1.36 -2.52
N LYS A 66 7.37 -2.63 -2.33
CA LYS A 66 7.96 -3.09 -1.03
C LYS A 66 9.48 -2.84 -1.04
N GLY A 67 10.21 -3.54 -1.87
CA GLY A 67 11.70 -3.34 -1.93
C GLY A 67 12.17 -3.48 -3.37
N GLY A 68 11.87 -2.51 -4.21
CA GLY A 68 12.29 -2.57 -5.64
C GLY A 68 11.34 -3.49 -6.43
N SER A 69 10.10 -3.58 -5.99
CA SER A 69 9.11 -4.46 -6.70
C SER A 69 7.70 -3.90 -6.46
N VAL A 70 6.91 -3.80 -7.51
CA VAL A 70 5.52 -3.26 -7.35
C VAL A 70 4.60 -4.35 -6.80
N LEU A 71 3.56 -3.96 -6.10
CA LEU A 71 2.61 -4.96 -5.52
C LEU A 71 1.36 -5.04 -6.41
N LYS A 72 0.92 -6.24 -6.73
CA LYS A 72 -0.29 -6.40 -7.60
C LYS A 72 -1.44 -7.02 -6.79
N ASP A 73 -2.67 -6.74 -7.18
CA ASP A 73 -3.85 -7.31 -6.46
C ASP A 73 -3.81 -8.84 -6.52
N HIS A 74 -3.22 -9.39 -7.56
CA HIS A 74 -3.13 -10.89 -7.68
C HIS A 74 -2.32 -11.49 -6.52
N ILE A 75 -1.60 -10.66 -5.77
CA ILE A 75 -0.79 -11.19 -4.63
C ILE A 75 -1.30 -10.59 -3.31
N SER A 76 -1.28 -11.37 -2.26
CA SER A 76 -1.76 -10.85 -0.93
C SER A 76 -0.61 -10.18 -0.17
N LEU A 77 -0.94 -9.34 0.78
CA LEU A 77 0.11 -8.64 1.59
C LEU A 77 0.97 -9.67 2.32
N GLU A 78 0.39 -10.79 2.71
CA GLU A 78 1.17 -11.85 3.43
C GLU A 78 2.27 -12.40 2.51
N ASP A 79 1.99 -12.51 1.22
CA ASP A 79 3.00 -13.02 0.26
C ASP A 79 4.16 -12.03 0.16
N TYR A 80 3.85 -10.75 0.09
CA TYR A 80 4.92 -9.70 0.01
C TYR A 80 5.65 -9.58 1.35
N GLU A 81 5.06 -10.10 2.42
CA GLU A 81 5.69 -10.03 3.78
C GLU A 81 5.51 -8.62 4.37
N VAL A 82 4.29 -8.22 4.58
CA VAL A 82 4.01 -6.87 5.17
C VAL A 82 3.86 -7.01 6.69
N HIS A 83 4.76 -6.42 7.45
CA HIS A 83 4.68 -6.53 8.94
C HIS A 83 4.06 -5.26 9.54
N ASP A 84 3.78 -5.28 10.81
CA ASP A 84 3.17 -4.09 11.48
C ASP A 84 4.19 -2.96 11.58
N GLN A 85 3.76 -1.74 11.32
CA GLN A 85 4.68 -0.56 11.37
C GLN A 85 5.79 -0.69 10.30
N THR A 86 5.46 -1.28 9.17
CA THR A 86 6.48 -1.43 8.08
C THR A 86 6.42 -0.21 7.16
N ASN A 87 7.46 0.02 6.38
CA ASN A 87 7.48 1.19 5.45
C ASN A 87 7.16 0.74 4.02
N LEU A 88 6.20 1.39 3.40
CA LEU A 88 5.81 1.04 2.00
C LEU A 88 6.10 2.24 1.08
N GLU A 89 6.41 1.98 -0.16
CA GLU A 89 6.70 3.09 -1.12
C GLU A 89 5.45 3.38 -1.97
N LEU A 90 5.13 4.63 -2.17
CA LEU A 90 3.94 4.98 -3.00
C LEU A 90 4.36 5.93 -4.12
N TYR A 91 4.21 5.50 -5.36
CA TYR A 91 4.61 6.35 -6.52
C TYR A 91 3.35 6.78 -7.30
N TYR A 92 3.46 7.83 -8.09
CA TYR A 92 2.27 8.30 -8.88
C TYR A 92 2.46 7.96 -10.35
N LEU A 93 1.64 7.09 -10.88
CA LEU A 93 1.74 6.72 -12.32
C LEU A 93 0.41 7.01 -13.04
N MET A 21 -5.85 -6.83 12.19
CA MET A 21 -5.52 -5.66 11.31
C MET A 21 -4.17 -5.07 11.73
N ILE A 22 -3.39 -4.62 10.78
CA ILE A 22 -2.05 -4.03 11.11
C ILE A 22 -1.98 -2.59 10.60
N GLU A 23 -1.07 -1.82 11.14
CA GLU A 23 -0.91 -0.39 10.70
C GLU A 23 0.24 -0.30 9.70
N VAL A 24 0.05 0.44 8.63
CA VAL A 24 1.13 0.57 7.61
C VAL A 24 1.40 2.05 7.31
N VAL A 25 2.57 2.36 6.81
CA VAL A 25 2.91 3.77 6.48
C VAL A 25 3.50 3.82 5.07
N VAL A 26 2.77 4.39 4.13
CA VAL A 26 3.27 4.47 2.73
C VAL A 26 3.76 5.89 2.44
N ASN A 27 4.99 6.02 1.97
CA ASN A 27 5.56 7.37 1.67
C ASN A 27 5.72 7.52 0.15
N ASP A 28 5.18 8.58 -0.41
CA ASP A 28 5.28 8.81 -1.88
C ASP A 28 6.67 9.36 -2.23
N ARG A 29 7.12 9.09 -3.43
CA ARG A 29 8.46 9.59 -3.86
C ARG A 29 8.46 11.13 -3.91
N LEU A 30 7.36 11.73 -4.30
CA LEU A 30 7.29 13.22 -4.35
C LEU A 30 7.41 13.78 -2.92
N GLY A 31 6.67 13.22 -2.00
CA GLY A 31 6.71 13.69 -0.58
C GLY A 31 5.31 13.65 0.02
N LYS A 32 4.78 12.46 0.23
CA LYS A 32 3.41 12.33 0.81
C LYS A 32 3.32 11.06 1.67
N LYS A 33 3.23 11.21 2.97
CA LYS A 33 3.14 10.01 3.87
C LYS A 33 1.67 9.75 4.25
N VAL A 34 1.20 8.55 4.01
CA VAL A 34 -0.23 8.21 4.34
C VAL A 34 -0.27 6.99 5.26
N ARG A 35 -1.19 6.97 6.20
CA ARG A 35 -1.30 5.81 7.13
C ARG A 35 -2.57 5.01 6.79
N VAL A 36 -2.48 3.70 6.79
CA VAL A 36 -3.67 2.85 6.46
C VAL A 36 -3.67 1.58 7.31
N LYS A 37 -4.83 1.17 7.77
CA LYS A 37 -4.93 -0.07 8.61
C LYS A 37 -5.60 -1.19 7.80
N CYS A 38 -4.95 -2.33 7.70
CA CYS A 38 -5.53 -3.47 6.93
C CYS A 38 -4.87 -4.79 7.37
N LEU A 39 -5.55 -5.90 7.20
CA LEU A 39 -4.98 -7.21 7.63
C LEU A 39 -3.89 -7.63 6.63
N ALA A 40 -2.88 -8.32 7.11
CA ALA A 40 -1.77 -8.78 6.20
C ALA A 40 -2.31 -9.84 5.21
N GLU A 41 -3.44 -10.44 5.52
CA GLU A 41 -4.02 -11.47 4.61
C GLU A 41 -4.72 -10.80 3.42
N ASP A 42 -4.99 -9.51 3.52
CA ASP A 42 -5.67 -8.79 2.40
C ASP A 42 -4.73 -8.71 1.19
N SER A 43 -5.30 -8.58 0.01
CA SER A 43 -4.46 -8.49 -1.22
C SER A 43 -3.94 -7.06 -1.40
N VAL A 44 -2.97 -6.88 -2.29
CA VAL A 44 -2.42 -5.52 -2.54
C VAL A 44 -3.53 -4.61 -3.08
N GLY A 45 -4.44 -5.16 -3.86
CA GLY A 45 -5.57 -4.36 -4.40
C GLY A 45 -6.40 -3.82 -3.23
N ASP A 46 -6.63 -4.63 -2.23
CA ASP A 46 -7.41 -4.18 -1.04
C ASP A 46 -6.63 -3.06 -0.32
N PHE A 47 -5.31 -3.17 -0.30
CA PHE A 47 -4.47 -2.13 0.35
C PHE A 47 -4.65 -0.79 -0.38
N LYS A 48 -4.61 -0.81 -1.69
CA LYS A 48 -4.78 0.45 -2.48
C LYS A 48 -6.22 0.97 -2.33
N LYS A 49 -7.17 0.09 -2.10
CA LYS A 49 -8.59 0.54 -1.94
C LYS A 49 -8.75 1.32 -0.63
N VAL A 50 -8.26 0.76 0.46
CA VAL A 50 -8.37 1.48 1.78
C VAL A 50 -7.51 2.75 1.72
N LEU A 51 -6.35 2.66 1.09
CA LEU A 51 -5.46 3.85 0.98
C LEU A 51 -6.15 4.92 0.11
N SER A 52 -6.81 4.51 -0.95
CA SER A 52 -7.51 5.48 -1.86
C SER A 52 -8.48 6.37 -1.06
N LEU A 53 -9.00 5.88 0.05
CA LEU A 53 -9.96 6.71 0.85
C LEU A 53 -9.21 7.86 1.54
N GLN A 54 -7.97 7.65 1.92
CA GLN A 54 -7.18 8.72 2.61
C GLN A 54 -6.56 9.67 1.58
N ILE A 55 -5.94 9.15 0.53
CA ILE A 55 -5.29 10.02 -0.50
C ILE A 55 -6.31 10.46 -1.57
N GLY A 56 -7.34 9.69 -1.80
CA GLY A 56 -8.34 10.06 -2.85
C GLY A 56 -7.66 9.94 -4.22
N THR A 57 -6.93 8.87 -4.43
CA THR A 57 -6.20 8.67 -5.71
C THR A 57 -6.80 7.49 -6.49
N GLN A 58 -7.75 6.78 -5.92
CA GLN A 58 -8.38 5.60 -6.63
C GLN A 58 -7.34 4.48 -6.80
N PRO A 59 -7.83 3.26 -6.93
CA PRO A 59 -6.97 2.08 -7.11
C PRO A 59 -6.36 2.03 -8.52
N ASN A 60 -6.83 2.88 -9.42
CA ASN A 60 -6.28 2.90 -10.81
C ASN A 60 -5.07 3.86 -10.89
N LYS A 61 -4.93 4.76 -9.93
CA LYS A 61 -3.78 5.72 -9.97
C LYS A 61 -2.84 5.51 -8.77
N ILE A 62 -3.01 4.45 -8.02
CA ILE A 62 -2.11 4.20 -6.84
C ILE A 62 -1.13 3.07 -7.17
N VAL A 63 0.14 3.29 -6.96
CA VAL A 63 1.18 2.24 -7.24
C VAL A 63 2.00 2.02 -5.96
N LEU A 64 1.91 0.85 -5.37
CA LEU A 64 2.68 0.57 -4.11
C LEU A 64 3.96 -0.21 -4.45
N GLN A 65 5.03 0.07 -3.74
CA GLN A 65 6.33 -0.63 -4.01
C GLN A 65 6.92 -1.11 -2.67
N LYS A 66 7.40 -2.34 -2.62
CA LYS A 66 8.00 -2.87 -1.36
C LYS A 66 9.48 -2.47 -1.29
N GLY A 67 10.29 -3.02 -2.16
CA GLY A 67 11.76 -2.69 -2.16
C GLY A 67 12.28 -2.78 -3.60
N GLY A 68 11.92 -1.84 -4.43
CA GLY A 68 12.38 -1.87 -5.86
C GLY A 68 11.49 -2.85 -6.65
N SER A 69 10.24 -2.96 -6.27
CA SER A 69 9.31 -3.90 -6.98
C SER A 69 7.86 -3.41 -6.78
N VAL A 70 7.08 -3.40 -7.82
CA VAL A 70 5.66 -2.95 -7.71
C VAL A 70 4.79 -4.07 -7.14
N LEU A 71 3.86 -3.74 -6.28
CA LEU A 71 2.96 -4.78 -5.68
C LEU A 71 1.74 -4.94 -6.59
N LYS A 72 1.18 -6.12 -6.64
CA LYS A 72 -0.01 -6.36 -7.52
C LYS A 72 -1.14 -7.01 -6.73
N ASP A 73 -2.37 -6.75 -7.12
CA ASP A 73 -3.54 -7.35 -6.40
C ASP A 73 -3.48 -8.88 -6.51
N HIS A 74 -2.84 -9.40 -7.55
CA HIS A 74 -2.73 -10.88 -7.71
C HIS A 74 -1.90 -11.47 -6.55
N ILE A 75 -1.21 -10.64 -5.79
CA ILE A 75 -0.39 -11.15 -4.65
C ILE A 75 -0.92 -10.60 -3.34
N SER A 76 -0.89 -11.39 -2.29
CA SER A 76 -1.41 -10.93 -0.96
C SER A 76 -0.32 -10.14 -0.23
N LEU A 77 -0.71 -9.28 0.68
CA LEU A 77 0.29 -8.47 1.45
C LEU A 77 1.20 -9.40 2.25
N GLU A 78 0.68 -10.54 2.69
CA GLU A 78 1.51 -11.51 3.46
C GLU A 78 2.66 -12.04 2.59
N ASP A 79 2.39 -12.22 1.31
CA ASP A 79 3.46 -12.73 0.39
C ASP A 79 4.56 -11.67 0.27
N TYR A 80 4.20 -10.42 0.11
CA TYR A 80 5.21 -9.33 0.01
C TYR A 80 5.88 -9.08 1.36
N GLU A 81 5.28 -9.58 2.44
CA GLU A 81 5.86 -9.39 3.81
C GLU A 81 5.44 -8.03 4.37
N VAL A 82 4.18 -7.89 4.71
CA VAL A 82 3.66 -6.61 5.27
C VAL A 82 3.27 -6.83 6.72
N HIS A 83 4.08 -6.37 7.65
CA HIS A 83 3.78 -6.56 9.10
C HIS A 83 3.29 -5.26 9.73
N ASP A 84 2.98 -5.28 11.01
CA ASP A 84 2.49 -4.06 11.71
C ASP A 84 3.60 -3.00 11.74
N GLN A 85 3.24 -1.76 11.48
CA GLN A 85 4.24 -0.65 11.49
C GLN A 85 5.29 -0.88 10.37
N THR A 86 4.87 -1.41 9.25
CA THR A 86 5.83 -1.66 8.12
C THR A 86 5.83 -0.44 7.18
N ASN A 87 6.96 -0.15 6.58
CA ASN A 87 7.04 1.03 5.66
C ASN A 87 6.89 0.57 4.21
N LEU A 88 6.12 1.31 3.43
CA LEU A 88 5.91 0.96 1.99
C LEU A 88 6.12 2.19 1.12
N GLU A 89 6.30 2.00 -0.17
CA GLU A 89 6.51 3.16 -1.09
C GLU A 89 5.21 3.45 -1.85
N LEU A 90 4.93 4.71 -2.09
CA LEU A 90 3.67 5.09 -2.81
C LEU A 90 4.03 5.82 -4.12
N TYR A 91 3.27 5.59 -5.15
CA TYR A 91 3.53 6.27 -6.46
C TYR A 91 2.19 6.58 -7.14
N TYR A 92 2.13 7.69 -7.84
CA TYR A 92 0.85 8.06 -8.53
C TYR A 92 0.95 7.74 -10.02
N LEU A 93 0.28 6.69 -10.44
CA LEU A 93 0.32 6.30 -11.89
C LEU A 93 -0.97 5.54 -12.24
N MET A 21 -5.05 -7.33 12.03
CA MET A 21 -4.86 -6.09 11.23
C MET A 21 -3.54 -5.40 11.61
N ILE A 22 -2.86 -4.82 10.65
CA ILE A 22 -1.56 -4.13 10.95
C ILE A 22 -1.62 -2.68 10.46
N GLU A 23 -0.73 -1.85 10.93
CA GLU A 23 -0.70 -0.42 10.50
C GLU A 23 0.57 -0.17 9.67
N VAL A 24 0.42 0.27 8.45
CA VAL A 24 1.63 0.52 7.59
C VAL A 24 1.72 2.02 7.26
N VAL A 25 2.92 2.51 7.04
CA VAL A 25 3.12 3.94 6.70
C VAL A 25 3.45 4.07 5.21
N VAL A 26 2.65 4.78 4.47
CA VAL A 26 2.91 4.94 3.00
C VAL A 26 3.35 6.37 2.71
N ASN A 27 4.48 6.55 2.09
CA ASN A 27 4.97 7.93 1.78
C ASN A 27 5.36 8.04 0.30
N ASP A 28 4.85 9.03 -0.38
CA ASP A 28 5.16 9.20 -1.83
C ASP A 28 6.59 9.76 -2.00
N ARG A 29 7.25 9.39 -3.06
CA ARG A 29 8.64 9.89 -3.31
C ARG A 29 8.63 11.40 -3.59
N LEU A 30 7.60 11.90 -4.23
CA LEU A 30 7.53 13.36 -4.54
C LEU A 30 7.51 14.16 -3.22
N GLY A 31 6.67 13.79 -2.29
CA GLY A 31 6.60 14.51 -0.99
C GLY A 31 5.21 14.31 -0.37
N LYS A 32 4.94 13.12 0.12
CA LYS A 32 3.60 12.84 0.73
C LYS A 32 3.74 11.74 1.79
N LYS A 33 2.88 11.76 2.79
CA LYS A 33 2.97 10.71 3.86
C LYS A 33 1.57 10.44 4.46
N VAL A 34 1.15 9.19 4.42
CA VAL A 34 -0.19 8.82 4.98
C VAL A 34 -0.09 7.45 5.69
N ARG A 35 -1.03 7.16 6.57
CA ARG A 35 -1.02 5.86 7.29
C ARG A 35 -2.28 5.08 6.95
N VAL A 36 -2.15 3.81 6.65
CA VAL A 36 -3.33 2.96 6.30
C VAL A 36 -3.19 1.60 6.98
N LYS A 37 -4.28 1.09 7.52
CA LYS A 37 -4.21 -0.23 8.22
C LYS A 37 -4.90 -1.31 7.38
N CYS A 38 -4.33 -2.50 7.35
CA CYS A 38 -4.93 -3.62 6.56
C CYS A 38 -4.47 -4.97 7.12
N LEU A 39 -5.10 -6.05 6.74
CA LEU A 39 -4.70 -7.40 7.25
C LEU A 39 -3.61 -7.98 6.33
N ALA A 40 -2.68 -8.70 6.89
CA ALA A 40 -1.58 -9.31 6.05
C ALA A 40 -2.19 -10.31 5.07
N GLU A 41 -3.35 -10.84 5.38
CA GLU A 41 -4.01 -11.84 4.46
C GLU A 41 -4.78 -11.10 3.36
N ASP A 42 -5.11 -9.84 3.57
CA ASP A 42 -5.87 -9.06 2.54
C ASP A 42 -5.02 -8.91 1.27
N SER A 43 -5.65 -8.78 0.14
CA SER A 43 -4.90 -8.63 -1.15
C SER A 43 -4.46 -7.17 -1.35
N VAL A 44 -3.51 -6.95 -2.23
CA VAL A 44 -3.03 -5.56 -2.50
C VAL A 44 -4.19 -4.73 -3.05
N GLY A 45 -5.08 -5.34 -3.81
CA GLY A 45 -6.26 -4.59 -4.36
C GLY A 45 -7.03 -3.96 -3.21
N ASP A 46 -7.31 -4.72 -2.16
CA ASP A 46 -8.04 -4.16 -0.98
C ASP A 46 -7.14 -3.14 -0.28
N PHE A 47 -5.85 -3.41 -0.23
CA PHE A 47 -4.89 -2.46 0.42
C PHE A 47 -4.95 -1.10 -0.29
N LYS A 48 -5.02 -1.12 -1.61
CA LYS A 48 -5.10 0.16 -2.38
C LYS A 48 -6.49 0.79 -2.18
N LYS A 49 -7.51 -0.02 -2.02
CA LYS A 49 -8.90 0.52 -1.81
C LYS A 49 -8.94 1.34 -0.51
N VAL A 50 -8.35 0.81 0.55
CA VAL A 50 -8.33 1.55 1.85
C VAL A 50 -7.46 2.80 1.71
N LEU A 51 -6.39 2.71 0.95
CA LEU A 51 -5.49 3.89 0.75
C LEU A 51 -6.24 4.96 -0.06
N SER A 52 -6.95 4.55 -1.08
CA SER A 52 -7.72 5.52 -1.94
C SER A 52 -8.57 6.47 -1.08
N LEU A 53 -8.91 6.09 0.13
CA LEU A 53 -9.75 6.98 1.00
C LEU A 53 -8.93 8.20 1.45
N GLN A 54 -7.70 7.99 1.89
CA GLN A 54 -6.86 9.15 2.35
C GLN A 54 -6.18 9.87 1.18
N ILE A 55 -5.83 9.18 0.11
CA ILE A 55 -5.14 9.86 -1.04
C ILE A 55 -6.16 10.24 -2.12
N GLY A 56 -7.22 9.47 -2.28
CA GLY A 56 -8.23 9.79 -3.35
C GLY A 56 -7.60 9.48 -4.71
N THR A 57 -6.93 8.35 -4.81
CA THR A 57 -6.26 7.96 -6.09
C THR A 57 -6.94 6.73 -6.72
N GLN A 58 -7.87 6.11 -6.01
CA GLN A 58 -8.59 4.90 -6.55
C GLN A 58 -7.63 3.70 -6.65
N PRO A 59 -8.19 2.52 -6.49
CA PRO A 59 -7.41 1.26 -6.58
C PRO A 59 -7.09 0.94 -8.05
N ASN A 60 -6.35 1.82 -8.69
CA ASN A 60 -5.98 1.62 -10.12
C ASN A 60 -4.77 2.49 -10.46
N LYS A 61 -4.76 3.73 -10.00
CA LYS A 61 -3.60 4.64 -10.29
C LYS A 61 -2.65 4.67 -9.08
N ILE A 62 -2.80 3.76 -8.14
CA ILE A 62 -1.90 3.76 -6.95
C ILE A 62 -0.80 2.70 -7.16
N VAL A 63 0.44 3.10 -6.97
CA VAL A 63 1.58 2.15 -7.14
C VAL A 63 2.33 2.06 -5.80
N LEU A 64 2.23 0.94 -5.13
CA LEU A 64 2.92 0.79 -3.81
C LEU A 64 4.24 0.04 -3.99
N GLN A 65 5.29 0.50 -3.34
CA GLN A 65 6.62 -0.18 -3.47
C GLN A 65 7.10 -0.61 -2.08
N LYS A 66 7.31 -1.90 -1.90
CA LYS A 66 7.78 -2.41 -0.57
C LYS A 66 9.26 -2.83 -0.67
N GLY A 67 10.16 -1.90 -0.41
CA GLY A 67 11.62 -2.22 -0.49
C GLY A 67 12.00 -2.58 -1.92
N GLY A 68 11.64 -1.77 -2.88
CA GLY A 68 11.97 -2.06 -4.31
C GLY A 68 11.10 -3.21 -4.83
N SER A 69 9.83 -3.19 -4.52
CA SER A 69 8.92 -4.28 -4.99
C SER A 69 7.55 -3.69 -5.31
N VAL A 70 7.08 -3.84 -6.52
CA VAL A 70 5.75 -3.29 -6.90
C VAL A 70 4.63 -4.20 -6.37
N LEU A 71 3.68 -3.63 -5.68
CA LEU A 71 2.55 -4.45 -5.13
C LEU A 71 1.36 -4.39 -6.08
N LYS A 72 0.97 -5.51 -6.64
CA LYS A 72 -0.18 -5.54 -7.59
C LYS A 72 -1.40 -6.17 -6.92
N ASP A 73 -2.58 -5.72 -7.28
CA ASP A 73 -3.83 -6.29 -6.69
C ASP A 73 -3.91 -7.81 -6.94
N HIS A 74 -3.30 -8.28 -8.00
CA HIS A 74 -3.32 -9.74 -8.33
C HIS A 74 -2.55 -10.54 -7.26
N ILE A 75 -1.70 -9.89 -6.50
CA ILE A 75 -0.90 -10.61 -5.46
C ILE A 75 -1.41 -10.22 -4.07
N SER A 76 -1.35 -11.12 -3.11
CA SER A 76 -1.83 -10.80 -1.74
C SER A 76 -0.71 -10.16 -0.90
N LEU A 77 -1.08 -9.43 0.13
CA LEU A 77 -0.06 -8.77 1.01
C LEU A 77 0.83 -9.84 1.65
N GLU A 78 0.25 -10.96 2.04
CA GLU A 78 1.05 -12.06 2.66
C GLU A 78 2.16 -12.51 1.70
N ASP A 79 1.90 -12.48 0.41
CA ASP A 79 2.93 -12.89 -0.59
C ASP A 79 4.13 -11.92 -0.50
N TYR A 80 3.85 -10.64 -0.45
CA TYR A 80 4.96 -9.63 -0.35
C TYR A 80 5.54 -9.64 1.08
N GLU A 81 4.82 -10.20 2.03
CA GLU A 81 5.31 -10.24 3.45
C GLU A 81 5.23 -8.84 4.07
N VAL A 82 4.03 -8.42 4.43
CA VAL A 82 3.85 -7.08 5.05
C VAL A 82 3.91 -7.22 6.58
N HIS A 83 4.50 -6.25 7.26
CA HIS A 83 4.60 -6.33 8.75
C HIS A 83 4.00 -5.08 9.39
N ASP A 84 3.77 -5.13 10.69
CA ASP A 84 3.19 -3.96 11.41
C ASP A 84 4.21 -2.82 11.47
N GLN A 85 3.76 -1.60 11.32
CA GLN A 85 4.68 -0.41 11.37
C GLN A 85 5.75 -0.56 10.26
N THR A 86 5.37 -1.06 9.11
CA THR A 86 6.33 -1.22 7.99
C THR A 86 6.38 0.07 7.15
N ASN A 87 7.47 0.31 6.47
CA ASN A 87 7.60 1.53 5.63
C ASN A 87 7.30 1.18 4.17
N LEU A 88 6.29 1.78 3.60
CA LEU A 88 5.93 1.49 2.18
C LEU A 88 6.12 2.75 1.33
N GLU A 89 6.26 2.57 0.03
CA GLU A 89 6.47 3.74 -0.88
C GLU A 89 5.20 3.96 -1.73
N LEU A 90 4.89 5.20 -2.03
CA LEU A 90 3.68 5.49 -2.85
C LEU A 90 4.11 6.10 -4.19
N TYR A 91 3.43 5.73 -5.25
CA TYR A 91 3.77 6.26 -6.60
C TYR A 91 2.48 6.40 -7.42
N TYR A 92 2.43 7.35 -8.33
CA TYR A 92 1.20 7.53 -9.15
C TYR A 92 1.45 7.05 -10.59
N LEU A 93 0.53 6.30 -11.13
CA LEU A 93 0.68 5.78 -12.52
C LEU A 93 0.45 6.91 -13.54
N MET A 21 -5.29 -7.03 11.98
CA MET A 21 -5.12 -5.80 11.16
C MET A 21 -3.84 -5.07 11.58
N ILE A 22 -3.12 -4.52 10.63
CA ILE A 22 -1.87 -3.78 10.96
C ILE A 22 -1.93 -2.37 10.39
N GLU A 23 -1.09 -1.48 10.88
CA GLU A 23 -1.08 -0.08 10.37
C GLU A 23 0.25 0.20 9.66
N VAL A 24 0.21 0.37 8.36
CA VAL A 24 1.48 0.63 7.59
C VAL A 24 1.45 2.06 7.04
N VAL A 25 2.62 2.60 6.74
CA VAL A 25 2.70 3.98 6.19
C VAL A 25 3.34 3.94 4.79
N VAL A 26 2.88 4.80 3.90
CA VAL A 26 3.44 4.81 2.51
C VAL A 26 4.00 6.20 2.19
N ASN A 27 5.18 6.25 1.61
CA ASN A 27 5.80 7.57 1.25
C ASN A 27 5.89 7.69 -0.27
N ASP A 28 5.57 8.84 -0.81
CA ASP A 28 5.62 9.03 -2.29
C ASP A 28 7.06 9.33 -2.74
N ARG A 29 7.63 10.42 -2.25
CA ARG A 29 9.03 10.76 -2.65
C ARG A 29 9.62 11.77 -1.64
N LEU A 30 9.05 12.96 -1.57
CA LEU A 30 9.57 13.99 -0.62
C LEU A 30 8.40 14.78 -0.02
N GLY A 31 8.37 14.90 1.29
CA GLY A 31 7.26 15.64 1.96
C GLY A 31 5.92 14.97 1.66
N LYS A 32 5.89 13.65 1.65
CA LYS A 32 4.61 12.92 1.36
C LYS A 32 4.57 11.62 2.16
N LYS A 33 3.64 11.53 3.10
CA LYS A 33 3.52 10.30 3.93
C LYS A 33 2.06 10.05 4.27
N VAL A 34 1.52 8.93 3.84
CA VAL A 34 0.09 8.61 4.12
C VAL A 34 0.01 7.35 4.98
N ARG A 35 -0.96 7.27 5.87
CA ARG A 35 -1.11 6.06 6.74
C ARG A 35 -2.31 5.23 6.27
N VAL A 36 -2.19 3.92 6.30
CA VAL A 36 -3.32 3.05 5.84
C VAL A 36 -3.26 1.71 6.61
N LYS A 37 -4.39 1.25 7.08
CA LYS A 37 -4.43 -0.05 7.83
C LYS A 37 -4.96 -1.18 6.93
N CYS A 38 -4.48 -2.39 7.15
CA CYS A 38 -4.94 -3.55 6.31
C CYS A 38 -4.53 -4.86 7.00
N LEU A 39 -5.21 -5.94 6.70
CA LEU A 39 -4.86 -7.26 7.32
C LEU A 39 -3.81 -7.97 6.45
N ALA A 40 -2.95 -8.75 7.06
CA ALA A 40 -1.89 -9.47 6.29
C ALA A 40 -2.54 -10.48 5.32
N GLU A 41 -3.75 -10.92 5.62
CA GLU A 41 -4.46 -11.89 4.72
C GLU A 41 -5.08 -11.14 3.55
N ASP A 42 -5.31 -9.84 3.69
CA ASP A 42 -5.93 -9.05 2.57
C ASP A 42 -4.91 -8.92 1.43
N SER A 43 -5.40 -8.82 0.21
CA SER A 43 -4.48 -8.70 -0.97
C SER A 43 -4.15 -7.23 -1.23
N VAL A 44 -3.25 -6.98 -2.15
CA VAL A 44 -2.87 -5.56 -2.49
C VAL A 44 -4.10 -4.83 -3.04
N GLY A 45 -5.03 -5.55 -3.64
CA GLY A 45 -6.27 -4.89 -4.16
C GLY A 45 -6.99 -4.20 -3.00
N ASP A 46 -7.14 -4.91 -1.89
CA ASP A 46 -7.80 -4.30 -0.69
C ASP A 46 -6.88 -3.23 -0.10
N PHE A 47 -5.58 -3.46 -0.17
CA PHE A 47 -4.60 -2.46 0.36
C PHE A 47 -4.78 -1.14 -0.40
N LYS A 48 -4.88 -1.20 -1.71
CA LYS A 48 -5.06 0.03 -2.52
C LYS A 48 -6.49 0.58 -2.30
N LYS A 49 -7.43 -0.29 -2.00
CA LYS A 49 -8.84 0.16 -1.76
C LYS A 49 -8.89 1.05 -0.51
N VAL A 50 -8.18 0.68 0.53
CA VAL A 50 -8.17 1.51 1.78
C VAL A 50 -7.34 2.77 1.55
N LEU A 51 -6.26 2.67 0.82
CA LEU A 51 -5.40 3.87 0.56
C LEU A 51 -6.15 4.87 -0.32
N SER A 52 -6.80 4.41 -1.36
CA SER A 52 -7.56 5.33 -2.28
C SER A 52 -8.59 6.16 -1.49
N LEU A 53 -9.02 5.69 -0.34
CA LEU A 53 -10.02 6.47 0.47
C LEU A 53 -9.33 7.66 1.14
N GLN A 54 -8.08 7.51 1.54
CA GLN A 54 -7.34 8.64 2.20
C GLN A 54 -6.77 9.60 1.15
N ILE A 55 -6.07 9.08 0.16
CA ILE A 55 -5.47 9.98 -0.88
C ILE A 55 -6.51 10.37 -1.95
N GLY A 56 -7.54 9.56 -2.13
CA GLY A 56 -8.56 9.88 -3.17
C GLY A 56 -7.93 9.69 -4.55
N THR A 57 -7.14 8.66 -4.72
CA THR A 57 -6.46 8.40 -6.02
C THR A 57 -7.04 7.13 -6.68
N GLN A 58 -7.91 6.42 -6.01
CA GLN A 58 -8.52 5.17 -6.58
C GLN A 58 -7.43 4.08 -6.72
N PRO A 59 -7.87 2.84 -6.74
CA PRO A 59 -6.96 1.68 -6.87
C PRO A 59 -6.43 1.53 -8.30
N ASN A 60 -6.94 2.32 -9.23
CA ASN A 60 -6.45 2.23 -10.64
C ASN A 60 -5.25 3.17 -10.84
N LYS A 61 -5.18 4.25 -10.10
CA LYS A 61 -4.03 5.20 -10.25
C LYS A 61 -3.06 5.08 -9.07
N ILE A 62 -3.22 4.09 -8.21
CA ILE A 62 -2.30 3.94 -7.04
C ILE A 62 -1.26 2.84 -7.36
N VAL A 63 0.01 3.17 -7.22
CA VAL A 63 1.08 2.16 -7.49
C VAL A 63 1.90 1.97 -6.20
N LEU A 64 1.70 0.87 -5.52
CA LEU A 64 2.45 0.63 -4.24
C LEU A 64 3.62 -0.33 -4.48
N GLN A 65 4.74 -0.10 -3.83
CA GLN A 65 5.94 -0.98 -4.00
C GLN A 65 6.70 -1.08 -2.67
N LYS A 66 7.49 -2.11 -2.51
CA LYS A 66 8.28 -2.27 -1.23
C LYS A 66 9.72 -1.78 -1.45
N GLY A 67 9.93 -0.89 -2.40
CA GLY A 67 11.31 -0.37 -2.64
C GLY A 67 11.99 -1.20 -3.73
N GLY A 68 11.43 -1.22 -4.93
CA GLY A 68 12.05 -2.00 -6.04
C GLY A 68 11.05 -3.06 -6.56
N SER A 69 10.16 -3.54 -5.72
CA SER A 69 9.16 -4.57 -6.17
C SER A 69 7.76 -3.98 -6.12
N VAL A 70 7.06 -3.96 -7.24
CA VAL A 70 5.67 -3.40 -7.26
C VAL A 70 4.69 -4.44 -6.70
N LEU A 71 3.85 -4.04 -5.78
CA LEU A 71 2.87 -4.98 -5.17
C LEU A 71 1.65 -5.12 -6.11
N LYS A 72 1.34 -6.33 -6.51
CA LYS A 72 0.17 -6.54 -7.43
C LYS A 72 -1.08 -6.91 -6.62
N ASP A 73 -2.23 -6.53 -7.11
CA ASP A 73 -3.52 -6.83 -6.40
C ASP A 73 -3.82 -8.34 -6.46
N HIS A 74 -3.24 -9.05 -7.42
CA HIS A 74 -3.49 -10.52 -7.53
C HIS A 74 -2.69 -11.29 -6.46
N ILE A 75 -1.81 -10.64 -5.75
CA ILE A 75 -1.00 -11.35 -4.70
C ILE A 75 -1.43 -10.86 -3.30
N SER A 76 -1.46 -11.75 -2.34
CA SER A 76 -1.87 -11.37 -0.96
C SER A 76 -0.74 -10.59 -0.27
N LEU A 77 -1.08 -9.72 0.66
CA LEU A 77 -0.04 -8.93 1.40
C LEU A 77 0.88 -9.89 2.17
N GLU A 78 0.35 -11.01 2.62
CA GLU A 78 1.18 -12.01 3.37
C GLU A 78 2.33 -12.48 2.48
N ASP A 79 2.07 -12.65 1.20
CA ASP A 79 3.16 -13.11 0.27
C ASP A 79 4.28 -12.07 0.24
N TYR A 80 3.95 -10.81 0.19
CA TYR A 80 4.99 -9.73 0.17
C TYR A 80 5.64 -9.61 1.57
N GLU A 81 5.00 -10.16 2.59
CA GLU A 81 5.55 -10.10 3.98
C GLU A 81 5.41 -8.68 4.54
N VAL A 82 4.22 -8.14 4.52
CA VAL A 82 3.99 -6.75 5.06
C VAL A 82 3.83 -6.84 6.59
N HIS A 83 4.72 -6.21 7.32
CA HIS A 83 4.63 -6.24 8.82
C HIS A 83 3.92 -4.99 9.32
N ASP A 84 3.55 -4.97 10.58
CA ASP A 84 2.84 -3.79 11.16
C ASP A 84 3.82 -2.62 11.30
N GLN A 85 3.35 -1.41 11.04
CA GLN A 85 4.24 -0.20 11.14
C GLN A 85 5.40 -0.32 10.14
N THR A 86 5.17 -0.92 9.00
CA THR A 86 6.26 -1.07 7.99
C THR A 86 6.24 0.15 7.04
N ASN A 87 7.36 0.45 6.42
CA ASN A 87 7.42 1.62 5.49
C ASN A 87 7.27 1.13 4.05
N LEU A 88 6.28 1.64 3.35
CA LEU A 88 6.04 1.22 1.95
C LEU A 88 6.20 2.43 1.02
N GLU A 89 6.30 2.18 -0.27
CA GLU A 89 6.45 3.31 -1.25
C GLU A 89 5.11 3.50 -1.99
N LEU A 90 4.78 4.72 -2.32
CA LEU A 90 3.50 4.99 -3.04
C LEU A 90 3.77 5.86 -4.27
N TYR A 91 3.09 5.58 -5.36
CA TYR A 91 3.29 6.39 -6.60
C TYR A 91 1.95 6.58 -7.30
N TYR A 92 1.76 7.69 -7.97
CA TYR A 92 0.47 7.95 -8.66
C TYR A 92 0.62 7.67 -10.16
N LEU A 93 -0.04 6.64 -10.65
CA LEU A 93 0.05 6.31 -12.11
C LEU A 93 -1.18 5.46 -12.50
N MET A 21 -5.36 -6.80 12.28
CA MET A 21 -5.15 -5.57 11.46
C MET A 21 -3.78 -4.95 11.76
N ILE A 22 -3.13 -4.42 10.76
CA ILE A 22 -1.79 -3.79 10.97
C ILE A 22 -1.78 -2.36 10.38
N GLU A 23 -0.83 -1.56 10.80
CA GLU A 23 -0.74 -0.16 10.28
C GLU A 23 0.38 -0.08 9.24
N VAL A 24 0.14 0.58 8.13
CA VAL A 24 1.20 0.69 7.07
C VAL A 24 1.46 2.17 6.77
N VAL A 25 2.63 2.47 6.25
CA VAL A 25 2.98 3.89 5.93
C VAL A 25 3.59 3.93 4.52
N VAL A 26 2.89 4.53 3.57
CA VAL A 26 3.42 4.61 2.18
C VAL A 26 4.05 5.99 1.94
N ASN A 27 5.19 6.01 1.29
CA ASN A 27 5.88 7.32 1.00
C ASN A 27 5.69 7.67 -0.47
N ASP A 28 5.17 8.84 -0.74
CA ASP A 28 4.94 9.26 -2.17
C ASP A 28 6.28 9.58 -2.85
N ARG A 29 6.99 10.56 -2.34
CA ARG A 29 8.32 10.94 -2.95
C ARG A 29 9.32 11.25 -1.84
N LEU A 30 9.11 12.31 -1.10
CA LEU A 30 10.05 12.66 0.01
C LEU A 30 9.33 13.59 1.01
N GLY A 31 9.04 13.09 2.19
CA GLY A 31 8.33 13.93 3.21
C GLY A 31 6.83 13.60 3.19
N LYS A 32 6.22 13.64 2.03
CA LYS A 32 4.75 13.35 1.92
C LYS A 32 4.52 11.83 2.03
N LYS A 33 3.71 11.42 2.98
CA LYS A 33 3.42 9.96 3.16
C LYS A 33 1.97 9.78 3.65
N VAL A 34 1.38 8.63 3.36
CA VAL A 34 -0.03 8.38 3.79
C VAL A 34 -0.08 7.14 4.70
N ARG A 35 -0.97 7.14 5.67
CA ARG A 35 -1.08 5.95 6.59
C ARG A 35 -2.32 5.15 6.23
N VAL A 36 -2.22 3.84 6.25
CA VAL A 36 -3.40 2.99 5.90
C VAL A 36 -3.33 1.68 6.71
N LYS A 37 -4.43 1.29 7.31
CA LYS A 37 -4.44 0.03 8.12
C LYS A 37 -5.18 -1.08 7.36
N CYS A 38 -4.63 -2.28 7.39
CA CYS A 38 -5.27 -3.43 6.68
C CYS A 38 -4.76 -4.75 7.28
N LEU A 39 -5.33 -5.87 6.89
CA LEU A 39 -4.86 -7.18 7.43
C LEU A 39 -3.76 -7.75 6.54
N ALA A 40 -2.80 -8.42 7.13
CA ALA A 40 -1.69 -9.02 6.32
C ALA A 40 -2.24 -10.10 5.39
N GLU A 41 -3.39 -10.66 5.71
CA GLU A 41 -4.00 -11.72 4.85
C GLU A 41 -4.67 -11.07 3.63
N ASP A 42 -5.05 -9.81 3.74
CA ASP A 42 -5.70 -9.11 2.60
C ASP A 42 -4.71 -8.98 1.43
N SER A 43 -5.22 -8.87 0.23
CA SER A 43 -4.31 -8.74 -0.96
C SER A 43 -3.98 -7.27 -1.23
N VAL A 44 -3.11 -7.01 -2.18
CA VAL A 44 -2.72 -5.60 -2.50
C VAL A 44 -3.95 -4.84 -3.02
N GLY A 45 -4.89 -5.54 -3.63
CA GLY A 45 -6.13 -4.87 -4.14
C GLY A 45 -6.85 -4.21 -2.94
N ASP A 46 -6.99 -4.93 -1.85
CA ASP A 46 -7.65 -4.36 -0.64
C ASP A 46 -6.80 -3.20 -0.10
N PHE A 47 -5.49 -3.35 -0.15
CA PHE A 47 -4.57 -2.27 0.34
C PHE A 47 -4.82 -1.00 -0.50
N LYS A 48 -4.91 -1.14 -1.81
CA LYS A 48 -5.15 0.04 -2.69
C LYS A 48 -6.55 0.61 -2.46
N LYS A 49 -7.50 -0.24 -2.13
CA LYS A 49 -8.90 0.24 -1.90
C LYS A 49 -8.96 1.10 -0.62
N VAL A 50 -8.36 0.63 0.46
CA VAL A 50 -8.37 1.42 1.73
C VAL A 50 -7.47 2.65 1.59
N LEU A 51 -6.34 2.51 0.93
CA LEU A 51 -5.42 3.67 0.74
C LEU A 51 -6.06 4.71 -0.18
N SER A 52 -6.57 4.29 -1.31
CA SER A 52 -7.21 5.24 -2.28
C SER A 52 -8.36 6.02 -1.62
N LEU A 53 -8.98 5.46 -0.60
CA LEU A 53 -10.10 6.18 0.08
C LEU A 53 -9.57 7.43 0.80
N GLN A 54 -8.37 7.36 1.35
CA GLN A 54 -7.79 8.54 2.07
C GLN A 54 -7.17 9.52 1.07
N ILE A 55 -6.34 9.03 0.16
CA ILE A 55 -5.68 9.94 -0.83
C ILE A 55 -6.69 10.41 -1.89
N GLY A 56 -7.73 9.66 -2.12
CA GLY A 56 -8.73 10.04 -3.17
C GLY A 56 -8.07 9.88 -4.54
N THR A 57 -7.31 8.84 -4.72
CA THR A 57 -6.62 8.60 -6.01
C THR A 57 -7.12 7.30 -6.67
N GLN A 58 -8.11 6.66 -6.09
CA GLN A 58 -8.66 5.38 -6.65
C GLN A 58 -7.60 4.27 -6.58
N PRO A 59 -8.04 3.04 -6.55
CA PRO A 59 -7.15 1.86 -6.47
C PRO A 59 -6.49 1.58 -7.84
N ASN A 60 -7.01 2.15 -8.90
CA ASN A 60 -6.42 1.90 -10.26
C ASN A 60 -5.44 3.02 -10.64
N LYS A 61 -5.32 4.08 -9.84
CA LYS A 61 -4.37 5.18 -10.18
C LYS A 61 -3.27 5.28 -9.11
N ILE A 62 -3.01 4.20 -8.40
CA ILE A 62 -1.93 4.24 -7.35
C ILE A 62 -0.99 3.04 -7.52
N VAL A 63 0.29 3.31 -7.57
CA VAL A 63 1.30 2.21 -7.73
C VAL A 63 2.03 2.03 -6.38
N LEU A 64 1.84 0.90 -5.75
CA LEU A 64 2.52 0.65 -4.44
C LEU A 64 3.78 -0.21 -4.66
N GLN A 65 4.81 0.04 -3.89
CA GLN A 65 6.08 -0.75 -4.05
C GLN A 65 6.61 -1.16 -2.68
N LYS A 66 7.17 -2.35 -2.57
CA LYS A 66 7.72 -2.82 -1.26
C LYS A 66 9.20 -2.46 -1.15
N GLY A 67 10.01 -2.93 -2.08
CA GLY A 67 11.48 -2.61 -2.05
C GLY A 67 12.04 -2.73 -3.47
N GLY A 68 11.72 -1.77 -4.32
CA GLY A 68 12.22 -1.81 -5.73
C GLY A 68 11.35 -2.75 -6.57
N SER A 69 10.10 -2.95 -6.18
CA SER A 69 9.19 -3.84 -6.94
C SER A 69 7.74 -3.41 -6.71
N VAL A 70 6.94 -3.42 -7.75
CA VAL A 70 5.50 -2.99 -7.60
C VAL A 70 4.66 -4.13 -7.00
N LEU A 71 3.66 -3.77 -6.21
CA LEU A 71 2.78 -4.81 -5.59
C LEU A 71 1.53 -5.01 -6.46
N LYS A 72 1.10 -6.24 -6.64
CA LYS A 72 -0.10 -6.50 -7.48
C LYS A 72 -1.25 -7.03 -6.63
N ASP A 73 -2.47 -6.71 -7.00
CA ASP A 73 -3.66 -7.18 -6.21
C ASP A 73 -3.74 -8.72 -6.22
N HIS A 74 -3.20 -9.35 -7.25
CA HIS A 74 -3.26 -10.84 -7.33
C HIS A 74 -2.35 -11.49 -6.25
N ILE A 75 -1.53 -10.72 -5.57
CA ILE A 75 -0.65 -11.30 -4.52
C ILE A 75 -1.11 -10.81 -3.14
N SER A 76 -1.00 -11.66 -2.14
CA SER A 76 -1.44 -11.27 -0.76
C SER A 76 -0.38 -10.36 -0.11
N LEU A 77 -0.82 -9.49 0.78
CA LEU A 77 0.14 -8.56 1.47
C LEU A 77 1.17 -9.39 2.27
N GLU A 78 0.75 -10.50 2.82
CA GLU A 78 1.70 -11.36 3.60
C GLU A 78 2.81 -11.87 2.68
N ASP A 79 2.50 -12.13 1.43
CA ASP A 79 3.53 -12.61 0.46
C ASP A 79 4.58 -11.52 0.25
N TYR A 80 4.15 -10.28 0.12
CA TYR A 80 5.09 -9.14 -0.07
C TYR A 80 5.81 -8.81 1.25
N GLU A 81 5.29 -9.30 2.37
CA GLU A 81 5.90 -9.02 3.71
C GLU A 81 5.43 -7.65 4.20
N VAL A 82 4.20 -7.58 4.65
CA VAL A 82 3.64 -6.29 5.16
C VAL A 82 3.26 -6.49 6.63
N HIS A 83 4.04 -5.95 7.54
CA HIS A 83 3.75 -6.11 8.99
C HIS A 83 3.26 -4.79 9.60
N ASP A 84 3.03 -4.78 10.89
CA ASP A 84 2.55 -3.54 11.57
C ASP A 84 3.64 -2.46 11.55
N GLN A 85 3.26 -1.23 11.27
CA GLN A 85 4.24 -0.10 11.22
C GLN A 85 5.34 -0.40 10.18
N THR A 86 4.97 -0.99 9.06
CA THR A 86 5.98 -1.31 8.01
C THR A 86 6.06 -0.13 7.01
N ASN A 87 7.15 -0.02 6.29
CA ASN A 87 7.29 1.09 5.31
C ASN A 87 6.95 0.62 3.90
N LEU A 88 6.30 1.46 3.13
CA LEU A 88 5.92 1.08 1.73
C LEU A 88 6.11 2.30 0.81
N GLU A 89 5.99 2.10 -0.49
CA GLU A 89 6.16 3.23 -1.45
C GLU A 89 4.83 3.48 -2.17
N LEU A 90 4.55 4.73 -2.49
CA LEU A 90 3.27 5.07 -3.19
C LEU A 90 3.56 6.00 -4.37
N TYR A 91 2.99 5.71 -5.51
CA TYR A 91 3.19 6.57 -6.72
C TYR A 91 1.85 6.77 -7.44
N TYR A 92 1.74 7.79 -8.25
CA TYR A 92 0.46 8.04 -8.97
C TYR A 92 0.66 7.81 -10.48
N LEU A 93 -0.01 6.82 -11.02
CA LEU A 93 0.11 6.51 -12.49
C LEU A 93 1.45 5.79 -12.76
N MET A 21 -5.30 -6.72 12.23
CA MET A 21 -5.07 -5.54 11.34
C MET A 21 -3.71 -4.91 11.66
N ILE A 22 -3.02 -4.44 10.64
CA ILE A 22 -1.67 -3.81 10.86
C ILE A 22 -1.66 -2.39 10.29
N GLU A 23 -0.72 -1.58 10.71
CA GLU A 23 -0.61 -0.18 10.20
C GLU A 23 0.52 -0.10 9.16
N VAL A 24 0.37 0.75 8.17
CA VAL A 24 1.43 0.86 7.13
C VAL A 24 1.71 2.34 6.82
N VAL A 25 2.90 2.63 6.33
CA VAL A 25 3.26 4.04 5.98
C VAL A 25 3.65 4.08 4.50
N VAL A 26 2.89 4.78 3.68
CA VAL A 26 3.21 4.83 2.22
C VAL A 26 3.84 6.20 1.89
N ASN A 27 5.10 6.20 1.53
CA ASN A 27 5.80 7.48 1.18
C ASN A 27 5.82 7.65 -0.34
N ASP A 28 5.37 8.78 -0.83
CA ASP A 28 5.33 9.00 -2.31
C ASP A 28 6.75 9.28 -2.83
N ARG A 29 7.36 10.36 -2.39
CA ARG A 29 8.74 10.69 -2.86
C ARG A 29 9.60 11.14 -1.68
N LEU A 30 9.28 12.28 -1.09
CA LEU A 30 10.09 12.77 0.08
C LEU A 30 9.27 13.83 0.84
N GLY A 31 8.91 13.52 2.08
CA GLY A 31 8.11 14.49 2.90
C GLY A 31 6.61 14.13 2.85
N LYS A 32 6.17 13.48 1.78
CA LYS A 32 4.73 13.12 1.67
C LYS A 32 4.53 11.64 2.03
N LYS A 33 3.71 11.37 3.02
CA LYS A 33 3.46 9.95 3.43
C LYS A 33 1.99 9.78 3.87
N VAL A 34 1.43 8.61 3.68
CA VAL A 34 0.01 8.36 4.07
C VAL A 34 -0.06 7.15 5.02
N ARG A 35 -0.96 7.19 5.97
CA ARG A 35 -1.11 6.05 6.92
C ARG A 35 -2.31 5.19 6.50
N VAL A 36 -2.12 3.90 6.39
CA VAL A 36 -3.23 3.01 5.96
C VAL A 36 -3.19 1.69 6.76
N LYS A 37 -4.31 1.27 7.30
CA LYS A 37 -4.36 0.01 8.10
C LYS A 37 -5.06 -1.09 7.31
N CYS A 38 -4.50 -2.29 7.31
CA CYS A 38 -5.12 -3.43 6.57
C CYS A 38 -4.63 -4.76 7.16
N LEU A 39 -5.28 -5.85 6.83
CA LEU A 39 -4.84 -7.19 7.36
C LEU A 39 -3.78 -7.79 6.44
N ALA A 40 -2.84 -8.52 7.00
CA ALA A 40 -1.76 -9.15 6.17
C ALA A 40 -2.38 -10.17 5.18
N GLU A 41 -3.56 -10.68 5.49
CA GLU A 41 -4.22 -11.67 4.59
C GLU A 41 -4.83 -10.93 3.38
N ASP A 42 -5.09 -9.65 3.51
CA ASP A 42 -5.68 -8.87 2.39
C ASP A 42 -4.66 -8.76 1.24
N SER A 43 -5.13 -8.53 0.05
CA SER A 43 -4.20 -8.41 -1.13
C SER A 43 -3.86 -6.93 -1.38
N VAL A 44 -2.98 -6.68 -2.33
CA VAL A 44 -2.60 -5.27 -2.65
C VAL A 44 -3.84 -4.51 -3.15
N GLY A 45 -4.77 -5.21 -3.77
CA GLY A 45 -6.01 -4.53 -4.27
C GLY A 45 -6.73 -3.88 -3.07
N ASP A 46 -6.83 -4.58 -1.97
CA ASP A 46 -7.48 -4.01 -0.74
C ASP A 46 -6.62 -2.84 -0.23
N PHE A 47 -5.31 -2.98 -0.29
CA PHE A 47 -4.40 -1.89 0.16
C PHE A 47 -4.70 -0.61 -0.62
N LYS A 48 -4.91 -0.73 -1.91
CA LYS A 48 -5.23 0.47 -2.75
C LYS A 48 -6.63 1.00 -2.40
N LYS A 49 -7.56 0.10 -2.14
CA LYS A 49 -8.95 0.53 -1.80
C LYS A 49 -8.93 1.38 -0.51
N VAL A 50 -8.23 0.92 0.50
CA VAL A 50 -8.16 1.71 1.78
C VAL A 50 -7.38 3.01 1.52
N LEU A 51 -6.36 2.95 0.69
CA LEU A 51 -5.57 4.19 0.37
C LEU A 51 -6.48 5.25 -0.23
N SER A 52 -7.37 4.84 -1.12
CA SER A 52 -8.30 5.80 -1.79
C SER A 52 -9.13 6.56 -0.73
N LEU A 53 -9.41 5.94 0.40
CA LEU A 53 -10.22 6.63 1.45
C LEU A 53 -9.40 7.79 2.05
N GLN A 54 -8.10 7.64 2.10
CA GLN A 54 -7.23 8.73 2.68
C GLN A 54 -6.94 9.81 1.62
N ILE A 55 -6.63 9.43 0.40
CA ILE A 55 -6.32 10.46 -0.65
C ILE A 55 -7.40 10.49 -1.74
N GLY A 56 -7.82 9.35 -2.23
CA GLY A 56 -8.88 9.33 -3.30
C GLY A 56 -8.23 9.04 -4.66
N THR A 57 -7.52 7.95 -4.77
CA THR A 57 -6.87 7.59 -6.07
C THR A 57 -7.56 6.35 -6.68
N GLN A 58 -8.25 5.57 -5.87
CA GLN A 58 -8.95 4.34 -6.38
C GLN A 58 -7.95 3.25 -6.75
N PRO A 59 -8.41 2.02 -6.73
CA PRO A 59 -7.58 0.85 -7.08
C PRO A 59 -7.39 0.78 -8.61
N ASN A 60 -6.64 1.72 -9.14
CA ASN A 60 -6.38 1.75 -10.63
C ASN A 60 -5.20 2.69 -10.90
N LYS A 61 -5.20 3.86 -10.31
CA LYS A 61 -4.07 4.82 -10.53
C LYS A 61 -3.07 4.75 -9.36
N ILE A 62 -3.21 3.79 -8.47
CA ILE A 62 -2.28 3.68 -7.31
C ILE A 62 -1.19 2.64 -7.61
N VAL A 63 0.05 3.00 -7.35
CA VAL A 63 1.18 2.06 -7.58
C VAL A 63 1.94 1.86 -6.26
N LEU A 64 1.81 0.71 -5.65
CA LEU A 64 2.50 0.46 -4.34
C LEU A 64 3.80 -0.30 -4.57
N GLN A 65 4.87 0.11 -3.91
CA GLN A 65 6.18 -0.60 -4.07
C GLN A 65 6.71 -1.02 -2.69
N LYS A 66 7.34 -2.18 -2.62
CA LYS A 66 7.89 -2.65 -1.31
C LYS A 66 9.39 -2.95 -1.44
N GLY A 67 10.22 -1.94 -1.27
CA GLY A 67 11.69 -2.14 -1.38
C GLY A 67 12.10 -2.37 -2.84
N GLY A 68 11.69 -1.50 -3.74
CA GLY A 68 12.06 -1.65 -5.18
C GLY A 68 11.31 -2.84 -5.79
N SER A 69 10.04 -2.97 -5.52
CA SER A 69 9.24 -4.10 -6.09
C SER A 69 7.80 -3.64 -6.34
N VAL A 70 7.27 -3.91 -7.51
CA VAL A 70 5.86 -3.48 -7.83
C VAL A 70 4.88 -4.44 -7.16
N LEU A 71 3.99 -3.90 -6.34
CA LEU A 71 2.98 -4.76 -5.64
C LEU A 71 1.73 -4.87 -6.52
N LYS A 72 1.30 -6.08 -6.79
CA LYS A 72 0.09 -6.27 -7.65
C LYS A 72 -1.09 -6.76 -6.80
N ASP A 73 -2.29 -6.35 -7.17
CA ASP A 73 -3.51 -6.78 -6.41
C ASP A 73 -3.66 -8.31 -6.46
N HIS A 74 -3.12 -8.95 -7.47
CA HIS A 74 -3.22 -10.43 -7.61
C HIS A 74 -2.38 -11.14 -6.53
N ILE A 75 -1.53 -10.42 -5.83
CA ILE A 75 -0.69 -11.06 -4.77
C ILE A 75 -1.15 -10.59 -3.39
N SER A 76 -1.13 -11.47 -2.42
CA SER A 76 -1.57 -11.08 -1.04
C SER A 76 -0.47 -10.27 -0.34
N LEU A 77 -0.86 -9.43 0.60
CA LEU A 77 0.15 -8.60 1.34
C LEU A 77 1.10 -9.52 2.12
N GLU A 78 0.62 -10.65 2.57
CA GLU A 78 1.49 -11.60 3.34
C GLU A 78 2.66 -12.06 2.45
N ASP A 79 2.43 -12.20 1.16
CA ASP A 79 3.52 -12.63 0.23
C ASP A 79 4.61 -11.54 0.19
N TYR A 80 4.21 -10.30 0.08
CA TYR A 80 5.20 -9.18 0.04
C TYR A 80 5.80 -8.97 1.44
N GLU A 81 5.16 -9.50 2.48
CA GLU A 81 5.66 -9.36 3.88
C GLU A 81 5.34 -7.96 4.42
N VAL A 82 4.08 -7.69 4.63
CA VAL A 82 3.66 -6.36 5.18
C VAL A 82 3.28 -6.54 6.65
N HIS A 83 4.05 -5.95 7.55
CA HIS A 83 3.76 -6.10 9.01
C HIS A 83 3.28 -4.76 9.60
N ASP A 84 3.02 -4.74 10.89
CA ASP A 84 2.54 -3.48 11.55
C ASP A 84 3.67 -2.44 11.55
N GLN A 85 3.34 -1.20 11.27
CA GLN A 85 4.36 -0.11 11.25
C GLN A 85 5.44 -0.41 10.20
N THR A 86 5.05 -0.98 9.07
CA THR A 86 6.05 -1.30 8.01
C THR A 86 6.14 -0.12 7.02
N ASN A 87 7.21 -0.03 6.27
CA ASN A 87 7.36 1.09 5.30
C ASN A 87 6.97 0.63 3.89
N LEU A 88 6.32 1.50 3.15
CA LEU A 88 5.89 1.15 1.75
C LEU A 88 6.06 2.38 0.85
N GLU A 89 6.04 2.19 -0.45
CA GLU A 89 6.19 3.34 -1.40
C GLU A 89 4.87 3.60 -2.12
N LEU A 90 4.59 4.84 -2.45
CA LEU A 90 3.33 5.18 -3.16
C LEU A 90 3.64 5.95 -4.45
N TYR A 91 3.08 5.53 -5.55
CA TYR A 91 3.33 6.22 -6.85
C TYR A 91 2.01 6.37 -7.61
N TYR A 92 1.88 7.39 -8.43
CA TYR A 92 0.61 7.59 -9.19
C TYR A 92 0.85 7.26 -10.67
N LEU A 93 0.11 6.30 -11.20
CA LEU A 93 0.24 5.89 -12.63
C LEU A 93 1.51 5.03 -12.81
N MET A 21 -4.87 -7.26 11.99
CA MET A 21 -4.77 -5.92 11.34
C MET A 21 -3.48 -5.23 11.79
N ILE A 22 -2.74 -4.67 10.87
CA ILE A 22 -1.46 -3.97 11.23
C ILE A 22 -1.51 -2.52 10.73
N GLU A 23 -0.66 -1.68 11.27
CA GLU A 23 -0.63 -0.24 10.83
C GLU A 23 0.65 0.00 10.03
N VAL A 24 0.52 0.27 8.76
CA VAL A 24 1.73 0.51 7.90
C VAL A 24 1.77 1.98 7.44
N VAL A 25 2.94 2.48 7.16
CA VAL A 25 3.07 3.90 6.70
C VAL A 25 3.50 3.92 5.23
N VAL A 26 2.89 4.77 4.43
CA VAL A 26 3.25 4.83 2.97
C VAL A 26 3.74 6.25 2.64
N ASN A 27 4.94 6.36 2.11
CA ASN A 27 5.50 7.70 1.75
C ASN A 27 5.55 7.84 0.22
N ASP A 28 5.22 9.00 -0.30
CA ASP A 28 5.23 9.21 -1.78
C ASP A 28 6.65 9.47 -2.30
N ARG A 29 7.62 9.65 -1.42
CA ARG A 29 9.04 9.90 -1.86
C ARG A 29 9.12 11.25 -2.60
N LEU A 30 8.33 12.21 -2.17
CA LEU A 30 8.36 13.55 -2.83
C LEU A 30 7.86 14.60 -1.83
N GLY A 31 6.65 14.46 -1.36
CA GLY A 31 6.09 15.43 -0.38
C GLY A 31 4.71 14.96 0.08
N LYS A 32 4.59 13.70 0.43
CA LYS A 32 3.28 13.16 0.89
C LYS A 32 3.49 11.93 1.77
N LYS A 33 2.83 11.88 2.89
CA LYS A 33 2.98 10.70 3.81
C LYS A 33 1.59 10.26 4.30
N VAL A 34 1.13 9.12 3.84
CA VAL A 34 -0.23 8.63 4.26
C VAL A 34 -0.08 7.31 5.02
N ARG A 35 -0.74 7.20 6.14
CA ARG A 35 -0.68 5.93 6.95
C ARG A 35 -1.98 5.15 6.73
N VAL A 36 -1.93 3.85 6.79
CA VAL A 36 -3.17 3.03 6.57
C VAL A 36 -3.05 1.68 7.29
N LYS A 37 -4.16 1.12 7.69
CA LYS A 37 -4.13 -0.20 8.40
C LYS A 37 -4.75 -1.29 7.52
N CYS A 38 -4.20 -2.47 7.54
CA CYS A 38 -4.74 -3.59 6.71
C CYS A 38 -4.26 -4.93 7.28
N LEU A 39 -4.99 -6.00 7.02
CA LEU A 39 -4.58 -7.34 7.54
C LEU A 39 -3.47 -7.91 6.64
N ALA A 40 -2.56 -8.65 7.21
CA ALA A 40 -1.45 -9.25 6.41
C ALA A 40 -2.03 -10.25 5.38
N GLU A 41 -3.21 -10.77 5.64
CA GLU A 41 -3.83 -11.73 4.68
C GLU A 41 -4.64 -10.98 3.62
N ASP A 42 -4.94 -9.71 3.84
CA ASP A 42 -5.73 -8.93 2.84
C ASP A 42 -4.96 -8.86 1.51
N SER A 43 -5.66 -8.76 0.42
CA SER A 43 -4.99 -8.69 -0.92
C SER A 43 -4.45 -7.28 -1.18
N VAL A 44 -3.49 -7.15 -2.06
CA VAL A 44 -2.91 -5.81 -2.38
C VAL A 44 -4.02 -4.91 -2.96
N GLY A 45 -4.91 -5.49 -3.75
CA GLY A 45 -6.04 -4.68 -4.33
C GLY A 45 -6.84 -4.06 -3.19
N ASP A 46 -7.07 -4.80 -2.14
CA ASP A 46 -7.83 -4.26 -0.97
C ASP A 46 -7.01 -3.14 -0.32
N PHE A 47 -5.70 -3.33 -0.23
CA PHE A 47 -4.81 -2.28 0.36
C PHE A 47 -4.93 -0.98 -0.45
N LYS A 48 -4.91 -1.10 -1.76
CA LYS A 48 -5.03 0.11 -2.63
C LYS A 48 -6.41 0.75 -2.43
N LYS A 49 -7.43 -0.04 -2.18
CA LYS A 49 -8.80 0.51 -1.98
C LYS A 49 -8.84 1.33 -0.68
N VAL A 50 -8.20 0.86 0.36
CA VAL A 50 -8.18 1.62 1.65
C VAL A 50 -7.32 2.88 1.48
N LEU A 51 -6.30 2.81 0.65
CA LEU A 51 -5.41 3.98 0.42
C LEU A 51 -6.14 5.01 -0.45
N SER A 52 -6.74 4.58 -1.54
CA SER A 52 -7.47 5.52 -2.46
C SER A 52 -8.47 6.39 -1.69
N LEU A 53 -8.98 5.91 -0.58
CA LEU A 53 -9.96 6.73 0.21
C LEU A 53 -9.25 7.97 0.81
N GLN A 54 -8.02 7.80 1.26
CA GLN A 54 -7.27 8.94 1.88
C GLN A 54 -6.63 9.81 0.77
N ILE A 55 -5.86 9.21 -0.10
CA ILE A 55 -5.18 9.99 -1.19
C ILE A 55 -6.20 10.44 -2.26
N GLY A 56 -7.31 9.76 -2.39
CA GLY A 56 -8.31 10.15 -3.43
C GLY A 56 -7.70 9.88 -4.81
N THR A 57 -7.04 8.77 -4.95
CA THR A 57 -6.38 8.41 -6.25
C THR A 57 -7.11 7.23 -6.91
N GLN A 58 -8.03 6.59 -6.20
CA GLN A 58 -8.79 5.42 -6.77
C GLN A 58 -7.85 4.20 -6.87
N PRO A 59 -8.43 3.03 -6.75
CA PRO A 59 -7.69 1.76 -6.84
C PRO A 59 -7.36 1.45 -8.31
N ASN A 60 -6.44 2.21 -8.88
CA ASN A 60 -6.06 2.00 -10.31
C ASN A 60 -4.78 2.80 -10.61
N LYS A 61 -4.71 4.03 -10.15
CA LYS A 61 -3.50 4.87 -10.40
C LYS A 61 -2.59 4.86 -9.15
N ILE A 62 -2.82 3.95 -8.24
CA ILE A 62 -1.97 3.89 -7.00
C ILE A 62 -0.89 2.82 -7.18
N VAL A 63 0.36 3.20 -7.03
CA VAL A 63 1.47 2.22 -7.17
C VAL A 63 2.15 2.05 -5.82
N LEU A 64 1.88 0.97 -5.13
CA LEU A 64 2.50 0.75 -3.80
C LEU A 64 3.70 -0.18 -3.93
N GLN A 65 4.70 -0.01 -3.09
CA GLN A 65 5.92 -0.88 -3.17
C GLN A 65 6.32 -1.34 -1.76
N LYS A 66 6.79 -2.55 -1.64
CA LYS A 66 7.21 -3.08 -0.31
C LYS A 66 8.60 -2.51 0.03
N GLY A 67 9.56 -2.72 -0.82
CA GLY A 67 10.94 -2.20 -0.58
C GLY A 67 11.76 -2.34 -1.86
N GLY A 68 11.31 -1.72 -2.92
CA GLY A 68 12.05 -1.81 -4.22
C GLY A 68 11.18 -2.56 -5.26
N SER A 69 10.18 -3.29 -4.81
CA SER A 69 9.30 -4.04 -5.76
C SER A 69 7.86 -3.52 -5.64
N VAL A 70 7.16 -3.44 -6.75
CA VAL A 70 5.74 -2.95 -6.72
C VAL A 70 4.79 -4.08 -6.26
N LEU A 71 3.70 -3.72 -5.63
CA LEU A 71 2.71 -4.74 -5.16
C LEU A 71 1.52 -4.77 -6.14
N LYS A 72 1.14 -5.94 -6.59
CA LYS A 72 0.00 -6.05 -7.54
C LYS A 72 -1.25 -6.57 -6.83
N ASP A 73 -2.41 -6.08 -7.21
CA ASP A 73 -3.68 -6.52 -6.57
C ASP A 73 -3.87 -8.05 -6.72
N HIS A 74 -3.37 -8.62 -7.79
CA HIS A 74 -3.52 -10.09 -8.02
C HIS A 74 -2.79 -10.88 -6.92
N ILE A 75 -1.82 -10.27 -6.26
CA ILE A 75 -1.08 -10.99 -5.18
C ILE A 75 -1.53 -10.46 -3.81
N SER A 76 -1.52 -11.31 -2.80
CA SER A 76 -1.95 -10.87 -1.44
C SER A 76 -0.77 -10.31 -0.66
N LEU A 77 -1.05 -9.51 0.35
CA LEU A 77 0.05 -8.91 1.18
C LEU A 77 0.87 -10.04 1.82
N GLU A 78 0.23 -11.09 2.25
CA GLU A 78 0.97 -12.24 2.87
C GLU A 78 2.03 -12.77 1.90
N ASP A 79 1.73 -12.80 0.62
CA ASP A 79 2.71 -13.30 -0.39
C ASP A 79 3.91 -12.35 -0.43
N TYR A 80 3.66 -11.05 -0.46
CA TYR A 80 4.77 -10.04 -0.49
C TYR A 80 5.46 -10.00 0.89
N GLU A 81 4.83 -10.52 1.91
CA GLU A 81 5.41 -10.51 3.29
C GLU A 81 5.33 -9.09 3.86
N VAL A 82 4.16 -8.70 4.31
CA VAL A 82 3.98 -7.33 4.89
C VAL A 82 4.24 -7.39 6.40
N HIS A 83 4.90 -6.40 6.94
CA HIS A 83 5.21 -6.40 8.41
C HIS A 83 4.47 -5.22 9.07
N ASP A 84 4.18 -5.35 10.34
CA ASP A 84 3.48 -4.24 11.07
C ASP A 84 4.41 -3.03 11.18
N GLN A 85 3.87 -1.84 11.03
CA GLN A 85 4.71 -0.59 11.11
C GLN A 85 5.79 -0.63 10.03
N THR A 86 5.49 -1.20 8.88
CA THR A 86 6.50 -1.27 7.78
C THR A 86 6.41 0.00 6.91
N ASN A 87 7.47 0.33 6.23
CA ASN A 87 7.47 1.56 5.37
C ASN A 87 7.21 1.15 3.90
N LEU A 88 6.18 1.69 3.31
CA LEU A 88 5.84 1.36 1.89
C LEU A 88 6.08 2.59 1.00
N GLU A 89 6.22 2.39 -0.29
CA GLU A 89 6.43 3.53 -1.22
C GLU A 89 5.14 3.79 -2.00
N LEU A 90 4.77 5.04 -2.17
CA LEU A 90 3.53 5.37 -2.92
C LEU A 90 3.87 6.18 -4.16
N TYR A 91 3.31 5.81 -5.29
CA TYR A 91 3.59 6.54 -6.56
C TYR A 91 2.31 6.59 -7.40
N TYR A 92 2.14 7.63 -8.18
CA TYR A 92 0.90 7.75 -9.00
C TYR A 92 1.23 7.42 -10.47
N LEU A 93 0.51 6.48 -11.03
CA LEU A 93 0.72 6.06 -12.45
C LEU A 93 2.00 5.20 -12.56
N MET A 21 -6.02 -6.26 11.85
CA MET A 21 -5.33 -5.48 10.76
C MET A 21 -4.11 -4.75 11.32
N ILE A 22 -3.20 -4.38 10.46
CA ILE A 22 -1.96 -3.66 10.92
C ILE A 22 -1.97 -2.23 10.38
N GLU A 23 -1.17 -1.36 10.97
CA GLU A 23 -1.10 0.06 10.50
C GLU A 23 0.25 0.28 9.80
N VAL A 24 0.22 0.63 8.53
CA VAL A 24 1.50 0.86 7.78
C VAL A 24 1.53 2.29 7.23
N VAL A 25 2.71 2.79 6.90
CA VAL A 25 2.83 4.17 6.35
C VAL A 25 3.38 4.11 4.92
N VAL A 26 2.70 4.76 3.99
CA VAL A 26 3.17 4.75 2.57
C VAL A 26 3.62 6.17 2.19
N ASN A 27 4.84 6.30 1.73
CA ASN A 27 5.36 7.66 1.34
C ASN A 27 5.37 7.79 -0.19
N ASP A 28 4.62 8.74 -0.72
CA ASP A 28 4.57 8.94 -2.20
C ASP A 28 5.86 9.62 -2.66
N ARG A 29 6.17 10.78 -2.12
CA ARG A 29 7.40 11.50 -2.51
C ARG A 29 8.15 11.98 -1.24
N LEU A 30 9.23 12.72 -1.41
CA LEU A 30 10.01 13.20 -0.22
C LEU A 30 9.16 14.23 0.56
N GLY A 31 8.70 13.85 1.73
CA GLY A 31 7.86 14.78 2.54
C GLY A 31 6.42 14.26 2.62
N LYS A 32 5.91 13.71 1.55
CA LYS A 32 4.51 13.19 1.53
C LYS A 32 4.44 11.85 2.27
N LYS A 33 3.53 11.74 3.22
CA LYS A 33 3.39 10.47 3.99
C LYS A 33 1.90 10.19 4.25
N VAL A 34 1.46 8.97 4.03
CA VAL A 34 0.02 8.63 4.25
C VAL A 34 -0.08 7.38 5.14
N ARG A 35 -1.12 7.29 5.94
CA ARG A 35 -1.29 6.09 6.84
C ARG A 35 -2.46 5.24 6.34
N VAL A 36 -2.30 3.94 6.36
CA VAL A 36 -3.39 3.03 5.89
C VAL A 36 -3.35 1.70 6.67
N LYS A 37 -4.48 1.26 7.17
CA LYS A 37 -4.52 -0.02 7.95
C LYS A 37 -5.10 -1.15 7.09
N CYS A 38 -4.42 -2.28 7.04
CA CYS A 38 -4.92 -3.44 6.24
C CYS A 38 -4.44 -4.76 6.88
N LEU A 39 -5.19 -5.83 6.71
CA LEU A 39 -4.79 -7.14 7.30
C LEU A 39 -3.71 -7.79 6.43
N ALA A 40 -2.82 -8.54 7.05
CA ALA A 40 -1.74 -9.22 6.27
C ALA A 40 -2.35 -10.26 5.32
N GLU A 41 -3.54 -10.72 5.60
CA GLU A 41 -4.21 -11.73 4.72
C GLU A 41 -4.86 -11.02 3.52
N ASP A 42 -5.14 -9.74 3.66
CA ASP A 42 -5.77 -8.99 2.52
C ASP A 42 -4.79 -8.88 1.35
N SER A 43 -5.31 -8.65 0.16
CA SER A 43 -4.41 -8.53 -1.03
C SER A 43 -4.03 -7.07 -1.29
N VAL A 44 -3.13 -6.84 -2.22
CA VAL A 44 -2.70 -5.44 -2.54
C VAL A 44 -3.92 -4.65 -3.06
N GLY A 45 -4.85 -5.32 -3.71
CA GLY A 45 -6.07 -4.62 -4.22
C GLY A 45 -6.81 -3.98 -3.05
N ASP A 46 -6.98 -4.72 -1.96
CA ASP A 46 -7.66 -4.16 -0.76
C ASP A 46 -6.80 -3.03 -0.17
N PHE A 47 -5.50 -3.18 -0.23
CA PHE A 47 -4.58 -2.14 0.30
C PHE A 47 -4.81 -0.83 -0.46
N LYS A 48 -4.96 -0.91 -1.76
CA LYS A 48 -5.19 0.32 -2.59
C LYS A 48 -6.61 0.85 -2.33
N LYS A 49 -7.54 -0.03 -2.01
CA LYS A 49 -8.95 0.42 -1.74
C LYS A 49 -9.00 1.27 -0.47
N VAL A 50 -8.26 0.88 0.55
CA VAL A 50 -8.25 1.67 1.82
C VAL A 50 -7.35 2.89 1.65
N LEU A 51 -6.24 2.74 0.97
CA LEU A 51 -5.31 3.89 0.75
C LEU A 51 -5.97 4.94 -0.15
N SER A 52 -6.71 4.52 -1.15
CA SER A 52 -7.39 5.48 -2.08
C SER A 52 -8.32 6.43 -1.30
N LEU A 53 -8.79 6.01 -0.14
CA LEU A 53 -9.70 6.89 0.67
C LEU A 53 -8.89 8.04 1.30
N GLN A 54 -7.65 7.79 1.64
CA GLN A 54 -6.80 8.85 2.27
C GLN A 54 -6.19 9.77 1.20
N ILE A 55 -5.65 9.21 0.13
CA ILE A 55 -5.02 10.06 -0.93
C ILE A 55 -6.07 10.44 -2.00
N GLY A 56 -6.89 9.51 -2.44
CA GLY A 56 -7.92 9.84 -3.46
C GLY A 56 -7.40 9.49 -4.86
N THR A 57 -7.06 8.23 -5.09
CA THR A 57 -6.55 7.81 -6.44
C THR A 57 -7.29 6.54 -6.92
N GLN A 58 -8.27 6.07 -6.16
CA GLN A 58 -9.04 4.84 -6.56
C GLN A 58 -8.10 3.61 -6.59
N PRO A 59 -8.68 2.44 -6.44
CA PRO A 59 -7.94 1.17 -6.45
C PRO A 59 -7.58 0.78 -7.90
N ASN A 60 -6.77 1.58 -8.55
CA ASN A 60 -6.38 1.31 -9.97
C ASN A 60 -5.24 2.25 -10.37
N LYS A 61 -5.31 3.50 -9.99
CA LYS A 61 -4.25 4.48 -10.33
C LYS A 61 -3.19 4.54 -9.20
N ILE A 62 -3.28 3.66 -8.24
CA ILE A 62 -2.30 3.66 -7.11
C ILE A 62 -1.21 2.62 -7.38
N VAL A 63 0.03 2.98 -7.15
CA VAL A 63 1.16 2.03 -7.38
C VAL A 63 1.94 1.85 -6.07
N LEU A 64 1.95 0.65 -5.52
CA LEU A 64 2.68 0.42 -4.24
C LEU A 64 4.05 -0.20 -4.53
N GLN A 65 5.08 0.30 -3.88
CA GLN A 65 6.46 -0.26 -4.10
C GLN A 65 7.04 -0.72 -2.76
N LYS A 66 7.47 -1.95 -2.70
CA LYS A 66 8.05 -2.49 -1.43
C LYS A 66 9.50 -2.94 -1.67
N GLY A 67 10.45 -2.10 -1.33
CA GLY A 67 11.89 -2.45 -1.53
C GLY A 67 12.18 -2.59 -3.02
N GLY A 68 11.74 -1.64 -3.82
CA GLY A 68 11.99 -1.71 -5.30
C GLY A 68 11.20 -2.87 -5.91
N SER A 69 9.94 -3.01 -5.56
CA SER A 69 9.11 -4.12 -6.12
C SER A 69 7.66 -3.62 -6.31
N VAL A 70 7.10 -3.85 -7.47
CA VAL A 70 5.70 -3.38 -7.72
C VAL A 70 4.70 -4.37 -7.09
N LEU A 71 3.89 -3.89 -6.18
CA LEU A 71 2.89 -4.79 -5.52
C LEU A 71 1.62 -4.84 -6.37
N LYS A 72 1.21 -6.03 -6.76
CA LYS A 72 -0.01 -6.18 -7.61
C LYS A 72 -1.17 -6.70 -6.77
N ASP A 73 -2.39 -6.32 -7.13
CA ASP A 73 -3.59 -6.78 -6.37
C ASP A 73 -3.74 -8.31 -6.47
N HIS A 74 -3.24 -8.91 -7.53
CA HIS A 74 -3.34 -10.39 -7.69
C HIS A 74 -2.51 -11.12 -6.62
N ILE A 75 -1.63 -10.42 -5.93
CA ILE A 75 -0.80 -11.08 -4.87
C ILE A 75 -1.27 -10.63 -3.48
N SER A 76 -1.26 -11.54 -2.52
CA SER A 76 -1.71 -11.19 -1.14
C SER A 76 -0.59 -10.43 -0.40
N LEU A 77 -0.97 -9.60 0.55
CA LEU A 77 0.05 -8.83 1.33
C LEU A 77 0.98 -9.80 2.07
N GLU A 78 0.44 -10.92 2.53
CA GLU A 78 1.26 -11.93 3.26
C GLU A 78 2.38 -12.44 2.34
N ASP A 79 2.12 -12.56 1.06
CA ASP A 79 3.16 -13.03 0.10
C ASP A 79 4.29 -12.01 0.04
N TYR A 80 3.96 -10.74 -0.05
CA TYR A 80 5.00 -9.67 -0.09
C TYR A 80 5.69 -9.54 1.28
N GLU A 81 5.06 -10.07 2.33
CA GLU A 81 5.64 -9.99 3.71
C GLU A 81 5.48 -8.57 4.25
N VAL A 82 4.25 -8.14 4.44
CA VAL A 82 4.00 -6.77 4.97
C VAL A 82 3.97 -6.82 6.50
N HIS A 83 4.90 -6.15 7.15
CA HIS A 83 4.94 -6.17 8.64
C HIS A 83 4.16 -4.97 9.21
N ASP A 84 3.83 -5.02 10.48
CA ASP A 84 3.07 -3.89 11.10
C ASP A 84 3.98 -2.66 11.22
N GLN A 85 3.44 -1.50 10.90
CA GLN A 85 4.24 -0.23 10.97
C GLN A 85 5.40 -0.30 9.96
N THR A 86 5.20 -0.95 8.83
CA THR A 86 6.27 -1.05 7.81
C THR A 86 6.24 0.18 6.89
N ASN A 87 7.34 0.49 6.25
CA ASN A 87 7.37 1.69 5.34
C ASN A 87 7.17 1.24 3.90
N LEU A 88 6.16 1.75 3.25
CA LEU A 88 5.89 1.38 1.82
C LEU A 88 6.05 2.62 0.92
N GLU A 89 6.18 2.41 -0.36
CA GLU A 89 6.35 3.55 -1.31
C GLU A 89 5.05 3.74 -2.11
N LEU A 90 4.65 4.97 -2.32
CA LEU A 90 3.40 5.23 -3.10
C LEU A 90 3.75 5.92 -4.44
N TYR A 91 3.09 5.53 -5.50
CA TYR A 91 3.35 6.13 -6.84
C TYR A 91 2.02 6.28 -7.59
N TYR A 92 1.96 7.17 -8.56
CA TYR A 92 0.69 7.37 -9.31
C TYR A 92 0.82 6.79 -10.72
N LEU A 93 -0.18 6.07 -11.17
CA LEU A 93 -0.15 5.46 -12.54
C LEU A 93 -0.43 6.54 -13.59
N MET A 21 -5.64 -6.52 12.40
CA MET A 21 -5.31 -5.39 11.48
C MET A 21 -3.92 -4.81 11.82
N ILE A 22 -3.25 -4.26 10.83
CA ILE A 22 -1.89 -3.69 11.07
C ILE A 22 -1.83 -2.25 10.54
N GLU A 23 -0.89 -1.48 11.03
CA GLU A 23 -0.73 -0.06 10.56
C GLU A 23 0.43 0.02 9.57
N VAL A 24 0.16 0.46 8.36
CA VAL A 24 1.24 0.56 7.33
C VAL A 24 1.51 2.02 6.98
N VAL A 25 2.70 2.32 6.52
CA VAL A 25 3.06 3.72 6.14
C VAL A 25 3.78 3.70 4.79
N VAL A 26 3.30 4.50 3.84
CA VAL A 26 3.93 4.53 2.50
C VAL A 26 4.54 5.91 2.24
N ASN A 27 5.74 5.96 1.72
CA ASN A 27 6.39 7.27 1.43
C ASN A 27 6.28 7.59 -0.06
N ASP A 28 5.75 8.75 -0.39
CA ASP A 28 5.60 9.14 -1.82
C ASP A 28 6.92 9.72 -2.36
N ARG A 29 6.98 9.99 -3.64
CA ARG A 29 8.23 10.55 -4.24
C ARG A 29 8.59 11.89 -3.58
N LEU A 30 7.60 12.68 -3.23
CA LEU A 30 7.89 14.00 -2.58
C LEU A 30 8.11 13.78 -1.07
N GLY A 31 8.22 14.85 -0.32
CA GLY A 31 8.45 14.72 1.15
C GLY A 31 7.13 14.53 1.89
N LYS A 32 6.46 13.43 1.65
CA LYS A 32 5.16 13.18 2.35
C LYS A 32 4.89 11.66 2.42
N LYS A 33 4.19 11.22 3.43
CA LYS A 33 3.88 9.76 3.57
C LYS A 33 2.42 9.57 3.98
N VAL A 34 1.84 8.44 3.65
CA VAL A 34 0.41 8.17 3.99
C VAL A 34 0.32 6.90 4.86
N ARG A 35 -0.53 6.93 5.86
CA ARG A 35 -0.69 5.74 6.76
C ARG A 35 -2.05 5.08 6.48
N VAL A 36 -2.13 3.77 6.57
CA VAL A 36 -3.41 3.07 6.32
C VAL A 36 -3.47 1.77 7.13
N LYS A 37 -4.62 1.49 7.72
CA LYS A 37 -4.76 0.25 8.54
C LYS A 37 -5.41 -0.85 7.70
N CYS A 38 -4.77 -1.99 7.58
CA CYS A 38 -5.34 -3.11 6.78
C CYS A 38 -4.85 -4.45 7.34
N LEU A 39 -5.44 -5.54 6.92
CA LEU A 39 -5.02 -6.87 7.42
C LEU A 39 -3.90 -7.42 6.53
N ALA A 40 -2.91 -8.06 7.13
CA ALA A 40 -1.78 -8.62 6.33
C ALA A 40 -2.28 -9.77 5.43
N GLU A 41 -3.44 -10.31 5.73
CA GLU A 41 -4.00 -11.42 4.88
C GLU A 41 -4.65 -10.84 3.63
N ASP A 42 -5.05 -9.59 3.68
CA ASP A 42 -5.70 -8.96 2.48
C ASP A 42 -4.69 -8.83 1.34
N SER A 43 -5.17 -8.74 0.12
CA SER A 43 -4.24 -8.62 -1.05
C SER A 43 -3.93 -7.14 -1.33
N VAL A 44 -3.00 -6.89 -2.23
CA VAL A 44 -2.62 -5.49 -2.58
C VAL A 44 -3.85 -4.76 -3.14
N GLY A 45 -4.74 -5.47 -3.79
CA GLY A 45 -5.97 -4.82 -4.35
C GLY A 45 -6.77 -4.20 -3.20
N ASP A 46 -7.07 -4.97 -2.18
CA ASP A 46 -7.83 -4.44 -1.00
C ASP A 46 -7.01 -3.32 -0.34
N PHE A 47 -5.71 -3.48 -0.30
CA PHE A 47 -4.82 -2.44 0.32
C PHE A 47 -4.98 -1.11 -0.44
N LYS A 48 -4.96 -1.17 -1.75
CA LYS A 48 -5.13 0.07 -2.56
C LYS A 48 -6.57 0.58 -2.44
N LYS A 49 -7.51 -0.31 -2.28
CA LYS A 49 -8.95 0.11 -2.15
C LYS A 49 -9.13 0.94 -0.86
N VAL A 50 -8.55 0.50 0.23
CA VAL A 50 -8.68 1.26 1.51
C VAL A 50 -7.89 2.58 1.40
N LEU A 51 -6.80 2.58 0.68
CA LEU A 51 -5.99 3.83 0.52
C LEU A 51 -6.75 4.82 -0.38
N SER A 52 -7.20 4.38 -1.53
CA SER A 52 -7.95 5.28 -2.47
C SER A 52 -9.12 5.98 -1.75
N LEU A 53 -9.62 5.43 -0.67
CA LEU A 53 -10.76 6.07 0.06
C LEU A 53 -10.27 7.31 0.83
N GLN A 54 -9.14 7.21 1.49
CA GLN A 54 -8.62 8.37 2.28
C GLN A 54 -7.89 9.39 1.38
N ILE A 55 -7.11 8.93 0.43
CA ILE A 55 -6.36 9.89 -0.46
C ILE A 55 -7.24 10.29 -1.66
N GLY A 56 -8.21 9.49 -2.02
CA GLY A 56 -9.07 9.83 -3.19
C GLY A 56 -8.25 9.72 -4.48
N THR A 57 -7.41 8.72 -4.57
CA THR A 57 -6.56 8.54 -5.79
C THR A 57 -7.04 7.31 -6.58
N GLN A 58 -8.01 6.57 -6.08
CA GLN A 58 -8.51 5.36 -6.80
C GLN A 58 -7.42 4.28 -6.85
N PRO A 59 -7.84 3.03 -6.97
CA PRO A 59 -6.91 1.88 -7.04
C PRO A 59 -6.21 1.82 -8.40
N ASN A 60 -6.75 2.46 -9.40
CA ASN A 60 -6.11 2.46 -10.75
C ASN A 60 -5.01 3.53 -10.84
N LYS A 61 -5.04 4.51 -9.95
CA LYS A 61 -4.00 5.58 -9.99
C LYS A 61 -3.03 5.43 -8.79
N ILE A 62 -3.14 4.37 -8.02
CA ILE A 62 -2.23 4.17 -6.85
C ILE A 62 -1.18 3.11 -7.19
N VAL A 63 0.08 3.42 -6.99
CA VAL A 63 1.16 2.44 -7.30
C VAL A 63 1.95 2.15 -6.01
N LEU A 64 1.82 0.96 -5.47
CA LEU A 64 2.55 0.61 -4.22
C LEU A 64 3.80 -0.20 -4.57
N GLN A 65 4.92 0.10 -3.94
CA GLN A 65 6.18 -0.64 -4.24
C GLN A 65 6.84 -1.10 -2.93
N LYS A 66 7.51 -2.23 -2.95
CA LYS A 66 8.18 -2.75 -1.72
C LYS A 66 9.63 -3.12 -2.05
N GLY A 67 10.58 -2.31 -1.62
CA GLY A 67 12.02 -2.61 -1.89
C GLY A 67 12.30 -2.58 -3.39
N GLY A 68 11.80 -1.58 -4.09
CA GLY A 68 12.02 -1.49 -5.57
C GLY A 68 11.28 -2.63 -6.27
N SER A 69 10.05 -2.88 -5.89
CA SER A 69 9.26 -3.97 -6.54
C SER A 69 7.79 -3.53 -6.63
N VAL A 70 7.14 -3.77 -7.75
CA VAL A 70 5.73 -3.35 -7.90
C VAL A 70 4.80 -4.37 -7.21
N LEU A 71 3.89 -3.89 -6.39
CA LEU A 71 2.94 -4.81 -5.69
C LEU A 71 1.67 -4.95 -6.54
N LYS A 72 1.21 -6.17 -6.74
CA LYS A 72 -0.01 -6.37 -7.57
C LYS A 72 -1.14 -6.95 -6.72
N ASP A 73 -2.37 -6.63 -7.08
CA ASP A 73 -3.56 -7.13 -6.32
C ASP A 73 -3.63 -8.68 -6.34
N HIS A 74 -3.06 -9.30 -7.35
CA HIS A 74 -3.09 -10.80 -7.43
C HIS A 74 -2.23 -11.43 -6.32
N ILE A 75 -1.39 -10.66 -5.66
CA ILE A 75 -0.54 -11.22 -4.58
C ILE A 75 -1.03 -10.71 -3.21
N SER A 76 -0.97 -11.56 -2.21
CA SER A 76 -1.44 -11.15 -0.84
C SER A 76 -0.37 -10.27 -0.15
N LEU A 77 -0.80 -9.42 0.74
CA LEU A 77 0.17 -8.53 1.47
C LEU A 77 1.14 -9.40 2.27
N GLU A 78 0.67 -10.49 2.82
CA GLU A 78 1.56 -11.41 3.61
C GLU A 78 2.69 -11.94 2.71
N ASP A 79 2.40 -12.16 1.45
CA ASP A 79 3.45 -12.66 0.50
C ASP A 79 4.54 -11.60 0.34
N TYR A 80 4.16 -10.35 0.21
CA TYR A 80 5.16 -9.24 0.08
C TYR A 80 5.85 -8.97 1.42
N GLU A 81 5.28 -9.47 2.51
CA GLU A 81 5.87 -9.27 3.88
C GLU A 81 5.41 -7.91 4.43
N VAL A 82 4.13 -7.76 4.63
CA VAL A 82 3.58 -6.49 5.17
C VAL A 82 3.11 -6.73 6.61
N HIS A 83 3.88 -6.27 7.57
CA HIS A 83 3.50 -6.48 9.01
C HIS A 83 3.13 -5.14 9.67
N ASP A 84 2.87 -5.16 10.96
CA ASP A 84 2.50 -3.90 11.68
C ASP A 84 3.67 -2.91 11.67
N GLN A 85 3.40 -1.66 11.44
CA GLN A 85 4.46 -0.61 11.40
C GLN A 85 5.49 -0.93 10.31
N THR A 86 5.05 -1.45 9.18
CA THR A 86 5.98 -1.77 8.07
C THR A 86 6.06 -0.57 7.10
N ASN A 87 7.19 -0.38 6.46
CA ASN A 87 7.34 0.78 5.53
C ASN A 87 7.11 0.32 4.08
N LEU A 88 6.44 1.13 3.30
CA LEU A 88 6.17 0.78 1.88
C LEU A 88 6.34 2.01 0.99
N GLU A 89 6.22 1.86 -0.31
CA GLU A 89 6.38 3.03 -1.23
C GLU A 89 5.03 3.35 -1.90
N LEU A 90 4.78 4.60 -2.18
CA LEU A 90 3.49 4.98 -2.83
C LEU A 90 3.76 5.99 -3.96
N TYR A 91 3.20 5.74 -5.13
CA TYR A 91 3.40 6.67 -6.27
C TYR A 91 2.07 6.87 -6.99
N TYR A 92 1.84 8.06 -7.51
CA TYR A 92 0.55 8.33 -8.22
C TYR A 92 0.75 8.19 -9.73
N LEU A 93 -0.05 7.37 -10.36
CA LEU A 93 0.05 7.13 -11.84
C LEU A 93 1.29 6.26 -12.16
N MET A 21 -5.48 -6.95 11.83
CA MET A 21 -5.37 -5.69 11.03
C MET A 21 -4.16 -4.89 11.50
N ILE A 22 -3.36 -4.40 10.57
CA ILE A 22 -2.15 -3.60 10.95
C ILE A 22 -2.24 -2.20 10.32
N GLU A 23 -1.45 -1.28 10.81
CA GLU A 23 -1.47 0.11 10.24
C GLU A 23 -0.08 0.42 9.66
N VAL A 24 0.00 0.57 8.36
CA VAL A 24 1.32 0.86 7.71
C VAL A 24 1.31 2.28 7.13
N VAL A 25 2.47 2.74 6.70
CA VAL A 25 2.56 4.13 6.11
C VAL A 25 3.24 4.05 4.74
N VAL A 26 2.81 4.88 3.82
CA VAL A 26 3.42 4.87 2.44
C VAL A 26 4.05 6.24 2.15
N ASN A 27 5.13 6.26 1.42
CA ASN A 27 5.81 7.56 1.08
C ASN A 27 5.64 7.84 -0.42
N ASP A 28 5.11 8.98 -0.76
CA ASP A 28 4.90 9.32 -2.21
C ASP A 28 6.24 9.67 -2.86
N ARG A 29 6.84 10.78 -2.48
CA ARG A 29 8.14 11.20 -3.08
C ARG A 29 9.06 11.74 -1.98
N LEU A 30 9.30 10.96 -0.94
CA LEU A 30 10.17 11.42 0.18
C LEU A 30 9.63 12.73 0.77
N GLY A 31 8.54 12.66 1.48
CA GLY A 31 7.93 13.89 2.09
C GLY A 31 6.46 13.64 2.39
N LYS A 32 5.69 13.26 1.39
CA LYS A 32 4.24 13.00 1.60
C LYS A 32 4.06 11.59 2.20
N LYS A 33 3.64 11.52 3.43
CA LYS A 33 3.44 10.19 4.10
C LYS A 33 1.94 9.96 4.36
N VAL A 34 1.42 8.86 3.89
CA VAL A 34 -0.02 8.54 4.12
C VAL A 34 -0.13 7.25 4.96
N ARG A 35 -1.14 7.16 5.79
CA ARG A 35 -1.30 5.94 6.65
C ARG A 35 -2.51 5.13 6.16
N VAL A 36 -2.42 3.83 6.26
CA VAL A 36 -3.55 2.96 5.79
C VAL A 36 -3.57 1.67 6.61
N LYS A 37 -4.74 1.17 6.94
CA LYS A 37 -4.84 -0.09 7.75
C LYS A 37 -5.33 -1.25 6.87
N CYS A 38 -4.72 -2.40 7.02
CA CYS A 38 -5.14 -3.60 6.23
C CYS A 38 -4.61 -4.86 6.92
N LEU A 39 -5.23 -6.00 6.67
CA LEU A 39 -4.77 -7.27 7.31
C LEU A 39 -3.60 -7.85 6.52
N ALA A 40 -2.67 -8.50 7.19
CA ALA A 40 -1.50 -9.10 6.48
C ALA A 40 -2.00 -10.19 5.51
N GLU A 41 -3.16 -10.75 5.76
CA GLU A 41 -3.71 -11.81 4.85
C GLU A 41 -4.47 -11.15 3.69
N ASP A 42 -4.84 -9.90 3.82
CA ASP A 42 -5.57 -9.20 2.71
C ASP A 42 -4.66 -9.10 1.48
N SER A 43 -5.23 -8.83 0.34
CA SER A 43 -4.42 -8.72 -0.91
C SER A 43 -4.04 -7.25 -1.16
N VAL A 44 -3.13 -7.02 -2.09
CA VAL A 44 -2.70 -5.62 -2.41
C VAL A 44 -3.91 -4.83 -2.91
N GLY A 45 -4.85 -5.48 -3.58
CA GLY A 45 -6.06 -4.78 -4.08
C GLY A 45 -6.76 -4.11 -2.90
N ASP A 46 -6.92 -4.82 -1.80
CA ASP A 46 -7.57 -4.24 -0.58
C ASP A 46 -6.71 -3.09 -0.07
N PHE A 47 -5.40 -3.25 -0.11
CA PHE A 47 -4.47 -2.18 0.36
C PHE A 47 -4.73 -0.89 -0.44
N LYS A 48 -4.85 -1.01 -1.75
CA LYS A 48 -5.10 0.19 -2.61
C LYS A 48 -6.52 0.72 -2.36
N LYS A 49 -7.45 -0.14 -2.01
CA LYS A 49 -8.85 0.31 -1.76
C LYS A 49 -8.92 1.15 -0.48
N VAL A 50 -8.25 0.71 0.57
CA VAL A 50 -8.27 1.49 1.85
C VAL A 50 -7.39 2.74 1.67
N LEU A 51 -6.27 2.60 1.00
CA LEU A 51 -5.35 3.76 0.78
C LEU A 51 -6.02 4.80 -0.13
N SER A 52 -6.70 4.36 -1.18
CA SER A 52 -7.37 5.32 -2.12
C SER A 52 -8.35 6.23 -1.36
N LEU A 53 -8.84 5.81 -0.21
CA LEU A 53 -9.80 6.65 0.57
C LEU A 53 -9.05 7.82 1.22
N GLN A 54 -7.80 7.61 1.61
CA GLN A 54 -7.01 8.69 2.26
C GLN A 54 -6.40 9.61 1.20
N ILE A 55 -5.79 9.05 0.18
CA ILE A 55 -5.16 9.90 -0.90
C ILE A 55 -6.22 10.35 -1.92
N GLY A 56 -7.30 9.63 -2.05
CA GLY A 56 -8.35 10.00 -3.05
C GLY A 56 -7.77 9.80 -4.46
N THR A 57 -7.09 8.70 -4.66
CA THR A 57 -6.46 8.41 -5.99
C THR A 57 -7.12 7.16 -6.63
N GLN A 58 -8.04 6.52 -5.93
CA GLN A 58 -8.73 5.30 -6.47
C GLN A 58 -7.73 4.13 -6.58
N PRO A 59 -8.25 2.92 -6.52
CA PRO A 59 -7.44 1.68 -6.61
C PRO A 59 -6.98 1.41 -8.06
N ASN A 60 -7.22 2.33 -8.98
CA ASN A 60 -6.78 2.12 -10.40
C ASN A 60 -5.56 3.02 -10.71
N LYS A 61 -5.34 4.06 -9.93
CA LYS A 61 -4.19 4.97 -10.19
C LYS A 61 -3.15 4.87 -9.05
N ILE A 62 -3.28 3.89 -8.18
CA ILE A 62 -2.29 3.77 -7.06
C ILE A 62 -1.27 2.67 -7.36
N VAL A 63 -0.01 2.98 -7.19
CA VAL A 63 1.09 1.99 -7.44
C VAL A 63 1.90 1.83 -6.14
N LEU A 64 1.76 0.72 -5.47
CA LEU A 64 2.50 0.51 -4.19
C LEU A 64 3.77 -0.32 -4.44
N GLN A 65 4.82 -0.05 -3.69
CA GLN A 65 6.09 -0.82 -3.85
C GLN A 65 6.64 -1.21 -2.48
N LYS A 66 7.14 -2.42 -2.34
CA LYS A 66 7.69 -2.87 -1.03
C LYS A 66 9.15 -2.41 -0.89
N GLY A 67 9.99 -2.77 -1.83
CA GLY A 67 11.42 -2.36 -1.77
C GLY A 67 12.05 -2.51 -3.15
N GLY A 68 11.67 -1.66 -4.09
CA GLY A 68 12.23 -1.75 -5.47
C GLY A 68 11.36 -2.69 -6.33
N SER A 69 10.18 -3.05 -5.85
CA SER A 69 9.28 -3.94 -6.63
C SER A 69 7.83 -3.50 -6.44
N VAL A 70 7.06 -3.49 -7.51
CA VAL A 70 5.63 -3.06 -7.41
C VAL A 70 4.77 -4.19 -6.83
N LEU A 71 3.70 -3.85 -6.15
CA LEU A 71 2.81 -4.89 -5.55
C LEU A 71 1.54 -5.00 -6.41
N LYS A 72 1.17 -6.20 -6.78
CA LYS A 72 -0.05 -6.40 -7.62
C LYS A 72 -1.22 -6.88 -6.74
N ASP A 73 -2.41 -6.46 -7.07
CA ASP A 73 -3.62 -6.89 -6.29
C ASP A 73 -3.79 -8.41 -6.37
N HIS A 74 -3.27 -9.04 -7.40
CA HIS A 74 -3.39 -10.53 -7.55
C HIS A 74 -2.54 -11.25 -6.50
N ILE A 75 -1.64 -10.56 -5.84
CA ILE A 75 -0.79 -11.23 -4.80
C ILE A 75 -1.23 -10.75 -3.40
N SER A 76 -1.21 -11.65 -2.44
CA SER A 76 -1.63 -11.28 -1.05
C SER A 76 -0.51 -10.49 -0.36
N LEU A 77 -0.86 -9.64 0.57
CA LEU A 77 0.17 -8.84 1.32
C LEU A 77 1.12 -9.79 2.05
N GLU A 78 0.61 -10.89 2.56
CA GLU A 78 1.47 -11.87 3.29
C GLU A 78 2.61 -12.36 2.36
N ASP A 79 2.32 -12.52 1.08
CA ASP A 79 3.36 -12.97 0.12
C ASP A 79 4.46 -11.90 0.02
N TYR A 80 4.08 -10.65 -0.11
CA TYR A 80 5.08 -9.54 -0.20
C TYR A 80 5.75 -9.33 1.17
N GLU A 81 5.15 -9.84 2.22
CA GLU A 81 5.72 -9.67 3.60
C GLU A 81 5.51 -8.23 4.08
N VAL A 82 4.30 -7.91 4.47
CA VAL A 82 4.00 -6.53 4.96
C VAL A 82 3.91 -6.55 6.49
N HIS A 83 4.83 -5.89 7.15
CA HIS A 83 4.83 -5.87 8.64
C HIS A 83 4.00 -4.69 9.16
N ASP A 84 3.62 -4.73 10.41
CA ASP A 84 2.82 -3.60 11.00
C ASP A 84 3.71 -2.36 11.11
N GLN A 85 3.16 -1.19 10.84
CA GLN A 85 3.96 0.07 10.92
C GLN A 85 5.15 0.01 9.94
N THR A 86 4.99 -0.67 8.83
CA THR A 86 6.11 -0.76 7.83
C THR A 86 6.04 0.44 6.88
N ASN A 87 7.15 0.77 6.27
CA ASN A 87 7.18 1.93 5.32
C ASN A 87 7.12 1.41 3.88
N LEU A 88 6.09 1.77 3.16
CA LEU A 88 5.94 1.31 1.74
C LEU A 88 6.12 2.50 0.79
N GLU A 89 6.16 2.24 -0.50
CA GLU A 89 6.32 3.35 -1.49
C GLU A 89 4.98 3.59 -2.19
N LEU A 90 4.63 4.82 -2.41
CA LEU A 90 3.35 5.14 -3.09
C LEU A 90 3.61 5.97 -4.36
N TYR A 91 3.05 5.57 -5.46
CA TYR A 91 3.26 6.32 -6.74
C TYR A 91 1.92 6.42 -7.50
N TYR A 92 1.72 7.49 -8.22
CA TYR A 92 0.45 7.65 -8.98
C TYR A 92 0.66 7.32 -10.46
N LEU A 93 -0.02 6.31 -10.94
CA LEU A 93 0.12 5.90 -12.37
C LEU A 93 -1.16 5.22 -12.84
N MET A 21 -4.91 -6.89 12.20
CA MET A 21 -4.79 -5.62 11.43
C MET A 21 -3.44 -4.96 11.73
N ILE A 22 -2.77 -4.48 10.71
CA ILE A 22 -1.44 -3.82 10.91
C ILE A 22 -1.48 -2.39 10.38
N GLU A 23 -0.55 -1.57 10.80
CA GLU A 23 -0.52 -0.15 10.34
C GLU A 23 0.75 0.09 9.50
N VAL A 24 0.58 0.43 8.24
CA VAL A 24 1.77 0.66 7.36
C VAL A 24 1.77 2.11 6.87
N VAL A 25 2.94 2.64 6.56
CA VAL A 25 3.03 4.05 6.06
C VAL A 25 3.55 4.06 4.62
N VAL A 26 2.93 4.83 3.76
CA VAL A 26 3.38 4.89 2.34
C VAL A 26 3.88 6.31 2.01
N ASN A 27 5.03 6.40 1.38
CA ASN A 27 5.59 7.74 1.02
C ASN A 27 5.58 7.90 -0.51
N ASP A 28 5.10 9.01 -1.00
CA ASP A 28 5.05 9.23 -2.48
C ASP A 28 6.43 9.64 -2.99
N ARG A 29 7.00 10.70 -2.46
CA ARG A 29 8.34 11.15 -2.92
C ARG A 29 9.27 11.33 -1.72
N LEU A 30 8.94 12.24 -0.82
CA LEU A 30 9.81 12.47 0.38
C LEU A 30 8.98 13.15 1.49
N GLY A 31 8.51 14.35 1.25
CA GLY A 31 7.71 15.07 2.29
C GLY A 31 6.29 14.48 2.35
N LYS A 32 5.76 14.05 1.24
CA LYS A 32 4.37 13.47 1.24
C LYS A 32 4.39 12.06 1.85
N LYS A 33 3.52 11.81 2.80
CA LYS A 33 3.46 10.47 3.45
C LYS A 33 2.04 10.20 3.96
N VAL A 34 1.44 9.09 3.54
CA VAL A 34 0.06 8.76 4.00
C VAL A 34 0.09 7.48 4.84
N ARG A 35 -0.77 7.40 5.84
CA ARG A 35 -0.80 6.18 6.71
C ARG A 35 -2.05 5.36 6.39
N VAL A 36 -1.91 4.05 6.35
CA VAL A 36 -3.08 3.18 6.04
C VAL A 36 -2.97 1.85 6.80
N LYS A 37 -4.08 1.29 7.21
CA LYS A 37 -4.05 0.00 7.97
C LYS A 37 -4.76 -1.10 7.16
N CYS A 38 -4.32 -2.34 7.32
CA CYS A 38 -4.95 -3.48 6.58
C CYS A 38 -4.48 -4.81 7.19
N LEU A 39 -5.19 -5.89 6.90
CA LEU A 39 -4.79 -7.21 7.46
C LEU A 39 -3.71 -7.84 6.56
N ALA A 40 -2.77 -8.55 7.13
CA ALA A 40 -1.69 -9.18 6.31
C ALA A 40 -2.31 -10.25 5.38
N GLU A 41 -3.49 -10.74 5.70
CA GLU A 41 -4.14 -11.77 4.84
C GLU A 41 -4.83 -11.08 3.65
N ASP A 42 -5.14 -9.81 3.76
CA ASP A 42 -5.82 -9.08 2.64
C ASP A 42 -4.86 -8.98 1.45
N SER A 43 -5.40 -8.84 0.26
CA SER A 43 -4.54 -8.74 -0.96
C SER A 43 -4.19 -7.27 -1.25
N VAL A 44 -3.30 -7.04 -2.18
CA VAL A 44 -2.90 -5.63 -2.54
C VAL A 44 -4.13 -4.89 -3.09
N GLY A 45 -5.05 -5.60 -3.70
CA GLY A 45 -6.28 -4.94 -4.25
C GLY A 45 -7.04 -4.25 -3.11
N ASP A 46 -7.24 -4.95 -2.02
CA ASP A 46 -7.95 -4.35 -0.84
C ASP A 46 -7.06 -3.25 -0.25
N PHE A 47 -5.76 -3.48 -0.22
CA PHE A 47 -4.81 -2.47 0.32
C PHE A 47 -4.93 -1.17 -0.50
N LYS A 48 -5.03 -1.29 -1.80
CA LYS A 48 -5.16 -0.07 -2.67
C LYS A 48 -6.54 0.59 -2.44
N LYS A 49 -7.56 -0.20 -2.19
CA LYS A 49 -8.92 0.37 -1.96
C LYS A 49 -8.94 1.20 -0.67
N VAL A 50 -8.32 0.71 0.39
CA VAL A 50 -8.31 1.48 1.68
C VAL A 50 -7.48 2.76 1.50
N LEU A 51 -6.43 2.70 0.72
CA LEU A 51 -5.58 3.91 0.49
C LEU A 51 -6.33 4.89 -0.42
N SER A 52 -6.89 4.41 -1.51
CA SER A 52 -7.64 5.30 -2.46
C SER A 52 -8.74 6.09 -1.73
N LEU A 53 -9.23 5.60 -0.62
CA LEU A 53 -10.29 6.33 0.13
C LEU A 53 -9.68 7.56 0.83
N GLN A 54 -8.45 7.45 1.29
CA GLN A 54 -7.79 8.60 1.98
C GLN A 54 -7.19 9.57 0.96
N ILE A 55 -6.39 9.08 0.03
CA ILE A 55 -5.76 9.99 -0.99
C ILE A 55 -6.77 10.35 -2.09
N GLY A 56 -7.78 9.54 -2.30
CA GLY A 56 -8.77 9.84 -3.38
C GLY A 56 -8.09 9.67 -4.74
N THR A 57 -7.26 8.66 -4.87
CA THR A 57 -6.53 8.42 -6.15
C THR A 57 -7.04 7.14 -6.84
N GLN A 58 -7.96 6.42 -6.21
CA GLN A 58 -8.51 5.15 -6.80
C GLN A 58 -7.40 4.09 -6.89
N PRO A 59 -7.81 2.84 -6.93
CA PRO A 59 -6.88 1.69 -7.01
C PRO A 59 -6.28 1.58 -8.43
N ASN A 60 -6.88 2.25 -9.40
CA ASN A 60 -6.36 2.19 -10.81
C ASN A 60 -5.19 3.18 -10.97
N LYS A 61 -5.13 4.21 -10.15
CA LYS A 61 -4.01 5.22 -10.27
C LYS A 61 -3.06 5.13 -9.06
N ILE A 62 -3.16 4.09 -8.26
CA ILE A 62 -2.25 3.98 -7.08
C ILE A 62 -1.19 2.89 -7.35
N VAL A 63 0.06 3.23 -7.21
CA VAL A 63 1.16 2.24 -7.43
C VAL A 63 1.95 2.08 -6.12
N LEU A 64 1.72 1.00 -5.41
CA LEU A 64 2.45 0.79 -4.12
C LEU A 64 3.63 -0.16 -4.33
N GLN A 65 4.71 0.07 -3.61
CA GLN A 65 5.92 -0.81 -3.76
C GLN A 65 6.42 -1.24 -2.37
N LYS A 66 6.78 -2.49 -2.22
CA LYS A 66 7.30 -2.98 -0.90
C LYS A 66 8.72 -2.45 -0.67
N GLY A 67 9.62 -2.72 -1.59
CA GLY A 67 11.02 -2.23 -1.44
C GLY A 67 11.73 -2.34 -2.79
N GLY A 68 11.29 -1.57 -3.76
CA GLY A 68 11.91 -1.63 -5.13
C GLY A 68 11.04 -2.49 -6.06
N SER A 69 10.00 -3.11 -5.55
CA SER A 69 9.11 -3.96 -6.41
C SER A 69 7.66 -3.48 -6.28
N VAL A 70 6.92 -3.48 -7.37
CA VAL A 70 5.50 -3.01 -7.32
C VAL A 70 4.59 -4.13 -6.77
N LEU A 71 3.60 -3.75 -5.97
CA LEU A 71 2.66 -4.77 -5.40
C LEU A 71 1.45 -4.89 -6.33
N LYS A 72 0.98 -6.11 -6.54
CA LYS A 72 -0.19 -6.32 -7.45
C LYS A 72 -1.36 -6.92 -6.66
N ASP A 73 -2.58 -6.55 -7.02
CA ASP A 73 -3.79 -7.07 -6.30
C ASP A 73 -3.86 -8.60 -6.38
N HIS A 74 -3.31 -9.19 -7.42
CA HIS A 74 -3.35 -10.69 -7.56
C HIS A 74 -2.51 -11.38 -6.49
N ILE A 75 -1.67 -10.64 -5.77
CA ILE A 75 -0.83 -11.27 -4.71
C ILE A 75 -1.28 -10.79 -3.33
N SER A 76 -1.25 -11.66 -2.34
CA SER A 76 -1.68 -11.27 -0.97
C SER A 76 -0.59 -10.45 -0.27
N LEU A 77 -0.97 -9.61 0.66
CA LEU A 77 0.03 -8.77 1.40
C LEU A 77 0.99 -9.69 2.16
N GLU A 78 0.51 -10.81 2.65
CA GLU A 78 1.37 -11.77 3.39
C GLU A 78 2.49 -12.28 2.46
N ASP A 79 2.19 -12.44 1.20
CA ASP A 79 3.23 -12.92 0.23
C ASP A 79 4.34 -11.86 0.11
N TYR A 80 3.96 -10.60 0.06
CA TYR A 80 4.97 -9.50 -0.05
C TYR A 80 5.72 -9.33 1.28
N GLU A 81 5.18 -9.87 2.37
CA GLU A 81 5.83 -9.75 3.71
C GLU A 81 5.56 -8.35 4.29
N VAL A 82 4.31 -8.05 4.56
CA VAL A 82 3.96 -6.72 5.13
C VAL A 82 3.66 -6.88 6.63
N HIS A 83 4.44 -6.24 7.47
CA HIS A 83 4.24 -6.36 8.95
C HIS A 83 3.72 -5.04 9.53
N ASP A 84 3.53 -4.99 10.83
CA ASP A 84 3.03 -3.73 11.48
C ASP A 84 4.13 -2.67 11.49
N GLN A 85 3.77 -1.44 11.26
CA GLN A 85 4.78 -0.32 11.25
C GLN A 85 5.83 -0.57 10.15
N THR A 86 5.41 -1.03 8.99
CA THR A 86 6.38 -1.30 7.89
C THR A 86 6.44 -0.08 6.95
N ASN A 87 7.51 0.07 6.21
CA ASN A 87 7.63 1.23 5.28
C ASN A 87 7.24 0.80 3.86
N LEU A 88 6.35 1.54 3.24
CA LEU A 88 5.91 1.20 1.85
C LEU A 88 6.07 2.42 0.95
N GLU A 89 6.14 2.21 -0.34
CA GLU A 89 6.29 3.34 -1.31
C GLU A 89 4.96 3.59 -2.03
N LEU A 90 4.73 4.81 -2.46
CA LEU A 90 3.46 5.13 -3.17
C LEU A 90 3.76 5.97 -4.42
N TYR A 91 3.08 5.71 -5.50
CA TYR A 91 3.30 6.48 -6.75
C TYR A 91 1.97 6.63 -7.49
N TYR A 92 1.73 7.76 -8.11
CA TYR A 92 0.44 7.96 -8.84
C TYR A 92 0.65 7.72 -10.35
N LEU A 93 0.12 6.63 -10.85
CA LEU A 93 0.28 6.31 -12.31
C LEU A 93 -1.00 5.64 -12.83
N MET A 21 -4.83 -7.54 11.62
CA MET A 21 -4.77 -6.17 11.04
C MET A 21 -3.48 -5.47 11.49
N ILE A 22 -2.81 -4.82 10.57
CA ILE A 22 -1.54 -4.10 10.92
C ILE A 22 -1.61 -2.65 10.44
N GLU A 23 -0.76 -1.81 10.96
CA GLU A 23 -0.76 -0.36 10.55
C GLU A 23 0.55 -0.06 9.79
N VAL A 24 0.46 0.18 8.50
CA VAL A 24 1.70 0.46 7.71
C VAL A 24 1.76 1.95 7.32
N VAL A 25 2.93 2.43 6.99
CA VAL A 25 3.09 3.86 6.60
C VAL A 25 3.50 3.94 5.13
N VAL A 26 2.85 4.78 4.36
CA VAL A 26 3.20 4.91 2.90
C VAL A 26 3.78 6.31 2.64
N ASN A 27 4.81 6.39 1.84
CA ASN A 27 5.43 7.70 1.53
C ASN A 27 5.50 7.89 0.00
N ASP A 28 4.92 8.95 -0.51
CA ASP A 28 4.94 9.19 -1.98
C ASP A 28 6.21 9.99 -2.35
N ARG A 29 6.74 9.75 -3.53
CA ARG A 29 7.97 10.47 -3.97
C ARG A 29 7.67 11.97 -4.14
N LEU A 30 6.49 12.31 -4.63
CA LEU A 30 6.13 13.75 -4.82
C LEU A 30 6.14 14.46 -3.45
N GLY A 31 5.50 13.88 -2.46
CA GLY A 31 5.48 14.50 -1.10
C GLY A 31 4.14 14.21 -0.42
N LYS A 32 3.82 12.97 -0.19
CA LYS A 32 2.54 12.61 0.48
C LYS A 32 2.77 11.43 1.43
N LYS A 33 2.89 11.70 2.71
CA LYS A 33 3.11 10.61 3.71
C LYS A 33 1.80 10.36 4.47
N VAL A 34 1.26 9.17 4.37
CA VAL A 34 -0.04 8.84 5.07
C VAL A 34 0.06 7.45 5.72
N ARG A 35 -0.94 7.08 6.50
CA ARG A 35 -0.93 5.75 7.18
C ARG A 35 -2.22 4.98 6.88
N VAL A 36 -2.12 3.71 6.57
CA VAL A 36 -3.33 2.89 6.25
C VAL A 36 -3.19 1.52 6.93
N LYS A 37 -4.24 1.05 7.57
CA LYS A 37 -4.18 -0.28 8.26
C LYS A 37 -4.92 -1.35 7.42
N CYS A 38 -4.32 -2.50 7.28
CA CYS A 38 -4.97 -3.60 6.48
C CYS A 38 -4.50 -4.97 7.01
N LEU A 39 -5.25 -6.02 6.77
CA LEU A 39 -4.84 -7.37 7.25
C LEU A 39 -3.78 -7.96 6.32
N ALA A 40 -2.89 -8.76 6.84
CA ALA A 40 -1.82 -9.39 5.99
C ALA A 40 -2.48 -10.34 4.98
N GLU A 41 -3.68 -10.81 5.27
CA GLU A 41 -4.39 -11.74 4.34
C GLU A 41 -5.07 -10.92 3.22
N ASP A 42 -5.31 -9.65 3.44
CA ASP A 42 -5.96 -8.82 2.39
C ASP A 42 -5.05 -8.69 1.17
N SER A 43 -5.63 -8.58 -0.01
CA SER A 43 -4.81 -8.48 -1.26
C SER A 43 -4.32 -7.03 -1.45
N VAL A 44 -3.33 -6.85 -2.29
CA VAL A 44 -2.80 -5.47 -2.55
C VAL A 44 -3.93 -4.60 -3.14
N GLY A 45 -4.81 -5.20 -3.92
CA GLY A 45 -5.95 -4.43 -4.51
C GLY A 45 -6.79 -3.83 -3.38
N ASP A 46 -7.10 -4.62 -2.38
CA ASP A 46 -7.89 -4.11 -1.22
C ASP A 46 -7.07 -3.05 -0.48
N PHE A 47 -5.77 -3.27 -0.37
CA PHE A 47 -4.87 -2.28 0.32
C PHE A 47 -4.94 -0.93 -0.42
N LYS A 48 -4.95 -0.97 -1.74
CA LYS A 48 -5.02 0.30 -2.53
C LYS A 48 -6.42 0.93 -2.37
N LYS A 49 -7.43 0.12 -2.15
CA LYS A 49 -8.82 0.66 -1.98
C LYS A 49 -8.91 1.43 -0.65
N VAL A 50 -8.33 0.89 0.41
CA VAL A 50 -8.37 1.58 1.73
C VAL A 50 -7.42 2.79 1.69
N LEU A 51 -6.33 2.68 0.96
CA LEU A 51 -5.36 3.82 0.87
C LEU A 51 -5.95 4.93 0.00
N SER A 52 -6.55 4.59 -1.12
CA SER A 52 -7.15 5.62 -2.03
C SER A 52 -8.16 6.50 -1.28
N LEU A 53 -8.67 6.05 -0.15
CA LEU A 53 -9.65 6.88 0.62
C LEU A 53 -8.96 8.08 1.27
N GLN A 54 -7.78 7.89 1.83
CA GLN A 54 -7.06 9.02 2.50
C GLN A 54 -6.30 9.88 1.47
N ILE A 55 -5.75 9.28 0.44
CA ILE A 55 -4.98 10.08 -0.58
C ILE A 55 -5.93 10.58 -1.69
N GLY A 56 -7.05 9.93 -1.89
CA GLY A 56 -8.00 10.36 -2.97
C GLY A 56 -7.32 10.15 -4.32
N THR A 57 -6.69 9.01 -4.50
CA THR A 57 -5.97 8.72 -5.78
C THR A 57 -6.59 7.49 -6.47
N GLN A 58 -7.62 6.90 -5.90
CA GLN A 58 -8.28 5.69 -6.51
C GLN A 58 -7.31 4.49 -6.49
N PRO A 59 -7.87 3.30 -6.47
CA PRO A 59 -7.08 2.06 -6.46
C PRO A 59 -6.47 1.76 -7.84
N ASN A 60 -6.83 2.53 -8.85
CA ASN A 60 -6.27 2.30 -10.22
C ASN A 60 -5.05 3.22 -10.46
N LYS A 61 -4.91 4.28 -9.70
CA LYS A 61 -3.75 5.20 -9.89
C LYS A 61 -2.75 5.07 -8.72
N ILE A 62 -2.87 4.04 -7.91
CA ILE A 62 -1.92 3.87 -6.77
C ILE A 62 -0.95 2.73 -7.06
N VAL A 63 0.32 2.97 -6.87
CA VAL A 63 1.36 1.92 -7.10
C VAL A 63 2.20 1.80 -5.83
N LEU A 64 2.02 0.74 -5.08
CA LEU A 64 2.78 0.57 -3.80
C LEU A 64 3.99 -0.35 -4.01
N GLN A 65 5.04 -0.15 -3.26
CA GLN A 65 6.26 -1.01 -3.39
C GLN A 65 6.77 -1.41 -2.00
N LYS A 66 7.05 -2.68 -1.81
CA LYS A 66 7.55 -3.15 -0.48
C LYS A 66 9.09 -3.20 -0.51
N GLY A 67 9.74 -2.10 -0.16
CA GLY A 67 11.23 -2.07 -0.16
C GLY A 67 11.74 -2.01 -1.60
N GLY A 68 11.93 -3.16 -2.22
CA GLY A 68 12.42 -3.20 -3.63
C GLY A 68 11.56 -4.15 -4.45
N SER A 69 10.25 -4.04 -4.33
CA SER A 69 9.33 -4.93 -5.09
C SER A 69 8.01 -4.22 -5.36
N VAL A 70 7.48 -4.34 -6.56
CA VAL A 70 6.19 -3.67 -6.89
C VAL A 70 5.03 -4.54 -6.40
N LEU A 71 4.11 -3.94 -5.67
CA LEU A 71 2.94 -4.71 -5.14
C LEU A 71 1.82 -4.70 -6.18
N LYS A 72 1.24 -5.84 -6.46
CA LYS A 72 0.15 -5.93 -7.47
C LYS A 72 -1.13 -6.47 -6.82
N ASP A 73 -2.27 -6.00 -7.24
CA ASP A 73 -3.57 -6.47 -6.66
C ASP A 73 -3.73 -7.99 -6.88
N HIS A 74 -3.11 -8.52 -7.91
CA HIS A 74 -3.21 -9.99 -8.19
C HIS A 74 -2.49 -10.79 -7.09
N ILE A 75 -1.63 -10.17 -6.32
CA ILE A 75 -0.90 -10.91 -5.24
C ILE A 75 -1.41 -10.44 -3.88
N SER A 76 -1.39 -11.31 -2.89
CA SER A 76 -1.88 -10.92 -1.53
C SER A 76 -0.73 -10.30 -0.71
N LEU A 77 -1.08 -9.48 0.26
CA LEU A 77 -0.03 -8.84 1.11
C LEU A 77 0.81 -9.91 1.82
N GLU A 78 0.19 -11.02 2.17
CA GLU A 78 0.94 -12.12 2.86
C GLU A 78 2.08 -12.62 1.95
N ASP A 79 1.85 -12.68 0.66
CA ASP A 79 2.93 -13.15 -0.28
C ASP A 79 4.10 -12.17 -0.24
N TYR A 80 3.82 -10.87 -0.24
CA TYR A 80 4.92 -9.86 -0.18
C TYR A 80 5.54 -9.81 1.22
N GLU A 81 4.87 -10.37 2.21
CA GLU A 81 5.41 -10.37 3.61
C GLU A 81 5.39 -8.95 4.18
N VAL A 82 4.21 -8.41 4.40
CA VAL A 82 4.09 -7.03 4.96
C VAL A 82 4.22 -7.11 6.49
N HIS A 83 4.88 -6.14 7.10
CA HIS A 83 5.06 -6.17 8.58
C HIS A 83 4.30 -5.00 9.24
N ASP A 84 4.05 -5.09 10.52
CA ASP A 84 3.32 -3.99 11.22
C ASP A 84 4.25 -2.77 11.35
N GLN A 85 3.72 -1.60 11.04
CA GLN A 85 4.53 -0.34 11.13
C GLN A 85 5.69 -0.41 10.11
N THR A 86 5.47 -1.02 8.97
CA THR A 86 6.54 -1.11 7.94
C THR A 86 6.50 0.14 7.03
N ASN A 87 7.58 0.43 6.34
CA ASN A 87 7.61 1.62 5.46
C ASN A 87 7.38 1.19 4.00
N LEU A 88 6.27 1.60 3.42
CA LEU A 88 5.97 1.22 2.01
C LEU A 88 6.17 2.44 1.10
N GLU A 89 6.41 2.21 -0.17
CA GLU A 89 6.60 3.34 -1.12
C GLU A 89 5.29 3.60 -1.86
N LEU A 90 4.98 4.85 -2.10
CA LEU A 90 3.71 5.20 -2.81
C LEU A 90 4.06 5.86 -4.15
N TYR A 91 3.41 5.43 -5.20
CA TYR A 91 3.69 6.00 -6.55
C TYR A 91 2.37 6.28 -7.26
N TYR A 92 2.27 7.38 -7.97
CA TYR A 92 1.00 7.71 -8.68
C TYR A 92 1.16 7.39 -10.17
N LEU A 93 0.26 6.58 -10.71
CA LEU A 93 0.33 6.20 -12.16
C LEU A 93 1.49 5.21 -12.39
N MET A 21 -5.38 -6.55 12.13
CA MET A 21 -5.15 -5.35 11.27
C MET A 21 -3.87 -4.64 11.72
N ILE A 22 -3.04 -4.26 10.78
CA ILE A 22 -1.77 -3.56 11.14
C ILE A 22 -1.76 -2.15 10.56
N GLU A 23 -0.92 -1.28 11.09
CA GLU A 23 -0.84 0.12 10.58
C GLU A 23 0.46 0.29 9.80
N VAL A 24 0.40 0.82 8.61
CA VAL A 24 1.65 1.00 7.79
C VAL A 24 1.67 2.40 7.16
N VAL A 25 2.83 2.84 6.74
CA VAL A 25 2.95 4.19 6.10
C VAL A 25 3.42 4.02 4.65
N VAL A 26 2.94 4.87 3.76
CA VAL A 26 3.35 4.78 2.33
C VAL A 26 3.90 6.14 1.88
N ASN A 27 5.17 6.20 1.56
CA ASN A 27 5.78 7.50 1.12
C ASN A 27 5.85 7.54 -0.41
N ASP A 28 5.37 8.61 -1.00
CA ASP A 28 5.40 8.73 -2.49
C ASP A 28 6.84 8.92 -2.96
N ARG A 29 7.61 9.75 -2.27
CA ARG A 29 9.02 9.98 -2.67
C ARG A 29 9.84 10.41 -1.43
N LEU A 30 9.52 11.53 -0.85
CA LEU A 30 10.25 12.00 0.37
C LEU A 30 9.46 13.14 1.04
N GLY A 31 8.96 12.91 2.22
CA GLY A 31 8.17 13.96 2.94
C GLY A 31 6.68 13.60 2.94
N LYS A 32 6.10 13.47 1.76
CA LYS A 32 4.64 13.12 1.69
C LYS A 32 4.45 11.61 1.99
N LYS A 33 3.61 11.30 2.95
CA LYS A 33 3.35 9.87 3.31
C LYS A 33 1.88 9.67 3.70
N VAL A 34 1.37 8.47 3.55
CA VAL A 34 -0.06 8.19 3.90
C VAL A 34 -0.16 7.03 4.91
N ARG A 35 -0.97 7.17 5.92
CA ARG A 35 -1.14 6.10 6.93
C ARG A 35 -2.41 5.28 6.61
N VAL A 36 -2.27 3.99 6.42
CA VAL A 36 -3.45 3.13 6.11
C VAL A 36 -3.33 1.80 6.86
N LYS A 37 -4.43 1.32 7.43
CA LYS A 37 -4.38 0.04 8.18
C LYS A 37 -5.01 -1.10 7.35
N CYS A 38 -4.41 -2.27 7.39
CA CYS A 38 -4.95 -3.43 6.62
C CYS A 38 -4.44 -4.74 7.25
N LEU A 39 -5.19 -5.82 7.10
CA LEU A 39 -4.75 -7.13 7.68
C LEU A 39 -3.71 -7.77 6.74
N ALA A 40 -2.79 -8.52 7.29
CA ALA A 40 -1.74 -9.18 6.45
C ALA A 40 -2.38 -10.19 5.49
N GLU A 41 -3.56 -10.66 5.79
CA GLU A 41 -4.25 -11.65 4.90
C GLU A 41 -4.89 -10.91 3.72
N ASP A 42 -5.17 -9.64 3.86
CA ASP A 42 -5.79 -8.87 2.74
C ASP A 42 -4.82 -8.81 1.55
N SER A 43 -5.33 -8.63 0.36
CA SER A 43 -4.45 -8.57 -0.84
C SER A 43 -4.05 -7.13 -1.15
N VAL A 44 -3.09 -6.95 -2.04
CA VAL A 44 -2.64 -5.57 -2.41
C VAL A 44 -3.84 -4.78 -2.95
N GLY A 45 -4.72 -5.44 -3.66
CA GLY A 45 -5.94 -4.75 -4.21
C GLY A 45 -6.72 -4.14 -3.04
N ASP A 46 -6.99 -4.92 -2.01
CA ASP A 46 -7.73 -4.39 -0.82
C ASP A 46 -6.90 -3.28 -0.17
N PHE A 47 -5.59 -3.45 -0.14
CA PHE A 47 -4.70 -2.42 0.47
C PHE A 47 -4.88 -1.09 -0.28
N LYS A 48 -4.87 -1.13 -1.60
CA LYS A 48 -5.05 0.11 -2.41
C LYS A 48 -6.49 0.61 -2.28
N LYS A 49 -7.44 -0.29 -2.11
CA LYS A 49 -8.87 0.13 -1.97
C LYS A 49 -9.04 0.96 -0.69
N VAL A 50 -8.40 0.57 0.38
CA VAL A 50 -8.51 1.35 1.66
C VAL A 50 -7.79 2.70 1.50
N LEU A 51 -6.68 2.72 0.78
CA LEU A 51 -5.94 3.99 0.58
C LEU A 51 -6.75 4.93 -0.34
N SER A 52 -7.19 4.43 -1.48
CA SER A 52 -7.98 5.28 -2.43
C SER A 52 -9.17 5.97 -1.72
N LEU A 53 -9.61 5.45 -0.60
CA LEU A 53 -10.76 6.09 0.11
C LEU A 53 -10.29 7.37 0.82
N GLN A 54 -9.14 7.35 1.46
CA GLN A 54 -8.64 8.56 2.19
C GLN A 54 -7.93 9.54 1.22
N ILE A 55 -7.23 9.04 0.22
CA ILE A 55 -6.52 9.96 -0.74
C ILE A 55 -7.42 10.30 -1.94
N GLY A 56 -8.33 9.40 -2.29
CA GLY A 56 -9.22 9.67 -3.46
C GLY A 56 -8.40 9.52 -4.75
N THR A 57 -7.56 8.52 -4.81
CA THR A 57 -6.72 8.31 -6.03
C THR A 57 -7.16 7.03 -6.77
N GLN A 58 -8.06 6.27 -6.18
CA GLN A 58 -8.55 5.01 -6.84
C GLN A 58 -7.40 3.98 -6.92
N PRO A 59 -7.75 2.72 -7.01
CA PRO A 59 -6.76 1.63 -7.11
C PRO A 59 -6.13 1.59 -8.51
N ASN A 60 -6.75 2.23 -9.47
CA ASN A 60 -6.20 2.25 -10.86
C ASN A 60 -5.12 3.34 -10.99
N LYS A 61 -5.15 4.36 -10.14
CA LYS A 61 -4.11 5.44 -10.23
C LYS A 61 -3.11 5.32 -9.06
N ILE A 62 -3.23 4.30 -8.24
CA ILE A 62 -2.28 4.14 -7.09
C ILE A 62 -1.28 3.02 -7.40
N VAL A 63 -0.01 3.29 -7.19
CA VAL A 63 1.05 2.27 -7.45
C VAL A 63 1.86 2.06 -6.16
N LEU A 64 1.73 0.93 -5.52
CA LEU A 64 2.48 0.67 -4.25
C LEU A 64 3.74 -0.16 -4.54
N GLN A 65 4.77 0.02 -3.75
CA GLN A 65 6.03 -0.75 -3.95
C GLN A 65 6.58 -1.21 -2.58
N LYS A 66 7.17 -2.39 -2.53
CA LYS A 66 7.73 -2.89 -1.23
C LYS A 66 9.18 -2.42 -1.08
N GLY A 67 10.04 -2.84 -1.98
CA GLY A 67 11.48 -2.42 -1.90
C GLY A 67 12.08 -2.46 -3.31
N GLY A 68 11.62 -1.58 -4.19
CA GLY A 68 12.14 -1.55 -5.58
C GLY A 68 11.27 -2.45 -6.49
N SER A 69 10.17 -2.95 -5.98
CA SER A 69 9.28 -3.81 -6.80
C SER A 69 7.83 -3.35 -6.63
N VAL A 70 7.05 -3.37 -7.69
CA VAL A 70 5.63 -2.92 -7.60
C VAL A 70 4.76 -4.03 -6.99
N LEU A 71 3.79 -3.67 -6.19
CA LEU A 71 2.91 -4.69 -5.55
C LEU A 71 1.67 -4.91 -6.43
N LYS A 72 1.45 -6.12 -6.86
CA LYS A 72 0.27 -6.42 -7.74
C LYS A 72 -0.97 -6.73 -6.86
N ASP A 73 -2.12 -6.26 -7.28
CA ASP A 73 -3.37 -6.51 -6.50
C ASP A 73 -3.65 -8.02 -6.41
N HIS A 74 -3.19 -8.80 -7.37
CA HIS A 74 -3.41 -10.27 -7.34
C HIS A 74 -2.58 -10.92 -6.21
N ILE A 75 -1.53 -10.28 -5.78
CA ILE A 75 -0.66 -10.86 -4.70
C ILE A 75 -1.23 -10.47 -3.33
N SER A 76 -1.08 -11.33 -2.35
CA SER A 76 -1.59 -11.04 -0.98
C SER A 76 -0.53 -10.26 -0.19
N LEU A 77 -0.95 -9.44 0.75
CA LEU A 77 0.03 -8.66 1.57
C LEU A 77 0.96 -9.62 2.31
N GLU A 78 0.46 -10.75 2.75
CA GLU A 78 1.31 -11.75 3.47
C GLU A 78 2.39 -12.27 2.52
N ASP A 79 2.08 -12.42 1.25
CA ASP A 79 3.10 -12.92 0.27
C ASP A 79 4.23 -11.89 0.14
N TYR A 80 3.89 -10.63 0.02
CA TYR A 80 4.93 -9.57 -0.09
C TYR A 80 5.65 -9.37 1.25
N GLU A 81 5.07 -9.88 2.33
CA GLU A 81 5.71 -9.75 3.68
C GLU A 81 5.51 -8.32 4.21
N VAL A 82 4.29 -7.98 4.56
CA VAL A 82 4.00 -6.62 5.09
C VAL A 82 3.94 -6.69 6.62
N HIS A 83 4.89 -6.08 7.29
CA HIS A 83 4.91 -6.12 8.79
C HIS A 83 4.22 -4.89 9.37
N ASP A 84 3.95 -4.90 10.66
CA ASP A 84 3.27 -3.74 11.31
C ASP A 84 4.23 -2.54 11.36
N GLN A 85 3.73 -1.36 11.07
CA GLN A 85 4.58 -0.13 11.08
C GLN A 85 5.69 -0.25 10.03
N THR A 86 5.41 -0.90 8.92
CA THR A 86 6.43 -1.06 7.84
C THR A 86 6.38 0.15 6.89
N ASN A 87 7.46 0.43 6.20
CA ASN A 87 7.48 1.59 5.26
C ASN A 87 7.23 1.10 3.83
N LEU A 88 6.24 1.64 3.17
CA LEU A 88 5.93 1.23 1.77
C LEU A 88 6.14 2.41 0.82
N GLU A 89 6.18 2.15 -0.47
CA GLU A 89 6.39 3.25 -1.46
C GLU A 89 5.08 3.52 -2.22
N LEU A 90 4.82 4.76 -2.54
CA LEU A 90 3.55 5.12 -3.26
C LEU A 90 3.89 5.87 -4.55
N TYR A 91 3.06 5.72 -5.57
CA TYR A 91 3.31 6.43 -6.86
C TYR A 91 1.97 6.67 -7.56
N TYR A 92 1.82 7.78 -8.23
CA TYR A 92 0.53 8.07 -8.93
C TYR A 92 0.67 7.79 -10.43
N LEU A 93 0.10 6.70 -10.88
CA LEU A 93 0.18 6.35 -12.34
C LEU A 93 -1.15 5.73 -12.78
N MET A 21 -5.58 -6.91 11.93
CA MET A 21 -5.37 -5.68 11.13
C MET A 21 -4.08 -4.97 11.60
N ILE A 22 -3.27 -4.53 10.66
CA ILE A 22 -2.00 -3.84 11.03
C ILE A 22 -2.03 -2.38 10.51
N GLU A 23 -1.18 -1.55 11.04
CA GLU A 23 -1.14 -0.12 10.58
C GLU A 23 0.20 0.15 9.89
N VAL A 24 0.17 0.27 8.58
CA VAL A 24 1.44 0.53 7.81
C VAL A 24 1.42 1.96 7.26
N VAL A 25 2.55 2.46 6.82
CA VAL A 25 2.60 3.84 6.27
C VAL A 25 3.22 3.82 4.86
N VAL A 26 2.77 4.71 3.99
CA VAL A 26 3.31 4.75 2.61
C VAL A 26 3.85 6.15 2.30
N ASN A 27 4.99 6.22 1.64
CA ASN A 27 5.59 7.55 1.29
C ASN A 27 5.85 7.62 -0.22
N ASP A 28 5.57 8.74 -0.84
CA ASP A 28 5.78 8.88 -2.31
C ASP A 28 7.27 9.11 -2.61
N ARG A 29 7.75 10.32 -2.45
CA ARG A 29 9.19 10.61 -2.73
C ARG A 29 9.51 12.07 -2.41
N LEU A 30 8.79 13.00 -2.99
CA LEU A 30 9.07 14.45 -2.72
C LEU A 30 8.74 14.77 -1.25
N GLY A 31 7.49 14.61 -0.87
CA GLY A 31 7.09 14.89 0.56
C GLY A 31 5.64 14.48 0.78
N LYS A 32 5.31 13.24 0.49
CA LYS A 32 3.91 12.77 0.68
C LYS A 32 3.91 11.52 1.59
N LYS A 33 3.47 11.66 2.81
CA LYS A 33 3.45 10.50 3.75
C LYS A 33 2.00 10.23 4.21
N VAL A 34 1.48 9.06 3.89
CA VAL A 34 0.07 8.73 4.29
C VAL A 34 0.06 7.41 5.09
N ARG A 35 -0.91 7.23 5.96
CA ARG A 35 -0.99 5.97 6.76
C ARG A 35 -2.23 5.17 6.32
N VAL A 36 -2.17 3.86 6.45
CA VAL A 36 -3.33 3.01 6.04
C VAL A 36 -3.32 1.70 6.84
N LYS A 37 -4.47 1.25 7.28
CA LYS A 37 -4.55 -0.02 8.07
C LYS A 37 -5.18 -1.14 7.22
N CYS A 38 -4.59 -2.31 7.24
CA CYS A 38 -5.12 -3.47 6.46
C CYS A 38 -4.62 -4.79 7.05
N LEU A 39 -5.28 -5.88 6.79
CA LEU A 39 -4.83 -7.19 7.34
C LEU A 39 -3.73 -7.78 6.45
N ALA A 40 -2.79 -8.48 7.03
CA ALA A 40 -1.68 -9.10 6.24
C ALA A 40 -2.25 -10.17 5.28
N GLU A 41 -3.42 -10.69 5.58
CA GLU A 41 -4.04 -11.73 4.69
C GLU A 41 -4.72 -11.04 3.50
N ASP A 42 -5.04 -9.77 3.61
CA ASP A 42 -5.69 -9.05 2.47
C ASP A 42 -4.71 -8.93 1.30
N SER A 43 -5.22 -8.70 0.11
CA SER A 43 -4.33 -8.57 -1.08
C SER A 43 -3.95 -7.11 -1.31
N VAL A 44 -3.03 -6.87 -2.22
CA VAL A 44 -2.60 -5.47 -2.54
C VAL A 44 -3.82 -4.68 -3.03
N GLY A 45 -4.73 -5.33 -3.71
CA GLY A 45 -5.97 -4.63 -4.21
C GLY A 45 -6.70 -4.01 -3.02
N ASP A 46 -6.83 -4.75 -1.93
CA ASP A 46 -7.52 -4.20 -0.72
C ASP A 46 -6.68 -3.05 -0.16
N PHE A 47 -5.37 -3.17 -0.22
CA PHE A 47 -4.46 -2.08 0.27
C PHE A 47 -4.76 -0.78 -0.48
N LYS A 48 -4.82 -0.86 -1.79
CA LYS A 48 -5.12 0.36 -2.62
C LYS A 48 -6.56 0.83 -2.36
N LYS A 49 -7.45 -0.08 -2.01
CA LYS A 49 -8.87 0.31 -1.75
C LYS A 49 -8.97 1.17 -0.47
N VAL A 50 -8.32 0.75 0.58
CA VAL A 50 -8.36 1.52 1.86
C VAL A 50 -7.51 2.79 1.72
N LEU A 51 -6.41 2.72 1.00
CA LEU A 51 -5.53 3.90 0.82
C LEU A 51 -6.22 4.93 -0.10
N SER A 52 -6.81 4.48 -1.19
CA SER A 52 -7.50 5.41 -2.14
C SER A 52 -8.57 6.25 -1.42
N LEU A 53 -9.13 5.76 -0.34
CA LEU A 53 -10.17 6.53 0.40
C LEU A 53 -9.52 7.73 1.11
N GLN A 54 -8.30 7.57 1.58
CA GLN A 54 -7.61 8.69 2.30
C GLN A 54 -6.97 9.66 1.28
N ILE A 55 -6.18 9.15 0.36
CA ILE A 55 -5.51 10.06 -0.64
C ILE A 55 -6.51 10.48 -1.73
N GLY A 56 -7.56 9.75 -1.94
CA GLY A 56 -8.55 10.11 -3.00
C GLY A 56 -7.90 9.91 -4.37
N THR A 57 -7.15 8.85 -4.52
CA THR A 57 -6.45 8.57 -5.82
C THR A 57 -7.04 7.32 -6.49
N GLN A 58 -8.02 6.69 -5.87
CA GLN A 58 -8.66 5.46 -6.45
C GLN A 58 -7.63 4.30 -6.48
N PRO A 59 -8.14 3.09 -6.44
CA PRO A 59 -7.29 1.87 -6.47
C PRO A 59 -6.68 1.63 -7.86
N ASN A 60 -7.25 2.24 -8.88
CA ASN A 60 -6.70 2.06 -10.26
C ASN A 60 -5.56 3.04 -10.52
N LYS A 61 -5.45 4.10 -9.74
CA LYS A 61 -4.35 5.09 -9.96
C LYS A 61 -3.31 5.02 -8.82
N ILE A 62 -3.36 4.01 -7.99
CA ILE A 62 -2.37 3.90 -6.87
C ILE A 62 -1.41 2.73 -7.13
N VAL A 63 -0.13 2.95 -6.90
CA VAL A 63 0.89 1.86 -7.13
C VAL A 63 1.70 1.68 -5.84
N LEU A 64 1.71 0.49 -5.29
CA LEU A 64 2.48 0.24 -4.03
C LEU A 64 3.81 -0.45 -4.35
N GLN A 65 4.86 -0.08 -3.65
CA GLN A 65 6.20 -0.70 -3.92
C GLN A 65 6.84 -1.13 -2.59
N LYS A 66 7.27 -2.36 -2.49
CA LYS A 66 7.91 -2.85 -1.23
C LYS A 66 9.44 -2.75 -1.38
N GLY A 67 10.00 -1.59 -1.07
CA GLY A 67 11.48 -1.41 -1.17
C GLY A 67 11.86 -1.24 -2.65
N GLY A 68 12.06 -2.33 -3.35
CA GLY A 68 12.42 -2.25 -4.80
C GLY A 68 11.60 -3.28 -5.59
N SER A 69 10.31 -3.31 -5.37
CA SER A 69 9.43 -4.29 -6.10
C SER A 69 8.01 -3.71 -6.22
N VAL A 70 7.38 -3.92 -7.35
CA VAL A 70 5.99 -3.39 -7.54
C VAL A 70 4.99 -4.41 -6.98
N LEU A 71 4.08 -3.95 -6.15
CA LEU A 71 3.05 -4.88 -5.56
C LEU A 71 1.81 -4.91 -6.45
N LYS A 72 1.33 -6.10 -6.76
CA LYS A 72 0.13 -6.22 -7.64
C LYS A 72 -1.07 -6.71 -6.82
N ASP A 73 -2.25 -6.28 -7.17
CA ASP A 73 -3.49 -6.71 -6.45
C ASP A 73 -3.67 -8.23 -6.56
N HIS A 74 -3.15 -8.83 -7.61
CA HIS A 74 -3.28 -10.31 -7.80
C HIS A 74 -2.48 -11.08 -6.74
N ILE A 75 -1.58 -10.41 -6.04
CA ILE A 75 -0.76 -11.11 -4.99
C ILE A 75 -1.23 -10.66 -3.60
N SER A 76 -1.22 -11.56 -2.64
CA SER A 76 -1.66 -11.22 -1.27
C SER A 76 -0.55 -10.44 -0.53
N LEU A 77 -0.93 -9.62 0.43
CA LEU A 77 0.08 -8.84 1.21
C LEU A 77 1.01 -9.80 1.95
N GLU A 78 0.47 -10.91 2.44
CA GLU A 78 1.30 -11.92 3.18
C GLU A 78 2.42 -12.44 2.25
N ASP A 79 2.14 -12.54 0.96
CA ASP A 79 3.19 -13.02 0.01
C ASP A 79 4.35 -12.03 -0.02
N TYR A 80 4.06 -10.75 -0.08
CA TYR A 80 5.13 -9.71 -0.10
C TYR A 80 5.76 -9.60 1.30
N GLU A 81 5.10 -10.10 2.32
CA GLU A 81 5.62 -10.06 3.72
C GLU A 81 5.45 -8.63 4.28
N VAL A 82 4.22 -8.19 4.43
CA VAL A 82 3.96 -6.83 4.98
C VAL A 82 3.78 -6.94 6.50
N HIS A 83 4.65 -6.31 7.26
CA HIS A 83 4.54 -6.37 8.75
C HIS A 83 3.83 -5.12 9.29
N ASP A 84 3.47 -5.14 10.55
CA ASP A 84 2.76 -3.97 11.16
C ASP A 84 3.74 -2.80 11.31
N GLN A 85 3.27 -1.59 11.06
CA GLN A 85 4.15 -0.39 11.17
C GLN A 85 5.32 -0.49 10.17
N THR A 86 5.08 -1.10 9.03
CA THR A 86 6.16 -1.24 8.01
C THR A 86 6.16 -0.01 7.08
N ASN A 87 7.26 0.24 6.42
CA ASN A 87 7.34 1.41 5.50
C ASN A 87 7.14 0.95 4.05
N LEU A 88 6.12 1.45 3.39
CA LEU A 88 5.85 1.05 1.99
C LEU A 88 6.03 2.27 1.06
N GLU A 89 6.17 2.04 -0.22
CA GLU A 89 6.35 3.17 -1.18
C GLU A 89 5.03 3.42 -1.92
N LEU A 90 4.69 4.68 -2.12
CA LEU A 90 3.41 5.02 -2.83
C LEU A 90 3.73 5.72 -4.16
N TYR A 91 3.11 5.29 -5.23
CA TYR A 91 3.34 5.92 -6.56
C TYR A 91 2.00 6.17 -7.25
N TYR A 92 1.93 7.18 -8.09
CA TYR A 92 0.65 7.47 -8.80
C TYR A 92 0.78 7.15 -10.28
N LEU A 93 -0.04 6.26 -10.78
CA LEU A 93 0.03 5.88 -12.22
C LEU A 93 -1.39 5.67 -12.76
#